data_8A64
#
_entry.id   8A64
#
_cell.length_a   1.00
_cell.length_b   1.00
_cell.length_c   1.00
_cell.angle_alpha   90.00
_cell.angle_beta   90.00
_cell.angle_gamma   90.00
#
_symmetry.space_group_name_H-M   'P 1'
#
loop_
_entity.id
_entity.type
_entity.pdbx_description
1 polymer 'Endo-beta-N-acetylglucosaminidase F2'
2 polymer 'Immunoglobulin gamma-1 heavy chain'
3 branched beta-D-mannopyranose-(1-4)-2-acetamido-2-deoxy-beta-D-glucopyranose-(1-4)-2-acetamido-2-deoxy-beta-D-glucopyranose
#
loop_
_entity_poly.entity_id
_entity_poly.type
_entity_poly.pdbx_seq_one_letter_code
_entity_poly.pdbx_strand_id
1 'polypeptide(L)'
;EEKTVQVQKGLPSIDSLHYLSENSKKEFKEELSKAGQESQKVKEILAKAQQADKQAQELAKMKIPEKIPMKPLHGPLYGG
YFRTWHDKTSDPTEKDKVNSMGELPKEVDLAFIFHDWTKDYSLFWKELATKHVPKLNKQGTRVIRTIPWRFLAGGDNSGI
AEDTSKYPNTPEGNKALAKAIVDEYVYKYNLDGLDVDVAHDSIPKVDKKEDTAGVERSIQVFEEIGKLIGPKGVDKSRLF
IMDSTYMADKNPLIERGAPYINLLLVQVYGSQGEKGGWEPVSNRPEKTMEERWQGYSKYIRPEQYMIGFSFYEENAQEGN
LWYDINSRKDEDKANGINTDITGTRAERYARWQPKTGGVKGGIFSYAIDRDGVAHQPKKYAKQKEFKDATDNIFHSDYSV
SKALKTVMLKDKSYDLIDEKDFPDKALREAVMAQVGTRKGDLERFNGTLRLDNPAIQSLEGLNKFKKLAQLDLIGLSRIT
KLDRSVLPANMKPGKDTLETVLETYKKDNKEEPATIPPVSLKVSGLTGLKELDLSGFDRETLAGLDAATLTSLEKVDISG
NKLDLAPGTENRQIFDTMLSTISNHVGSNEQTVKFDKQKPTGHYPDTYGKTSLRLPVANEKVDLQSQLLFGTVTNQGTLI
NSEADYKAYQNHKIAGRSFVDSNYHYNNFKVSYENYTVKVTDSTLGTTTDKTLATDKEETYKVDFFSPADKTKAVHTAKV
IVGDEKTMMVNLAEGATVIGGSADPVNARKVFDGQLGSETDNISLGWDSKQSIIFKLKEDGLIKHWRFFNDSARNPETTN
KPIQEASLQIFNIKDYNLDNLLENPNKFDDEKYWITVDTYSAQGERATAFSNTLNNITSKYWRVVFDTKGDRYSSPVVPE
LQILGYPLPNADTIMKTVTTAKELSQQKDKFSQKMLDELKIKEMALETSLNSKIFDVTAINANAGVLKDCIEKRQLLKKL
;
A
2 'polypeptide(L)'
;QVQLVQSGGGVVQPGRSLRLSCAASGFTFSRYTIHWVRQAPGKGLEWVAVMSYNGNNKHYADSVNGRFTISRNDSKNTLY
LNMNSLRPEDTAVYYCARIRDTAMFFAHWGQGTLVTVSSASTKGPSVFPLAPSSKSTSGGTAALGCLVKDYFPEPVTVSW
NSGALTSGVHTFPAVLQSSGLYSLSSVVTVPSSSLGTQTYICNVNHKPSNTKVDKKVEPKSCDKTHTCPPCPAPELLGGP
SVFLFPPKPKDTLMISRTPEVTCVVVDVSHEDPEVKFNWYVDGVEVHNAKTKPREEQYNSTYRVVSVLTVLHQDWLNGKE
YKCKVSNKALPAPIEKTISKAKGQPREPQVYTLPPSRDELTKNQVSLTCLVKGFYPSDIAVEWESNGQPENNYKTTPPVL
DSDGSFFLYSKLTVDKSRWQQGNVFSCSVMHEALHNHYTQKSLSLSPGK
;
B,C
#
loop_
_chem_comp.id
_chem_comp.type
_chem_comp.name
_chem_comp.formula
BMA D-saccharide, beta linking beta-D-mannopyranose 'C6 H12 O6'
NAG D-saccharide, beta linking 2-acetamido-2-deoxy-beta-D-glucopyranose 'C8 H15 N O6'
#
# COMPACT_ATOMS: atom_id res chain seq x y z
N PRO A 12 39.03 41.64 2.33
CA PRO A 12 38.12 41.30 3.44
C PRO A 12 37.80 39.80 3.52
N SER A 13 38.68 39.03 4.16
CA SER A 13 38.49 37.60 4.23
C SER A 13 37.23 37.26 5.02
N ILE A 14 36.68 36.06 4.73
CA ILE A 14 35.45 35.63 5.39
C ILE A 14 35.74 35.05 6.77
N ASP A 15 36.99 34.69 7.06
CA ASP A 15 37.35 34.18 8.37
C ASP A 15 37.44 35.28 9.42
N SER A 16 37.55 36.55 9.02
CA SER A 16 37.74 37.67 9.93
C SER A 16 36.48 38.51 10.10
N LEU A 17 35.31 37.94 9.90
CA LEU A 17 34.07 38.73 9.99
C LEU A 17 33.48 38.78 11.39
N HIS A 18 33.89 37.90 12.28
CA HIS A 18 33.49 37.97 13.69
C HIS A 18 32.02 37.61 13.92
N TYR A 19 31.12 38.41 13.37
CA TYR A 19 29.72 38.36 13.72
C TYR A 19 28.90 37.40 12.87
N LEU A 20 29.44 36.91 11.76
CA LEU A 20 28.72 35.95 10.94
C LEU A 20 28.76 34.57 11.57
N SER A 21 27.60 33.89 11.52
CA SER A 21 27.52 32.55 12.07
C SER A 21 28.38 31.57 11.26
N GLU A 22 28.98 30.60 11.97
CA GLU A 22 29.89 29.69 11.30
C GLU A 22 29.24 29.02 10.10
N ASN A 23 27.94 28.75 10.16
CA ASN A 23 27.20 28.23 9.02
C ASN A 23 27.25 29.17 7.84
N SER A 24 26.76 30.42 8.02
CA SER A 24 26.81 31.40 6.95
C SER A 24 28.21 31.55 6.38
N LYS A 25 29.23 31.42 7.24
CA LYS A 25 30.60 31.51 6.75
C LYS A 25 30.94 30.31 5.88
N LYS A 26 30.58 29.09 6.33
CA LYS A 26 30.78 27.90 5.51
C LYS A 26 30.11 28.07 4.16
N GLU A 27 28.97 28.79 4.13
CA GLU A 27 28.27 29.01 2.86
C GLU A 27 29.13 29.91 1.98
N PHE A 28 29.55 31.04 2.53
CA PHE A 28 30.28 32.02 1.74
C PHE A 28 31.61 31.44 1.23
N LYS A 29 32.16 30.44 1.91
CA LYS A 29 33.40 29.86 1.42
C LYS A 29 33.18 28.74 0.41
N GLU A 30 32.00 28.13 0.44
CA GLU A 30 31.65 27.23 -0.64
C GLU A 30 31.37 28.04 -1.90
N GLU A 31 30.69 29.19 -1.74
CA GLU A 31 30.52 30.11 -2.86
C GLU A 31 31.87 30.61 -3.35
N LEU A 32 32.88 30.63 -2.47
CA LEU A 32 34.24 30.95 -2.87
C LEU A 32 34.75 29.91 -3.86
N SER A 33 34.62 28.63 -3.50
CA SER A 33 35.19 27.58 -4.36
C SER A 33 34.70 27.69 -5.81
N LYS A 34 33.40 27.89 -6.01
CA LYS A 34 32.89 28.14 -7.34
C LYS A 34 33.45 29.45 -7.85
N ALA A 35 33.85 29.47 -9.12
CA ALA A 35 34.58 30.60 -9.67
C ALA A 35 35.76 30.97 -8.76
N GLY A 36 36.41 29.93 -8.21
CA GLY A 36 37.42 30.13 -7.19
C GLY A 36 38.49 31.16 -7.51
N GLN A 37 38.71 31.43 -8.80
CA GLN A 37 39.76 32.34 -9.23
C GLN A 37 39.27 33.41 -10.19
N GLU A 38 37.99 33.40 -10.56
CA GLU A 38 37.47 34.45 -11.42
C GLU A 38 37.71 35.82 -10.82
N SER A 39 38.37 36.71 -11.58
CA SER A 39 38.90 37.94 -11.02
C SER A 39 37.80 38.83 -10.44
N GLN A 40 36.61 38.82 -11.08
CA GLN A 40 35.57 39.77 -10.76
C GLN A 40 34.48 39.24 -9.82
N LYS A 41 34.33 37.92 -9.68
CA LYS A 41 33.30 37.39 -8.81
C LYS A 41 33.79 37.10 -7.39
N VAL A 42 35.09 36.88 -7.23
CA VAL A 42 35.69 36.78 -5.90
C VAL A 42 35.49 38.09 -5.17
N LYS A 43 35.17 39.16 -5.89
CA LYS A 43 34.88 40.44 -5.26
C LYS A 43 33.47 40.38 -4.66
N GLU A 44 32.46 40.15 -5.49
CA GLU A 44 31.09 40.27 -5.03
C GLU A 44 30.83 39.32 -3.88
N ILE A 45 31.46 38.13 -3.88
CA ILE A 45 31.17 37.18 -2.81
C ILE A 45 31.67 37.69 -1.48
N LEU A 46 32.87 38.29 -1.47
CA LEU A 46 33.39 38.88 -0.25
C LEU A 46 32.60 40.13 0.14
N ALA A 47 32.24 40.97 -0.84
CA ALA A 47 31.49 42.17 -0.52
C ALA A 47 30.12 41.85 0.05
N LYS A 48 29.58 40.67 -0.26
CA LYS A 48 28.27 40.31 0.30
C LYS A 48 28.42 39.55 1.61
N ALA A 49 29.44 38.71 1.74
CA ALA A 49 29.73 38.19 3.05
C ALA A 49 29.95 39.32 4.05
N GLN A 50 30.52 40.45 3.56
CA GLN A 50 30.70 41.60 4.41
C GLN A 50 29.38 42.28 4.77
N GLN A 51 28.62 42.66 3.76
CA GLN A 51 27.34 43.30 4.06
C GLN A 51 26.45 42.40 4.92
N ALA A 52 26.63 41.08 4.80
CA ALA A 52 25.92 40.16 5.68
C ALA A 52 26.49 40.22 7.09
N ASP A 53 27.78 40.53 7.26
CA ASP A 53 28.32 40.66 8.61
C ASP A 53 27.80 41.95 9.24
N LYS A 54 27.71 43.02 8.45
CA LYS A 54 27.09 44.23 8.96
C LYS A 54 25.67 43.99 9.44
N GLN A 55 24.90 43.21 8.67
CA GLN A 55 23.55 42.87 9.11
C GLN A 55 23.58 42.03 10.38
N ALA A 56 24.49 41.06 10.43
CA ALA A 56 24.55 40.18 11.59
C ALA A 56 24.82 40.96 12.85
N GLN A 57 25.70 41.97 12.78
CA GLN A 57 25.98 42.72 14.00
C GLN A 57 24.85 43.69 14.31
N GLU A 58 24.09 44.10 13.29
CA GLU A 58 22.87 44.86 13.57
C GLU A 58 21.86 43.97 14.25
N LEU A 59 21.96 42.66 14.02
CA LEU A 59 21.08 41.75 14.72
C LEU A 59 21.52 41.54 16.16
N ALA A 60 22.82 41.67 16.41
CA ALA A 60 23.33 41.52 17.77
C ALA A 60 23.06 42.74 18.65
N LYS A 61 22.90 43.94 18.08
CA LYS A 61 22.82 45.15 18.90
C LYS A 61 21.40 45.71 19.05
N MET A 62 20.43 45.11 18.37
CA MET A 62 19.05 45.56 18.52
C MET A 62 18.56 45.37 19.96
N LYS A 63 17.52 46.06 20.32
CA LYS A 63 16.88 45.94 21.63
C LYS A 63 15.57 45.18 21.46
N ILE A 64 15.62 43.85 21.60
CA ILE A 64 14.40 43.04 21.37
C ILE A 64 13.32 43.46 22.36
N PRO A 65 12.09 43.55 21.90
CA PRO A 65 11.03 43.96 22.80
C PRO A 65 10.85 42.90 23.87
N GLU A 66 10.65 43.33 25.12
CA GLU A 66 10.40 42.39 26.20
C GLU A 66 9.04 41.78 25.91
N LYS A 67 8.88 40.48 26.16
CA LYS A 67 7.59 39.87 25.85
C LYS A 67 6.62 40.06 27.01
N ILE A 68 5.63 40.91 26.79
CA ILE A 68 4.59 41.18 27.78
C ILE A 68 3.64 40.00 27.88
N PRO A 69 2.96 39.88 29.01
CA PRO A 69 2.02 38.77 29.19
C PRO A 69 0.92 38.86 28.14
N MET A 70 0.54 37.72 27.58
CA MET A 70 -0.47 37.69 26.54
C MET A 70 -1.74 37.04 27.07
N LYS A 71 -2.88 37.70 26.89
CA LYS A 71 -4.12 37.14 27.38
C LYS A 71 -4.28 35.67 26.98
N PRO A 72 -4.82 34.83 27.85
CA PRO A 72 -5.00 33.44 27.47
C PRO A 72 -5.84 33.31 26.21
N LEU A 73 -5.45 32.40 25.34
CA LEU A 73 -6.24 32.07 24.15
C LEU A 73 -7.53 31.38 24.57
N HIS A 74 -8.65 32.03 24.28
CA HIS A 74 -9.96 31.51 24.65
C HIS A 74 -10.94 31.77 23.51
N GLY A 75 -11.80 30.77 23.27
CA GLY A 75 -12.74 30.79 22.19
C GLY A 75 -12.14 30.25 20.92
N PRO A 76 -12.97 30.07 19.91
CA PRO A 76 -12.46 29.61 18.62
C PRO A 76 -11.40 30.53 18.09
N LEU A 77 -10.32 29.96 17.58
CA LEU A 77 -9.17 30.71 17.13
C LEU A 77 -8.98 30.57 15.63
N TYR A 78 -8.26 31.54 15.10
CA TYR A 78 -7.87 31.58 13.69
C TYR A 78 -6.35 31.76 13.65
N GLY A 79 -5.64 30.74 13.13
CA GLY A 79 -4.20 30.78 13.04
C GLY A 79 -3.76 30.78 11.59
N GLY A 80 -2.45 30.96 11.41
CA GLY A 80 -1.93 31.03 10.06
C GLY A 80 -0.42 30.77 9.97
N TYR A 81 -0.03 30.03 8.95
CA TYR A 81 1.37 29.79 8.64
C TYR A 81 1.74 30.74 7.50
N PHE A 82 2.55 31.75 7.81
CA PHE A 82 2.90 32.77 6.84
C PHE A 82 4.25 32.44 6.21
N ARG A 83 4.25 32.27 4.90
CA ARG A 83 5.50 31.98 4.21
C ARG A 83 6.47 33.13 4.45
N THR A 84 7.51 32.89 5.27
CA THR A 84 8.47 33.94 5.52
C THR A 84 9.13 34.41 4.22
N TRP A 85 9.26 33.50 3.25
CA TRP A 85 9.71 33.89 1.91
C TRP A 85 8.76 34.86 1.23
N HIS A 86 7.50 34.89 1.67
CA HIS A 86 6.50 35.78 1.07
C HIS A 86 6.37 37.10 1.83
N ASP A 87 7.20 37.30 2.84
CA ASP A 87 7.19 38.54 3.60
C ASP A 87 8.16 39.53 2.98
N LYS A 88 7.71 40.80 2.86
CA LYS A 88 8.48 41.81 2.20
C LYS A 88 9.80 42.13 2.91
N THR A 89 9.87 41.83 4.22
CA THR A 89 11.04 42.17 5.02
C THR A 89 11.98 41.00 5.26
N SER A 90 11.57 39.78 4.92
CA SER A 90 12.47 38.64 5.06
C SER A 90 13.73 38.86 4.27
N ASP A 91 13.59 39.15 2.97
CA ASP A 91 14.70 39.59 2.13
C ASP A 91 14.17 40.75 1.27
N PRO A 92 14.35 41.99 1.71
CA PRO A 92 13.77 43.13 0.94
C PRO A 92 14.28 43.23 -0.47
N THR A 93 15.35 42.52 -0.83
CA THR A 93 15.82 42.56 -2.21
C THR A 93 14.79 42.01 -3.17
N GLU A 94 13.92 41.12 -2.71
CA GLU A 94 12.89 40.51 -3.53
C GLU A 94 11.69 41.46 -3.57
N LYS A 95 11.61 42.28 -4.62
CA LYS A 95 10.60 43.31 -4.64
C LYS A 95 9.22 42.82 -5.00
N ASP A 96 9.06 41.55 -5.38
CA ASP A 96 7.72 41.08 -5.71
C ASP A 96 6.89 40.90 -4.46
N LYS A 97 7.53 40.53 -3.36
CA LYS A 97 6.86 40.44 -2.07
C LYS A 97 6.66 41.86 -1.55
N VAL A 98 5.40 42.27 -1.45
CA VAL A 98 5.05 43.62 -0.99
C VAL A 98 4.22 43.61 0.26
N ASN A 99 3.66 42.48 0.66
CA ASN A 99 2.84 42.37 1.85
C ASN A 99 3.70 42.18 3.09
N SER A 100 3.07 42.39 4.24
CA SER A 100 3.76 42.30 5.52
C SER A 100 2.89 41.54 6.51
N MET A 101 3.44 40.49 7.11
CA MET A 101 2.66 39.68 8.04
C MET A 101 2.11 40.54 9.15
N GLY A 102 2.78 41.66 9.46
CA GLY A 102 2.21 42.63 10.37
C GLY A 102 0.92 43.21 9.88
N GLU A 103 0.61 43.06 8.58
CA GLU A 103 -0.66 43.51 8.03
C GLU A 103 -1.75 42.49 8.27
N LEU A 104 -1.40 41.31 8.78
CA LEU A 104 -2.43 40.34 9.14
C LEU A 104 -3.39 40.98 10.13
N PRO A 105 -4.70 40.82 9.97
CA PRO A 105 -5.64 41.54 10.82
C PRO A 105 -5.74 40.90 12.20
N LYS A 106 -6.43 41.62 13.09
CA LYS A 106 -6.66 41.14 14.43
C LYS A 106 -7.53 39.88 14.47
N GLU A 107 -8.27 39.61 13.38
CA GLU A 107 -9.10 38.40 13.34
C GLU A 107 -8.25 37.13 13.34
N VAL A 108 -6.94 37.25 13.09
CA VAL A 108 -6.03 36.12 13.20
C VAL A 108 -5.74 35.92 14.69
N ASP A 109 -6.28 34.85 15.27
CA ASP A 109 -6.10 34.64 16.70
C ASP A 109 -4.71 34.10 17.00
N LEU A 110 -4.13 33.30 16.08
CA LEU A 110 -2.88 32.63 16.35
C LEU A 110 -1.88 32.96 15.24
N ALA A 111 -0.67 33.32 15.64
CA ALA A 111 0.39 33.72 14.70
C ALA A 111 1.44 32.61 14.68
N PHE A 112 1.42 31.77 13.63
CA PHE A 112 2.39 30.70 13.50
C PHE A 112 3.63 31.29 12.88
N ILE A 113 4.63 31.58 13.71
CA ILE A 113 5.89 32.07 13.23
C ILE A 113 6.52 31.04 12.31
N PHE A 114 6.62 31.36 11.01
CA PHE A 114 7.29 30.51 10.03
C PHE A 114 8.65 31.13 9.73
N HIS A 115 9.71 30.33 9.90
CA HIS A 115 11.07 30.82 9.74
C HIS A 115 11.64 30.45 8.38
N ASP A 116 10.78 30.27 7.38
CA ASP A 116 11.18 29.75 6.10
C ASP A 116 11.77 30.86 5.24
N TRP A 117 12.98 30.67 4.76
CA TRP A 117 13.68 31.65 3.92
C TRP A 117 13.86 32.99 4.65
N THR A 118 14.66 32.93 5.72
CA THR A 118 15.15 34.14 6.39
C THR A 118 16.63 33.97 6.67
N LYS A 119 17.44 34.90 6.17
CA LYS A 119 18.87 34.80 6.40
C LYS A 119 19.18 35.10 7.87
N ASP A 120 20.39 34.71 8.28
CA ASP A 120 20.86 35.05 9.61
C ASP A 120 20.89 36.57 9.78
N TYR A 121 21.47 37.26 8.82
CA TYR A 121 21.52 38.71 8.80
C TYR A 121 20.21 39.34 8.35
N SER A 122 19.20 38.51 8.12
CA SER A 122 17.93 38.98 7.57
C SER A 122 17.23 39.96 8.50
N LEU A 123 16.68 41.01 7.91
CA LEU A 123 15.95 41.99 8.70
C LEU A 123 14.78 41.34 9.46
N PHE A 124 14.29 40.20 8.96
CA PHE A 124 13.07 39.61 9.46
C PHE A 124 13.09 39.41 10.97
N TRP A 125 14.19 38.89 11.50
CA TRP A 125 14.25 38.68 12.95
C TRP A 125 14.04 40.00 13.69
N LYS A 126 14.73 41.06 13.25
CA LYS A 126 14.57 42.32 13.95
C LYS A 126 13.17 42.85 13.77
N GLU A 127 12.64 42.70 12.56
CA GLU A 127 11.30 43.19 12.30
C GLU A 127 10.32 42.47 13.17
N LEU A 128 10.51 41.18 13.35
CA LEU A 128 9.71 40.46 14.34
C LEU A 128 9.92 41.13 15.66
N ALA A 129 11.14 41.00 16.22
CA ALA A 129 11.41 41.42 17.58
C ALA A 129 10.92 42.84 17.87
N THR A 130 11.25 43.77 16.98
CA THR A 130 11.04 45.17 17.27
C THR A 130 9.70 45.69 16.73
N LYS A 131 9.20 45.15 15.61
CA LYS A 131 7.97 45.67 15.04
C LYS A 131 6.86 44.62 15.05
N HIS A 132 7.05 43.50 14.37
CA HIS A 132 5.94 42.58 14.14
C HIS A 132 5.60 41.83 15.42
N VAL A 133 6.60 41.46 16.22
CA VAL A 133 6.30 40.80 17.49
C VAL A 133 5.58 41.73 18.43
N PRO A 134 6.05 42.98 18.63
CA PRO A 134 5.29 43.92 19.45
C PRO A 134 3.87 44.10 18.96
N LYS A 135 3.70 44.39 17.67
CA LYS A 135 2.35 44.60 17.14
C LYS A 135 1.48 43.38 17.39
N LEU A 136 2.02 42.19 17.14
CA LEU A 136 1.25 40.97 17.33
C LEU A 136 0.78 40.86 18.78
N ASN A 137 1.67 41.21 19.70
CA ASN A 137 1.26 41.27 21.10
C ASN A 137 0.17 42.30 21.27
N LYS A 138 0.39 43.52 20.79
CA LYS A 138 -0.54 44.62 21.02
C LYS A 138 -1.91 44.34 20.42
N GLN A 139 -1.97 43.48 19.42
CA GLN A 139 -3.22 43.04 18.80
C GLN A 139 -3.70 41.74 19.39
N GLY A 140 -2.85 41.08 20.16
CA GLY A 140 -3.17 39.78 20.72
C GLY A 140 -2.66 38.60 19.95
N THR A 141 -1.92 38.80 18.89
CA THR A 141 -1.39 37.70 18.08
C THR A 141 -0.12 37.15 18.70
N ARG A 142 -0.15 35.91 19.12
CA ARG A 142 1.01 35.25 19.70
C ARG A 142 1.80 34.52 18.61
N VAL A 143 3.12 34.57 18.71
CA VAL A 143 4.01 34.08 17.67
C VAL A 143 4.66 32.79 18.13
N ILE A 144 4.53 31.75 17.34
CA ILE A 144 5.11 30.45 17.67
C ILE A 144 5.91 30.00 16.46
N ARG A 145 7.16 29.65 16.70
CA ARG A 145 8.05 29.19 15.64
C ARG A 145 7.88 27.70 15.42
N THR A 146 7.89 27.32 14.15
CA THR A 146 7.75 25.93 13.75
C THR A 146 9.05 25.39 13.21
N ILE A 147 9.37 24.15 13.57
CA ILE A 147 10.58 23.53 13.03
C ILE A 147 10.28 22.12 12.61
N PRO A 148 11.07 21.61 11.66
CA PRO A 148 10.90 20.21 11.23
C PRO A 148 11.49 19.24 12.21
N TRP A 149 10.93 18.03 12.22
CA TRP A 149 11.49 17.00 13.06
C TRP A 149 12.93 16.77 12.71
N ARG A 150 13.27 16.94 11.45
CA ARG A 150 14.67 16.94 11.03
C ARG A 150 15.43 18.08 11.71
N PHE A 151 14.81 19.25 11.81
CA PHE A 151 15.46 20.36 12.47
C PHE A 151 15.81 19.99 13.90
N LEU A 152 14.94 19.21 14.54
CA LEU A 152 15.11 18.84 15.92
C LEU A 152 15.68 17.45 16.14
N ALA A 153 15.69 16.62 15.11
CA ALA A 153 16.17 15.26 15.29
C ALA A 153 16.77 14.79 13.98
N GLY A 154 17.67 13.82 14.10
CA GLY A 154 18.55 13.44 13.02
C GLY A 154 19.77 14.32 12.97
N GLY A 155 20.60 14.06 11.97
CA GLY A 155 21.78 14.88 11.72
C GLY A 155 21.83 15.38 10.28
N ASP A 156 20.97 14.78 9.45
CA ASP A 156 20.86 15.19 8.06
C ASP A 156 20.30 16.60 8.00
N ASN A 157 21.17 17.59 7.74
CA ASN A 157 20.76 18.97 7.71
C ASN A 157 20.07 19.38 8.99
N SER A 158 20.44 18.73 10.11
CA SER A 158 19.85 19.04 11.40
C SER A 158 20.40 20.32 12.01
N GLY A 159 21.22 21.09 11.28
CA GLY A 159 21.69 22.35 11.82
C GLY A 159 22.43 22.15 13.11
N ILE A 160 21.96 22.83 14.16
CA ILE A 160 22.62 22.73 15.46
C ILE A 160 22.59 21.27 15.93
N ALA A 161 21.53 20.53 15.63
CA ALA A 161 21.45 19.14 16.04
C ALA A 161 22.50 18.26 15.39
N GLU A 162 23.14 18.74 14.31
CA GLU A 162 24.26 18.01 13.74
C GLU A 162 25.39 17.76 14.74
N ASP A 163 25.53 18.62 15.77
CA ASP A 163 26.63 18.53 16.71
C ASP A 163 26.35 17.39 17.69
N THR A 164 26.69 16.16 17.26
CA THR A 164 26.41 14.97 18.05
C THR A 164 27.21 14.99 19.36
N SER A 165 28.37 15.66 19.37
CA SER A 165 29.10 15.88 20.60
C SER A 165 28.37 16.89 21.50
N LYS A 166 27.96 18.02 20.92
CA LYS A 166 27.20 19.00 21.67
C LYS A 166 25.85 18.45 22.10
N TYR A 167 25.35 17.42 21.41
CA TYR A 167 24.03 16.85 21.68
C TYR A 167 24.10 15.39 21.34
N PRO A 168 24.43 14.55 22.30
CA PRO A 168 24.30 13.10 22.10
C PRO A 168 22.88 12.61 22.38
N ASN A 169 22.60 11.43 21.85
CA ASN A 169 21.35 10.73 22.13
C ASN A 169 21.44 10.07 23.51
N THR A 170 21.66 10.91 24.51
CA THR A 170 21.79 10.50 25.90
C THR A 170 20.96 11.45 26.75
N PRO A 171 20.65 11.09 27.99
CA PRO A 171 19.83 11.99 28.82
C PRO A 171 20.44 13.36 28.94
N GLU A 172 21.70 13.45 29.39
CA GLU A 172 22.36 14.74 29.43
C GLU A 172 22.51 15.34 28.03
N GLY A 173 22.83 14.50 27.06
CA GLY A 173 22.93 14.98 25.69
C GLY A 173 21.62 15.57 25.21
N ASN A 174 20.52 14.88 25.51
CA ASN A 174 19.20 15.39 25.15
C ASN A 174 18.91 16.70 25.86
N LYS A 175 19.26 16.80 27.15
CA LYS A 175 19.01 18.05 27.87
C LYS A 175 19.74 19.20 27.20
N ALA A 176 21.00 18.97 26.82
CA ALA A 176 21.77 19.97 26.09
C ALA A 176 21.10 20.33 24.79
N LEU A 177 20.65 19.32 24.04
CA LEU A 177 20.00 19.61 22.76
C LEU A 177 18.75 20.47 22.96
N ALA A 178 17.99 20.16 23.99
CA ALA A 178 16.79 20.93 24.27
C ALA A 178 17.11 22.36 24.63
N LYS A 179 18.07 22.55 25.54
CA LYS A 179 18.42 23.91 25.94
C LYS A 179 18.87 24.71 24.73
N ALA A 180 19.71 24.09 23.89
CA ALA A 180 20.19 24.79 22.71
C ALA A 180 19.06 25.11 21.75
N ILE A 181 18.13 24.17 21.54
CA ILE A 181 17.05 24.38 20.59
C ILE A 181 16.16 25.52 21.08
N VAL A 182 15.81 25.51 22.36
CA VAL A 182 14.95 26.54 22.91
C VAL A 182 15.62 27.90 22.86
N ASP A 183 16.90 27.95 23.23
CA ASP A 183 17.67 29.18 23.07
C ASP A 183 17.59 29.67 21.65
N GLU A 184 17.88 28.80 20.69
CA GLU A 184 18.14 29.21 19.33
C GLU A 184 16.86 29.64 18.65
N TYR A 185 15.80 28.90 18.86
CA TYR A 185 14.58 29.11 18.11
C TYR A 185 13.47 29.76 18.93
N VAL A 186 13.50 29.64 20.25
CA VAL A 186 12.47 30.21 21.11
C VAL A 186 13.06 31.32 21.96
N TYR A 187 14.02 30.99 22.82
CA TYR A 187 14.60 32.00 23.69
C TYR A 187 15.36 33.03 22.88
N LYS A 188 15.91 32.67 21.71
CA LYS A 188 16.69 33.61 20.91
C LYS A 188 15.90 34.90 20.70
N TYR A 189 14.62 34.74 20.36
CA TYR A 189 13.74 35.86 20.19
C TYR A 189 12.74 36.01 21.32
N ASN A 190 12.91 35.24 22.40
CA ASN A 190 11.95 35.19 23.48
C ASN A 190 10.57 34.91 22.90
N LEU A 191 10.54 33.92 22.00
CA LEU A 191 9.36 33.67 21.20
C LEU A 191 8.21 33.18 22.09
N ASP A 192 7.02 33.19 21.50
CA ASP A 192 5.82 32.94 22.27
C ASP A 192 5.28 31.53 22.09
N GLY A 193 5.85 30.71 21.23
CA GLY A 193 5.31 29.38 21.08
C GLY A 193 6.22 28.48 20.30
N LEU A 194 5.95 27.18 20.40
CA LEU A 194 6.74 26.14 19.76
C LEU A 194 5.78 25.31 18.94
N ASP A 195 6.07 25.20 17.64
CA ASP A 195 5.27 24.39 16.73
C ASP A 195 6.18 23.37 16.07
N VAL A 196 5.68 22.16 15.93
CA VAL A 196 6.47 21.08 15.38
C VAL A 196 5.84 20.64 14.09
N ASP A 197 6.60 20.73 13.01
CA ASP A 197 6.16 20.08 11.79
C ASP A 197 6.37 18.59 11.92
N VAL A 198 5.34 17.85 11.58
CA VAL A 198 5.34 16.40 11.61
C VAL A 198 5.30 15.75 10.23
N ALA A 199 5.42 16.52 9.17
CA ALA A 199 5.37 15.92 7.84
C ALA A 199 6.52 14.95 7.70
N HIS A 200 6.25 13.75 7.19
CA HIS A 200 7.31 12.76 7.04
C HIS A 200 8.54 13.39 6.36
N ASP A 201 8.31 14.37 5.49
CA ASP A 201 9.44 15.13 4.99
C ASP A 201 10.17 15.83 6.12
N SER A 202 9.43 16.46 7.03
CA SER A 202 10.02 17.16 8.19
C SER A 202 10.41 16.19 9.27
N ILE A 203 9.84 14.99 9.25
CA ILE A 203 10.22 13.93 10.18
C ILE A 203 11.72 13.87 10.30
N PRO A 204 12.26 13.66 11.52
CA PRO A 204 13.71 13.45 11.64
C PRO A 204 14.23 12.41 10.66
N LYS A 205 15.11 12.79 9.74
CA LYS A 205 15.60 11.88 8.72
C LYS A 205 17.11 11.97 8.66
N VAL A 206 17.74 10.83 8.33
CA VAL A 206 19.14 10.76 8.02
C VAL A 206 19.34 9.66 6.99
N ASP A 207 19.79 10.01 5.78
CA ASP A 207 19.79 9.09 4.64
C ASP A 207 18.39 8.51 4.41
N LYS A 208 17.36 9.33 4.70
CA LYS A 208 15.95 8.93 4.62
C LYS A 208 15.71 7.68 5.46
N LYS A 209 16.28 7.63 6.65
CA LYS A 209 16.20 6.45 7.52
C LYS A 209 15.78 6.85 8.92
N GLU A 210 14.84 6.08 9.50
CA GLU A 210 14.29 6.43 10.81
C GLU A 210 15.36 6.31 11.89
N ASP A 211 15.57 7.42 12.61
CA ASP A 211 16.50 7.47 13.73
C ASP A 211 15.68 7.29 15.00
N THR A 212 15.65 6.05 15.49
CA THR A 212 14.91 5.75 16.72
C THR A 212 15.42 6.59 17.88
N ALA A 213 16.73 6.64 18.05
CA ALA A 213 17.29 7.57 19.04
C ALA A 213 16.94 8.98 18.66
N GLY A 214 16.97 9.33 17.38
CA GLY A 214 16.52 10.64 16.99
C GLY A 214 15.06 10.89 17.36
N VAL A 215 14.18 9.90 17.08
CA VAL A 215 12.75 10.06 17.34
C VAL A 215 12.49 10.22 18.83
N GLU A 216 12.99 9.27 19.63
CA GLU A 216 12.78 9.32 21.08
C GLU A 216 13.41 10.55 21.68
N ARG A 217 14.60 10.93 21.20
CA ARG A 217 15.31 12.07 21.75
C ARG A 217 14.57 13.36 21.42
N SER A 218 14.04 13.49 20.22
CA SER A 218 13.18 14.62 19.92
C SER A 218 11.93 14.62 20.78
N ILE A 219 11.35 13.44 21.00
CA ILE A 219 10.22 13.34 21.92
C ILE A 219 10.60 13.91 23.27
N GLN A 220 11.75 13.48 23.77
CA GLN A 220 12.22 13.87 25.08
C GLN A 220 12.57 15.35 25.12
N VAL A 221 13.15 15.89 24.05
CA VAL A 221 13.61 17.28 24.07
C VAL A 221 12.42 18.24 23.96
N PHE A 222 11.49 17.93 23.08
CA PHE A 222 10.22 18.62 23.11
C PHE A 222 9.56 18.49 24.48
N GLU A 223 9.63 17.30 25.07
CA GLU A 223 8.99 17.08 26.36
C GLU A 223 9.65 17.93 27.43
N GLU A 224 10.98 18.09 27.36
CA GLU A 224 11.70 18.90 28.30
C GLU A 224 11.40 20.38 28.07
N ILE A 225 11.27 20.77 26.81
CA ILE A 225 10.86 22.13 26.49
C ILE A 225 9.46 22.40 26.99
N GLY A 226 8.62 21.37 26.94
CA GLY A 226 7.27 21.43 27.50
C GLY A 226 7.26 21.39 29.00
N LYS A 227 8.36 20.89 29.58
CA LYS A 227 8.69 21.07 30.99
C LYS A 227 9.30 22.43 31.23
N LEU A 228 9.66 23.12 30.16
CA LEU A 228 10.21 24.46 30.20
C LEU A 228 9.28 25.49 29.60
N ILE A 229 8.43 25.09 28.66
CA ILE A 229 7.44 25.96 28.06
C ILE A 229 6.14 25.18 27.97
N GLY A 230 5.06 25.89 27.69
CA GLY A 230 3.77 25.25 27.52
C GLY A 230 3.06 24.91 28.82
N PRO A 231 1.92 24.24 28.71
CA PRO A 231 1.07 24.01 29.90
C PRO A 231 1.81 23.31 31.01
N LYS A 232 2.66 22.34 30.69
CA LYS A 232 3.42 21.60 31.68
C LYS A 232 4.80 22.16 31.90
N GLY A 233 5.04 23.39 31.43
CA GLY A 233 6.41 23.88 31.40
C GLY A 233 6.79 24.98 32.35
N VAL A 234 8.10 25.23 32.47
CA VAL A 234 8.57 26.33 33.30
C VAL A 234 8.03 27.67 32.80
N ASP A 235 7.98 27.83 31.48
CA ASP A 235 7.51 29.07 30.87
C ASP A 235 6.24 28.77 30.10
N LYS A 236 5.13 28.69 30.82
CA LYS A 236 3.87 28.42 30.18
C LYS A 236 3.48 29.51 29.20
N SER A 237 4.09 30.70 29.31
CA SER A 237 3.79 31.74 28.36
C SER A 237 4.20 31.33 26.97
N ARG A 238 5.18 30.45 26.81
CA ARG A 238 5.50 29.90 25.51
C ARG A 238 4.62 28.68 25.29
N LEU A 239 4.09 28.60 24.06
CA LEU A 239 3.15 27.56 23.64
C LEU A 239 3.86 26.40 22.99
N PHE A 240 3.12 25.28 22.86
CA PHE A 240 3.61 24.03 22.28
C PHE A 240 2.59 23.50 21.26
N ILE A 241 2.85 23.83 20.02
CA ILE A 241 1.95 23.53 18.94
C ILE A 241 2.51 22.33 18.19
N MET A 242 1.64 21.66 17.45
CA MET A 242 2.06 20.46 16.71
C MET A 242 1.15 20.33 15.49
N ASP A 243 1.72 20.51 14.31
CA ASP A 243 0.95 20.37 13.08
C ASP A 243 1.73 19.46 12.13
N SER A 244 1.02 18.55 11.50
CA SER A 244 1.64 17.58 10.63
C SER A 244 0.68 17.22 9.50
N THR A 245 1.25 16.78 8.40
CA THR A 245 0.46 16.24 7.30
C THR A 245 0.19 14.77 7.47
N TYR A 246 0.97 14.09 8.29
CA TYR A 246 0.79 12.66 8.50
C TYR A 246 -0.40 12.41 9.41
N MET A 247 -1.16 11.35 9.11
CA MET A 247 -2.20 10.88 10.01
C MET A 247 -1.63 10.46 11.35
N ALA A 248 -2.35 10.78 12.41
CA ALA A 248 -1.81 10.67 13.76
C ALA A 248 -1.22 9.28 14.02
N ASP A 249 -1.87 8.22 13.51
CA ASP A 249 -1.42 6.88 13.82
C ASP A 249 -0.02 6.65 13.29
N LYS A 250 0.54 7.63 12.61
CA LYS A 250 1.91 7.58 12.15
C LYS A 250 2.76 8.65 12.77
N ASN A 251 2.24 9.41 13.73
CA ASN A 251 2.99 10.43 14.44
C ASN A 251 3.80 9.77 15.54
N PRO A 252 5.10 9.53 15.33
CA PRO A 252 5.90 8.93 16.41
C PRO A 252 5.93 9.78 17.66
N LEU A 253 5.67 11.07 17.54
CA LEU A 253 5.67 11.96 18.68
C LEU A 253 4.28 12.17 19.27
N ILE A 254 3.24 11.62 18.65
CA ILE A 254 1.88 11.78 19.17
C ILE A 254 1.83 11.28 20.61
N GLU A 255 2.16 10.00 20.79
CA GLU A 255 2.12 9.38 22.12
C GLU A 255 2.96 10.16 23.11
N ARG A 256 4.22 10.40 22.76
CA ARG A 256 5.18 10.96 23.71
C ARG A 256 5.04 12.45 23.90
N GLY A 257 4.34 13.16 23.02
CA GLY A 257 4.36 14.61 23.07
C GLY A 257 3.03 15.16 23.49
N ALA A 258 1.94 14.35 23.32
CA ALA A 258 0.61 14.77 23.72
C ALA A 258 0.69 15.43 25.09
N PRO A 259 1.19 14.73 26.11
CA PRO A 259 1.19 15.30 27.46
C PRO A 259 1.98 16.58 27.57
N TYR A 260 2.83 16.89 26.59
CA TYR A 260 3.67 18.06 26.67
C TYR A 260 3.18 19.22 25.79
N ILE A 261 2.30 18.94 24.84
CA ILE A 261 1.97 19.89 23.79
C ILE A 261 0.89 20.85 24.29
N ASN A 262 0.90 22.08 23.81
CA ASN A 262 -0.13 23.05 24.13
C ASN A 262 -1.12 23.18 23.00
N LEU A 263 -0.68 23.04 21.76
CA LEU A 263 -1.53 23.22 20.60
C LEU A 263 -1.32 22.08 19.62
N LEU A 264 -2.37 21.74 18.89
CA LEU A 264 -2.33 20.75 17.83
C LEU A 264 -2.97 21.34 16.59
N LEU A 265 -2.20 21.45 15.53
CA LEU A 265 -2.68 22.02 14.29
C LEU A 265 -2.70 20.95 13.22
N VAL A 266 -3.60 21.11 12.25
CA VAL A 266 -3.68 20.14 11.19
C VAL A 266 -4.35 20.75 9.97
N GLN A 267 -3.72 20.63 8.81
CA GLN A 267 -4.22 21.25 7.59
C GLN A 267 -4.21 20.19 6.52
N VAL A 268 -5.36 20.00 5.91
CA VAL A 268 -5.52 18.97 4.91
C VAL A 268 -5.85 19.65 3.60
N TYR A 269 -5.36 20.88 3.42
CA TYR A 269 -5.75 21.70 2.28
C TYR A 269 -5.86 20.90 0.99
N GLY A 270 -7.01 21.06 0.35
CA GLY A 270 -7.28 20.38 -0.91
C GLY A 270 -8.45 19.42 -0.79
N SER A 271 -9.01 19.07 -1.95
CA SER A 271 -10.14 18.17 -1.97
C SER A 271 -9.81 16.84 -1.34
N GLN A 272 -8.57 16.38 -1.49
CA GLN A 272 -8.18 15.11 -0.89
C GLN A 272 -8.24 15.19 0.63
N GLY A 273 -7.77 16.30 1.18
CA GLY A 273 -7.83 16.45 2.62
C GLY A 273 -9.22 16.71 3.13
N GLU A 274 -10.08 17.28 2.30
CA GLU A 274 -11.43 17.56 2.75
C GLU A 274 -12.24 16.27 2.78
N LYS A 275 -12.19 15.52 1.68
CA LYS A 275 -13.03 14.34 1.51
C LYS A 275 -12.27 13.05 1.75
N GLY A 276 -10.96 13.14 1.94
CA GLY A 276 -10.13 11.96 1.90
C GLY A 276 -9.85 11.52 0.47
N GLY A 277 -9.00 10.49 0.36
CA GLY A 277 -8.76 9.82 -0.92
C GLY A 277 -9.66 8.63 -1.12
N TRP A 278 -9.59 8.03 -2.29
CA TRP A 278 -10.50 6.93 -2.62
C TRP A 278 -9.72 5.64 -2.79
N GLU A 279 -10.18 4.56 -2.15
CA GLU A 279 -9.53 3.24 -2.31
C GLU A 279 -10.46 2.32 -3.07
N PRO A 280 -10.04 1.78 -4.21
CA PRO A 280 -10.80 0.72 -4.89
C PRO A 280 -10.84 -0.59 -4.10
N VAL A 281 -9.77 -0.90 -3.36
CA VAL A 281 -9.72 -2.19 -2.67
C VAL A 281 -10.91 -2.33 -1.73
N SER A 282 -11.16 -1.27 -0.95
CA SER A 282 -12.36 -1.19 -0.13
C SER A 282 -13.47 -0.42 -0.85
N ASN A 283 -13.20 0.19 -2.00
CA ASN A 283 -14.23 0.93 -2.75
C ASN A 283 -14.91 1.95 -1.85
N ARG A 284 -14.10 2.72 -1.09
CA ARG A 284 -14.66 3.64 -0.10
C ARG A 284 -13.69 4.76 0.15
N PRO A 285 -14.16 5.85 0.77
CA PRO A 285 -13.28 6.97 1.11
C PRO A 285 -12.28 6.54 2.17
N GLU A 286 -11.09 7.16 2.13
CA GLU A 286 -10.00 6.94 3.06
C GLU A 286 -9.53 8.29 3.59
N LYS A 287 -8.87 8.26 4.74
CA LYS A 287 -8.23 9.47 5.30
C LYS A 287 -9.25 10.61 5.34
N THR A 288 -10.39 10.36 5.97
CA THR A 288 -11.45 11.35 6.12
C THR A 288 -11.16 12.24 7.31
N MET A 289 -11.80 13.45 7.28
CA MET A 289 -11.60 14.40 8.34
C MET A 289 -11.90 13.75 9.69
N GLU A 290 -13.03 13.04 9.78
CA GLU A 290 -13.44 12.50 11.05
C GLU A 290 -12.41 11.51 11.57
N GLU A 291 -11.86 10.72 10.64
CA GLU A 291 -10.80 9.80 11.00
C GLU A 291 -9.68 10.55 11.71
N ARG A 292 -9.25 11.67 11.12
CA ARG A 292 -8.15 12.42 11.70
C ARG A 292 -8.51 12.95 13.08
N TRP A 293 -9.67 13.62 13.18
CA TRP A 293 -10.02 14.23 14.46
C TRP A 293 -10.16 13.17 15.52
N GLN A 294 -10.67 12.00 15.13
CA GLN A 294 -10.73 10.87 16.05
C GLN A 294 -9.33 10.42 16.44
N GLY A 295 -8.42 10.36 15.47
CA GLY A 295 -7.08 9.90 15.76
C GLY A 295 -6.43 10.80 16.79
N TYR A 296 -6.60 12.09 16.59
CA TYR A 296 -6.08 13.05 17.54
C TYR A 296 -6.79 12.89 18.88
N SER A 297 -8.10 12.65 18.84
CA SER A 297 -8.84 12.47 20.07
C SER A 297 -8.27 11.32 20.90
N LYS A 298 -7.74 10.28 20.25
CA LYS A 298 -7.00 9.27 20.96
C LYS A 298 -5.86 9.89 21.74
N TYR A 299 -5.40 11.04 21.31
CA TYR A 299 -4.28 11.72 21.99
C TYR A 299 -4.63 13.04 22.62
N ILE A 300 -5.57 13.80 22.08
CA ILE A 300 -5.77 15.19 22.46
C ILE A 300 -7.24 15.57 22.42
N ARG A 301 -7.56 16.72 23.07
CA ARG A 301 -8.92 17.19 23.20
C ARG A 301 -9.36 17.98 21.96
N PRO A 302 -10.62 17.85 21.53
CA PRO A 302 -11.09 18.64 20.41
C PRO A 302 -10.93 20.13 20.66
N GLU A 303 -11.01 20.55 21.92
CA GLU A 303 -10.67 21.93 22.26
C GLU A 303 -9.22 22.23 21.87
N GLN A 304 -8.36 21.22 22.00
CA GLN A 304 -6.95 21.35 21.69
C GLN A 304 -6.68 21.29 20.19
N TYR A 305 -7.72 21.15 19.37
CA TYR A 305 -7.57 20.86 17.95
C TYR A 305 -7.86 22.12 17.15
N MET A 306 -6.97 22.46 16.22
CA MET A 306 -7.21 23.55 15.27
C MET A 306 -6.80 23.13 13.86
N ILE A 307 -7.65 23.48 12.89
CA ILE A 307 -7.49 23.02 11.52
C ILE A 307 -7.08 24.18 10.66
N GLY A 308 -6.25 23.89 9.66
CA GLY A 308 -5.73 24.90 8.75
C GLY A 308 -6.19 24.65 7.32
N PHE A 309 -6.52 25.72 6.62
CA PHE A 309 -6.80 25.70 5.21
C PHE A 309 -5.69 26.45 4.50
N SER A 310 -5.82 26.66 3.19
CA SER A 310 -4.78 27.30 2.42
C SER A 310 -5.33 28.48 1.65
N PHE A 311 -4.62 29.60 1.73
CA PHE A 311 -4.80 30.65 0.74
C PHE A 311 -4.09 30.23 -0.55
N TYR A 312 -4.34 31.00 -1.61
CA TYR A 312 -3.75 30.70 -2.92
C TYR A 312 -2.35 31.33 -2.98
N GLU A 313 -1.33 30.47 -2.91
CA GLU A 313 0.06 30.92 -2.82
C GLU A 313 0.62 31.28 -4.19
N GLU A 314 1.47 32.29 -4.20
CA GLU A 314 2.08 32.75 -5.44
C GLU A 314 2.88 31.60 -6.07
N ASN A 315 2.76 31.48 -7.39
CA ASN A 315 3.51 30.52 -8.18
C ASN A 315 3.18 29.07 -7.73
N ALA A 316 1.91 28.81 -7.45
CA ALA A 316 1.51 27.50 -6.96
C ALA A 316 1.62 26.46 -8.07
N GLN A 317 2.55 25.52 -7.93
CA GLN A 317 2.77 24.47 -8.90
C GLN A 317 1.84 23.30 -8.61
N GLU A 318 1.86 22.33 -9.52
CA GLU A 318 0.97 21.19 -9.38
C GLU A 318 1.16 20.51 -8.03
N GLY A 319 0.05 20.12 -7.41
CA GLY A 319 0.04 19.66 -6.04
C GLY A 319 -0.30 20.80 -5.11
N ASN A 320 0.59 21.77 -5.04
CA ASN A 320 0.32 22.94 -4.20
C ASN A 320 -0.83 23.76 -4.78
N LEU A 321 -0.99 23.78 -6.10
CA LEU A 321 -2.05 24.57 -6.73
C LEU A 321 -3.37 23.88 -6.43
N TRP A 322 -3.78 23.92 -5.16
CA TRP A 322 -4.95 23.19 -4.76
C TRP A 322 -6.28 23.86 -5.15
N TYR A 323 -6.26 25.19 -5.33
CA TYR A 323 -7.48 25.94 -5.58
C TYR A 323 -8.54 25.60 -4.54
N ASP A 324 -8.08 25.41 -3.30
CA ASP A 324 -8.99 25.02 -2.21
C ASP A 324 -9.93 26.15 -1.80
N ILE A 325 -9.64 27.39 -2.17
CA ILE A 325 -10.52 28.53 -1.93
C ILE A 325 -10.96 29.03 -3.28
N ASN A 326 -11.88 30.03 -3.27
CA ASN A 326 -12.44 30.53 -4.50
C ASN A 326 -11.31 30.99 -5.45
N SER A 327 -11.39 30.59 -6.71
CA SER A 327 -10.35 30.89 -7.69
C SER A 327 -10.64 32.21 -8.38
N ARG A 328 -9.63 32.73 -9.05
CA ARG A 328 -9.81 33.90 -9.88
C ARG A 328 -10.86 33.60 -10.95
N LYS A 329 -11.76 34.54 -11.19
CA LYS A 329 -12.72 34.36 -12.27
C LYS A 329 -12.00 34.26 -13.60
N ASP A 330 -12.52 33.43 -14.49
CA ASP A 330 -11.87 33.22 -15.77
C ASP A 330 -11.75 34.51 -16.59
N GLU A 331 -12.79 35.34 -16.57
CA GLU A 331 -12.75 36.60 -17.28
C GLU A 331 -11.63 37.50 -16.73
N ASP A 332 -11.56 37.65 -15.42
CA ASP A 332 -10.54 38.45 -14.75
C ASP A 332 -9.22 37.68 -14.81
N LYS A 333 -8.70 37.57 -16.02
CA LYS A 333 -7.45 36.83 -16.28
C LYS A 333 -6.23 37.52 -15.71
N ALA A 334 -6.25 38.81 -15.47
CA ALA A 334 -5.15 39.51 -14.83
C ALA A 334 -5.39 39.76 -13.35
N ASN A 335 -6.57 39.42 -12.83
CA ASN A 335 -6.89 39.61 -11.42
C ASN A 335 -6.43 38.42 -10.60
N GLY A 336 -5.31 38.58 -9.90
CA GLY A 336 -4.81 37.55 -9.01
C GLY A 336 -5.47 37.52 -7.67
N ILE A 337 -6.46 38.39 -7.42
CA ILE A 337 -7.23 38.41 -6.19
C ILE A 337 -8.69 38.18 -6.54
N ASN A 338 -9.33 37.29 -5.80
CA ASN A 338 -10.76 37.03 -5.88
C ASN A 338 -11.19 36.72 -4.47
N THR A 339 -12.12 37.52 -3.96
CA THR A 339 -12.37 37.57 -2.53
C THR A 339 -13.69 36.93 -2.08
N ASP A 340 -14.48 36.38 -3.00
CA ASP A 340 -15.78 35.81 -2.66
C ASP A 340 -15.55 34.45 -1.97
N ILE A 341 -15.88 34.38 -0.68
CA ILE A 341 -15.84 33.10 0.00
C ILE A 341 -17.09 32.27 -0.25
N THR A 342 -18.21 32.89 -0.62
CA THR A 342 -19.46 32.17 -0.87
C THR A 342 -19.20 30.99 -1.79
N GLY A 343 -19.48 29.80 -1.28
CA GLY A 343 -19.20 28.61 -2.06
C GLY A 343 -17.75 28.27 -2.14
N THR A 344 -16.88 28.93 -1.38
CA THR A 344 -15.50 28.47 -1.29
C THR A 344 -15.46 27.21 -0.43
N ARG A 345 -14.61 26.26 -0.83
CA ARG A 345 -14.36 25.13 0.05
C ARG A 345 -13.87 25.61 1.40
N ALA A 346 -13.13 26.73 1.42
CA ALA A 346 -12.75 27.33 2.67
C ALA A 346 -13.95 27.90 3.41
N GLU A 347 -14.99 28.28 2.68
CA GLU A 347 -16.22 28.67 3.35
C GLU A 347 -16.76 27.51 4.18
N ARG A 348 -16.78 26.33 3.56
CA ARG A 348 -17.19 25.13 4.27
C ARG A 348 -16.24 24.88 5.43
N TYR A 349 -14.95 25.08 5.23
CA TYR A 349 -14.00 24.90 6.32
C TYR A 349 -14.35 25.81 7.49
N ALA A 350 -14.58 27.09 7.22
CA ALA A 350 -15.00 28.02 8.26
C ALA A 350 -16.23 27.50 8.97
N ARG A 351 -17.15 26.89 8.23
CA ARG A 351 -18.31 26.27 8.84
C ARG A 351 -17.99 24.89 9.39
N TRP A 352 -16.86 24.31 9.02
CA TRP A 352 -16.62 22.90 9.32
C TRP A 352 -16.33 22.69 10.82
N GLN A 353 -17.06 21.76 11.44
CA GLN A 353 -16.91 21.30 12.79
C GLN A 353 -16.93 19.79 12.77
N PRO A 354 -16.09 19.16 13.60
CA PRO A 354 -16.06 17.69 13.62
C PRO A 354 -17.37 17.12 14.13
N LYS A 355 -17.92 16.19 13.35
CA LYS A 355 -19.24 15.67 13.65
C LYS A 355 -19.32 15.10 15.05
N THR A 356 -18.27 14.49 15.49
CA THR A 356 -18.24 13.78 16.77
C THR A 356 -17.28 14.45 17.72
N GLY A 357 -17.20 13.89 18.92
CA GLY A 357 -16.26 14.31 19.94
C GLY A 357 -16.67 15.58 20.67
N GLY A 358 -16.63 16.71 19.97
CA GLY A 358 -16.87 17.98 20.61
C GLY A 358 -16.71 19.12 19.62
N VAL A 359 -16.70 20.33 20.14
CA VAL A 359 -16.48 21.53 19.34
C VAL A 359 -15.00 21.70 19.08
N LYS A 360 -14.69 22.31 17.95
CA LYS A 360 -13.29 22.45 17.54
C LYS A 360 -12.60 23.51 18.38
N GLY A 361 -11.29 23.36 18.51
CA GLY A 361 -10.50 24.43 19.08
C GLY A 361 -10.51 25.67 18.22
N GLY A 362 -10.45 25.50 16.91
CA GLY A 362 -10.46 26.68 16.05
C GLY A 362 -9.95 26.32 14.67
N ILE A 363 -9.50 27.36 13.95
CA ILE A 363 -9.12 27.23 12.56
C ILE A 363 -7.74 27.80 12.35
N PHE A 364 -7.16 27.43 11.21
CA PHE A 364 -5.81 27.84 10.83
C PHE A 364 -5.78 28.08 9.32
N SER A 365 -4.63 28.50 8.82
CA SER A 365 -4.43 28.76 7.40
C SER A 365 -3.02 28.44 7.01
N TYR A 366 -2.85 27.59 6.01
CA TYR A 366 -1.54 27.41 5.39
C TYR A 366 -1.32 28.51 4.42
N ALA A 367 -0.04 28.86 4.21
CA ALA A 367 0.31 29.96 3.32
C ALA A 367 -0.48 31.19 3.72
N ILE A 368 -0.39 31.54 5.00
CA ILE A 368 -1.11 32.69 5.50
C ILE A 368 -0.68 33.94 4.75
N ASP A 369 0.56 34.00 4.29
CA ASP A 369 1.05 35.14 3.53
C ASP A 369 0.35 35.33 2.19
N ARG A 370 -0.66 34.51 1.85
CA ARG A 370 -1.36 34.57 0.56
C ARG A 370 -2.81 34.96 0.71
N ASP A 371 -3.16 35.61 1.81
CA ASP A 371 -4.55 36.02 2.02
C ASP A 371 -4.91 37.16 1.08
N GLY A 372 -5.96 36.96 0.29
CA GLY A 372 -6.41 37.94 -0.68
C GLY A 372 -6.12 37.53 -2.11
N VAL A 373 -5.09 36.73 -2.34
CA VAL A 373 -4.73 36.33 -3.71
C VAL A 373 -5.61 35.17 -4.16
N ALA A 374 -6.19 35.30 -5.36
CA ALA A 374 -7.11 34.30 -5.90
C ALA A 374 -6.35 33.05 -6.34
N HIS A 375 -7.08 31.95 -6.48
CA HIS A 375 -6.50 30.74 -7.03
C HIS A 375 -6.55 30.80 -8.57
N GLN A 376 -5.54 30.21 -9.19
CA GLN A 376 -5.50 30.17 -10.63
C GLN A 376 -6.72 29.42 -11.16
N PRO A 377 -7.38 29.92 -12.21
CA PRO A 377 -8.44 29.12 -12.84
C PRO A 377 -7.94 27.83 -13.42
N LYS A 378 -8.82 26.82 -13.45
CA LYS A 378 -8.46 25.51 -13.98
C LYS A 378 -8.08 25.59 -15.45
N LYS A 379 -8.59 26.59 -16.19
CA LYS A 379 -8.25 26.73 -17.60
C LYS A 379 -6.80 27.18 -17.70
N TYR A 380 -5.90 26.38 -17.15
CA TYR A 380 -4.50 26.76 -17.00
C TYR A 380 -3.71 25.48 -16.73
N ALA A 381 -2.44 25.68 -16.33
CA ALA A 381 -1.49 24.61 -16.01
C ALA A 381 -1.04 23.89 -17.27
N LYS A 382 -1.72 24.15 -18.38
CA LYS A 382 -1.13 23.85 -19.69
C LYS A 382 -0.10 24.92 -20.05
N GLN A 383 -0.42 26.18 -19.75
CA GLN A 383 0.56 27.26 -19.85
C GLN A 383 1.63 27.08 -18.79
N LYS A 384 2.89 27.13 -19.22
CA LYS A 384 4.01 27.01 -18.31
C LYS A 384 4.55 28.37 -17.86
N GLU A 385 4.63 29.32 -18.77
CA GLU A 385 5.25 30.60 -18.47
C GLU A 385 4.23 31.69 -18.23
N PHE A 386 2.94 31.32 -18.08
CA PHE A 386 1.88 32.30 -17.90
C PHE A 386 0.99 31.88 -16.74
N LYS A 387 0.96 32.68 -15.68
CA LYS A 387 0.02 32.43 -14.55
C LYS A 387 -0.13 33.73 -13.78
N ASP A 388 -1.28 34.36 -13.88
CA ASP A 388 -1.51 35.57 -13.12
C ASP A 388 -1.90 35.26 -11.67
N ALA A 389 -3.05 34.60 -11.49
CA ALA A 389 -3.52 34.28 -10.14
C ALA A 389 -2.52 33.37 -9.43
N THR A 390 -1.96 32.41 -10.16
CA THR A 390 -0.99 31.53 -9.53
C THR A 390 0.34 32.25 -9.33
N ASP A 391 0.92 32.78 -10.42
CA ASP A 391 2.31 33.16 -10.44
C ASP A 391 2.57 34.65 -10.62
N ASN A 392 1.54 35.45 -10.85
CA ASN A 392 1.73 36.90 -10.81
C ASN A 392 1.74 37.37 -9.37
N ILE A 393 2.67 38.28 -9.09
CA ILE A 393 2.87 38.78 -7.73
C ILE A 393 1.84 39.87 -7.46
N PHE A 394 1.19 39.79 -6.30
CA PHE A 394 0.31 40.84 -5.81
C PHE A 394 0.71 41.22 -4.39
N HIS A 395 0.36 42.44 -4.02
CA HIS A 395 0.52 42.92 -2.66
C HIS A 395 -0.78 42.66 -1.91
N SER A 396 -0.78 41.72 -0.99
CA SER A 396 -1.98 41.26 -0.33
C SER A 396 -2.25 42.06 0.94
N ASP A 397 -3.46 42.60 1.04
CA ASP A 397 -3.94 43.21 2.27
C ASP A 397 -4.48 42.19 3.24
N TYR A 398 -4.38 40.90 2.94
CA TYR A 398 -4.96 39.84 3.78
C TYR A 398 -6.46 40.02 3.96
N SER A 399 -7.11 40.76 3.06
CA SER A 399 -8.53 41.07 3.22
C SER A 399 -9.35 39.78 3.28
N VAL A 400 -9.01 38.81 2.44
CA VAL A 400 -9.76 37.54 2.41
C VAL A 400 -9.64 36.87 3.78
N SER A 401 -8.43 36.86 4.33
CA SER A 401 -8.23 36.26 5.63
C SER A 401 -9.11 36.93 6.67
N LYS A 402 -9.21 38.25 6.61
CA LYS A 402 -10.06 38.98 7.54
C LYS A 402 -11.50 38.58 7.38
N ALA A 403 -11.96 38.52 6.11
CA ALA A 403 -13.35 38.19 5.88
C ALA A 403 -13.69 36.80 6.42
N LEU A 404 -12.84 35.83 6.10
CA LEU A 404 -13.08 34.45 6.50
C LEU A 404 -13.02 34.32 8.02
N LYS A 405 -12.01 34.94 8.63
CA LYS A 405 -11.87 34.86 10.09
C LYS A 405 -13.05 35.50 10.78
N THR A 406 -13.53 36.64 10.26
CA THR A 406 -14.72 37.25 10.82
C THR A 406 -15.96 36.37 10.63
N VAL A 407 -16.08 35.75 9.46
CA VAL A 407 -17.23 34.88 9.19
C VAL A 407 -17.28 33.78 10.21
N MET A 408 -16.12 33.17 10.47
CA MET A 408 -16.06 32.14 11.50
C MET A 408 -16.33 32.74 12.87
N LEU A 409 -15.80 33.94 13.11
CA LEU A 409 -15.95 34.58 14.40
C LEU A 409 -17.40 34.92 14.69
N LYS A 410 -18.25 34.88 13.67
CA LYS A 410 -19.68 35.13 13.84
C LYS A 410 -20.51 33.86 13.84
N ASP A 411 -19.93 32.78 14.31
CA ASP A 411 -20.61 31.49 14.39
C ASP A 411 -21.19 31.31 15.79
N LYS A 412 -22.53 31.28 15.88
CA LYS A 412 -23.19 31.00 17.15
C LYS A 412 -22.76 29.67 17.71
N SER A 413 -22.28 28.76 16.85
CA SER A 413 -21.90 27.44 17.30
C SER A 413 -20.88 27.51 18.43
N TYR A 414 -20.00 28.49 18.40
CA TYR A 414 -18.95 28.64 19.39
C TYR A 414 -19.42 29.34 20.63
N ASP A 415 -20.71 29.67 20.76
CA ASP A 415 -21.18 30.44 21.90
C ASP A 415 -20.77 29.73 23.20
N LEU A 416 -20.36 30.52 24.17
CA LEU A 416 -19.89 29.97 25.43
C LEU A 416 -21.04 29.34 26.20
N ILE A 417 -20.80 28.16 26.74
CA ILE A 417 -21.74 27.55 27.68
C ILE A 417 -21.82 28.42 28.94
N ASP A 418 -23.04 28.65 29.43
CA ASP A 418 -23.28 29.60 30.51
C ASP A 418 -24.26 29.03 31.52
N GLU A 419 -24.47 29.78 32.60
CA GLU A 419 -25.35 29.36 33.68
C GLU A 419 -26.80 29.24 33.23
N LYS A 420 -27.20 30.01 32.22
CA LYS A 420 -28.52 29.80 31.63
C LYS A 420 -28.59 28.41 31.04
N ASP A 421 -27.44 27.81 30.72
CA ASP A 421 -27.41 26.42 30.28
C ASP A 421 -27.46 25.46 31.47
N PHE A 422 -26.55 25.64 32.42
CA PHE A 422 -26.53 24.84 33.66
C PHE A 422 -26.81 25.78 34.82
N PRO A 423 -28.06 25.87 35.28
CA PRO A 423 -28.36 26.81 36.37
C PRO A 423 -27.56 26.54 37.65
N ASP A 424 -27.36 25.26 37.99
CA ASP A 424 -26.60 24.94 39.20
C ASP A 424 -25.15 25.40 39.03
N LYS A 425 -24.78 26.46 39.75
CA LYS A 425 -23.44 26.97 39.63
C LYS A 425 -22.41 25.90 39.95
N ALA A 426 -22.71 25.02 40.91
CA ALA A 426 -21.89 23.83 41.12
C ALA A 426 -21.90 22.94 39.88
N LEU A 427 -23.10 22.61 39.39
CA LEU A 427 -23.20 21.75 38.21
C LEU A 427 -22.59 22.43 36.99
N ARG A 428 -22.84 23.72 36.84
CA ARG A 428 -22.26 24.47 35.73
C ARG A 428 -20.74 24.46 35.79
N GLU A 429 -20.18 24.78 36.95
CA GLU A 429 -18.74 24.81 37.11
C GLU A 429 -18.16 23.43 36.90
N ALA A 430 -18.88 22.40 37.34
CA ALA A 430 -18.38 21.05 37.23
C ALA A 430 -18.32 20.64 35.75
N VAL A 431 -19.38 20.98 35.01
CA VAL A 431 -19.40 20.71 33.59
C VAL A 431 -18.23 21.41 32.93
N MET A 432 -18.09 22.71 33.19
CA MET A 432 -16.97 23.43 32.63
C MET A 432 -15.67 22.71 32.94
N ALA A 433 -15.54 22.21 34.17
CA ALA A 433 -14.32 21.55 34.57
C ALA A 433 -14.08 20.28 33.75
N GLN A 434 -15.16 19.54 33.49
CA GLN A 434 -15.05 18.25 32.85
C GLN A 434 -15.37 18.29 31.37
N VAL A 435 -16.15 19.27 30.92
CA VAL A 435 -16.60 19.34 29.53
C VAL A 435 -15.94 20.51 28.81
N GLY A 436 -16.20 21.71 29.25
CA GLY A 436 -15.68 22.87 28.55
C GLY A 436 -16.56 24.08 28.80
N THR A 437 -16.37 25.13 27.99
CA THR A 437 -17.08 26.38 28.18
C THR A 437 -17.93 26.81 27.01
N ARG A 438 -17.86 26.10 25.88
CA ARG A 438 -18.64 26.45 24.72
C ARG A 438 -19.99 25.75 24.75
N LYS A 439 -21.05 26.49 24.41
CA LYS A 439 -22.37 25.90 24.29
C LYS A 439 -22.35 24.79 23.23
N GLY A 440 -21.69 25.04 22.09
CA GLY A 440 -21.66 24.05 21.04
C GLY A 440 -21.04 22.75 21.52
N ASP A 441 -20.14 22.84 22.50
CA ASP A 441 -19.53 21.65 23.07
C ASP A 441 -20.60 20.66 23.49
N LEU A 442 -21.58 21.13 24.26
CA LEU A 442 -22.60 20.24 24.81
C LEU A 442 -23.34 19.46 23.73
N GLU A 443 -23.70 20.13 22.65
CA GLU A 443 -24.29 19.40 21.54
C GLU A 443 -23.26 18.47 20.90
N ARG A 444 -21.98 18.80 21.02
CA ARG A 444 -20.95 18.03 20.35
C ARG A 444 -20.10 17.18 21.27
N PHE A 445 -20.10 17.49 22.57
CA PHE A 445 -19.26 16.78 23.53
C PHE A 445 -19.54 15.28 23.46
N ASN A 446 -18.51 14.51 23.21
CA ASN A 446 -18.64 13.08 23.01
C ASN A 446 -17.64 12.35 23.88
N GLY A 447 -17.55 12.75 25.15
CA GLY A 447 -16.66 12.09 26.10
C GLY A 447 -17.31 11.61 27.36
N THR A 448 -16.52 11.49 28.42
CA THR A 448 -16.98 11.03 29.71
C THR A 448 -17.27 12.20 30.61
N LEU A 449 -18.22 12.01 31.53
CA LEU A 449 -18.68 13.11 32.35
C LEU A 449 -18.79 12.61 33.80
N ARG A 450 -17.84 13.01 34.62
CA ARG A 450 -17.81 12.59 36.03
C ARG A 450 -18.41 13.67 36.92
N LEU A 451 -19.51 13.34 37.61
CA LEU A 451 -20.29 14.28 38.40
C LEU A 451 -20.22 13.86 39.86
N ASP A 452 -19.22 14.35 40.58
CA ASP A 452 -18.96 13.90 41.94
C ASP A 452 -19.14 14.98 42.99
N ASN A 453 -19.40 16.22 42.62
CA ASN A 453 -19.58 17.27 43.63
C ASN A 453 -20.92 17.08 44.29
N PRO A 454 -21.00 16.72 45.56
CA PRO A 454 -22.33 16.56 46.20
C PRO A 454 -23.12 17.84 46.20
N ALA A 455 -22.48 18.99 45.99
CA ALA A 455 -23.13 20.28 46.06
C ALA A 455 -24.17 20.45 44.96
N ILE A 456 -24.11 19.64 43.91
CA ILE A 456 -25.00 19.84 42.75
C ILE A 456 -26.42 19.56 43.26
N GLN A 457 -27.22 20.60 43.33
CA GLN A 457 -28.59 20.48 43.82
C GLN A 457 -29.59 20.15 42.72
N SER A 458 -29.29 20.44 41.47
CA SER A 458 -30.19 20.22 40.38
C SER A 458 -29.40 19.93 39.11
N LEU A 459 -29.92 19.01 38.31
CA LEU A 459 -29.26 18.59 37.08
C LEU A 459 -29.77 19.39 35.88
N GLU A 460 -30.44 20.51 36.15
CA GLU A 460 -31.06 21.30 35.08
C GLU A 460 -30.02 21.65 34.02
N GLY A 461 -30.36 21.41 32.76
CA GLY A 461 -29.47 21.65 31.66
C GLY A 461 -28.72 20.43 31.20
N LEU A 462 -28.63 19.39 32.04
CA LEU A 462 -27.97 18.16 31.63
C LEU A 462 -28.56 17.65 30.33
N ASN A 463 -29.84 17.92 30.09
CA ASN A 463 -30.44 17.62 28.78
C ASN A 463 -29.60 18.08 27.61
N LYS A 464 -28.74 19.08 27.82
CA LYS A 464 -28.01 19.66 26.71
C LYS A 464 -26.92 18.73 26.16
N PHE A 465 -26.55 17.71 26.92
CA PHE A 465 -25.48 16.80 26.49
C PHE A 465 -25.99 15.93 25.35
N LYS A 466 -25.58 16.24 24.12
CA LYS A 466 -26.12 15.57 22.95
C LYS A 466 -25.29 14.39 22.50
N LYS A 467 -23.96 14.46 22.58
CA LYS A 467 -23.12 13.41 22.01
C LYS A 467 -22.27 12.70 23.06
N LEU A 468 -22.46 12.96 24.36
CA LEU A 468 -21.50 12.55 25.38
C LEU A 468 -21.26 11.04 25.37
N ALA A 469 -19.99 10.65 25.48
CA ALA A 469 -19.64 9.24 25.42
C ALA A 469 -20.02 8.54 26.70
N GLN A 470 -19.51 9.03 27.84
CA GLN A 470 -19.84 8.44 29.14
C GLN A 470 -20.26 9.58 30.07
N LEU A 471 -21.06 9.23 31.07
CA LEU A 471 -21.54 10.21 32.03
C LEU A 471 -21.51 9.54 33.38
N ASP A 472 -20.59 9.97 34.21
CA ASP A 472 -20.46 9.48 35.59
C ASP A 472 -21.09 10.52 36.51
N LEU A 473 -22.22 10.16 37.10
CA LEU A 473 -22.76 10.91 38.23
C LEU A 473 -22.19 10.23 39.45
N ILE A 474 -21.20 10.87 40.04
CA ILE A 474 -20.32 10.21 41.01
C ILE A 474 -20.38 10.89 42.36
N GLY A 475 -21.56 11.35 42.78
CA GLY A 475 -21.68 11.91 44.10
C GLY A 475 -22.44 13.19 44.30
N LEU A 476 -23.17 13.67 43.29
CA LEU A 476 -24.03 14.84 43.49
C LEU A 476 -25.22 14.45 44.35
N SER A 477 -25.04 14.54 45.67
CA SER A 477 -26.07 14.13 46.60
C SER A 477 -27.20 15.19 46.72
N ARG A 478 -26.92 16.44 46.36
CA ARG A 478 -27.91 17.51 46.48
C ARG A 478 -28.95 17.49 45.37
N ILE A 479 -28.70 16.72 44.31
CA ILE A 479 -29.68 16.61 43.22
C ILE A 479 -30.79 15.66 43.68
N THR A 480 -32.00 15.87 43.17
CA THR A 480 -33.17 15.20 43.77
C THR A 480 -34.04 14.42 42.76
N LYS A 481 -34.07 14.86 41.52
CA LYS A 481 -34.88 14.18 40.51
C LYS A 481 -34.11 14.01 39.20
N LEU A 482 -34.46 12.94 38.47
CA LEU A 482 -33.72 12.53 37.30
C LEU A 482 -34.69 12.20 36.18
N ASP A 483 -34.58 12.92 35.07
CA ASP A 483 -35.44 12.70 33.92
C ASP A 483 -34.75 13.29 32.70
N ARG A 484 -35.41 13.17 31.55
CA ARG A 484 -34.81 13.59 30.29
C ARG A 484 -34.42 15.04 30.34
N SER A 485 -35.25 15.89 30.90
CA SER A 485 -34.96 17.31 30.94
C SER A 485 -33.61 17.57 31.61
N VAL A 486 -33.18 16.67 32.46
CA VAL A 486 -31.89 16.80 33.13
C VAL A 486 -31.04 15.60 32.79
N LEU A 487 -31.28 15.01 31.62
CA LEU A 487 -30.51 13.87 31.15
C LEU A 487 -29.98 14.16 29.76
N PRO A 488 -28.71 13.91 29.50
CA PRO A 488 -28.11 14.26 28.20
C PRO A 488 -29.00 13.84 27.05
N ALA A 489 -28.96 14.67 25.98
CA ALA A 489 -29.70 14.35 24.78
C ALA A 489 -29.37 12.95 24.29
N ASN A 490 -28.11 12.54 24.40
CA ASN A 490 -27.69 11.22 23.96
C ASN A 490 -28.33 10.11 24.79
N MET A 491 -29.24 10.45 25.70
CA MET A 491 -29.73 9.49 26.68
C MET A 491 -30.41 8.33 25.99
N LYS A 492 -31.36 8.64 25.11
CA LYS A 492 -32.01 7.58 24.35
C LYS A 492 -31.23 7.30 23.09
N PRO A 493 -31.45 6.13 22.48
CA PRO A 493 -30.79 5.87 21.19
C PRO A 493 -31.27 6.80 20.11
N GLY A 494 -30.42 6.98 19.11
CA GLY A 494 -30.71 7.91 18.03
C GLY A 494 -29.61 7.85 17.00
N LYS A 495 -29.81 8.66 15.95
CA LYS A 495 -28.78 8.85 14.93
C LYS A 495 -28.28 10.28 14.97
N ASP A 496 -27.13 10.49 14.32
CA ASP A 496 -26.56 11.82 14.29
C ASP A 496 -27.58 12.78 13.71
N THR A 497 -27.68 13.96 14.29
CA THR A 497 -28.50 15.04 13.79
C THR A 497 -27.65 16.19 13.27
N LEU A 498 -26.33 16.07 13.36
CA LEU A 498 -25.42 17.11 12.90
C LEU A 498 -25.32 17.02 11.39
N GLU A 499 -25.85 18.01 10.70
CA GLU A 499 -25.72 18.10 9.26
C GLU A 499 -24.31 18.53 8.91
N THR A 500 -23.80 18.01 7.78
CA THR A 500 -22.46 18.39 7.36
C THR A 500 -22.46 19.82 6.84
N VAL A 501 -21.46 20.58 7.29
CA VAL A 501 -21.09 21.85 6.70
C VAL A 501 -19.91 21.70 5.76
N LEU A 502 -19.41 20.47 5.60
CA LEU A 502 -18.25 20.22 4.79
C LEU A 502 -18.63 20.15 3.31
N GLU A 503 -18.02 20.99 2.49
CA GLU A 503 -18.21 20.94 1.03
C GLU A 503 -17.28 19.88 0.45
N THR A 504 -17.47 18.67 0.94
CA THR A 504 -16.62 17.56 0.55
C THR A 504 -17.03 17.04 -0.83
N TYR A 505 -16.24 16.09 -1.33
CA TYR A 505 -16.42 15.54 -2.68
C TYR A 505 -17.19 14.22 -2.68
N LYS A 506 -17.70 13.77 -1.54
CA LYS A 506 -18.61 12.64 -1.50
C LYS A 506 -19.90 13.00 -2.24
N LYS A 507 -20.19 12.29 -3.32
CA LYS A 507 -21.42 12.52 -4.10
C LYS A 507 -22.35 11.33 -4.10
N ASP A 508 -21.88 10.13 -4.48
CA ASP A 508 -22.73 8.93 -4.44
C ASP A 508 -22.83 8.38 -3.04
N ASN A 509 -21.90 8.72 -2.13
CA ASN A 509 -21.99 8.34 -0.73
C ASN A 509 -22.69 9.48 0.00
N LYS A 510 -24.01 9.49 -0.15
CA LYS A 510 -24.87 10.59 0.31
C LYS A 510 -25.93 10.10 1.28
N GLU A 511 -25.52 9.25 2.23
CA GLU A 511 -26.36 8.84 3.35
C GLU A 511 -25.51 8.85 4.61
N GLU A 512 -26.07 9.36 5.68
CA GLU A 512 -25.34 9.43 6.92
C GLU A 512 -26.25 9.60 8.12
N PRO A 513 -26.85 8.55 8.60
CA PRO A 513 -27.61 8.65 9.85
C PRO A 513 -26.69 8.71 11.06
N ALA A 514 -25.59 7.95 10.99
CA ALA A 514 -24.59 7.89 12.05
C ALA A 514 -25.25 7.63 13.41
N THR A 515 -25.83 6.43 13.52
CA THR A 515 -26.44 5.99 14.76
C THR A 515 -25.57 6.43 15.94
N ILE A 516 -26.19 7.12 16.88
CA ILE A 516 -25.47 7.68 18.02
C ILE A 516 -25.54 6.63 19.16
N PRO A 517 -24.44 5.98 19.51
CA PRO A 517 -24.48 5.05 20.62
C PRO A 517 -24.96 5.74 21.89
N PRO A 518 -25.99 5.19 22.54
CA PRO A 518 -26.50 5.82 23.75
C PRO A 518 -25.42 5.96 24.79
N VAL A 519 -25.39 7.12 25.46
CA VAL A 519 -24.26 7.48 26.28
C VAL A 519 -24.15 6.51 27.46
N SER A 520 -22.94 6.37 27.96
CA SER A 520 -22.68 5.56 29.15
C SER A 520 -23.07 6.42 30.36
N LEU A 521 -24.13 6.05 31.04
CA LEU A 521 -24.67 6.83 32.15
C LEU A 521 -24.27 6.11 33.42
N LYS A 522 -23.21 6.59 34.04
CA LYS A 522 -22.83 6.14 35.36
C LYS A 522 -23.41 7.13 36.36
N VAL A 523 -24.12 6.61 37.36
CA VAL A 523 -24.80 7.43 38.35
C VAL A 523 -24.42 6.88 39.73
N SER A 524 -24.00 7.76 40.63
CA SER A 524 -23.56 7.32 41.95
C SER A 524 -23.54 8.50 42.90
N GLY A 525 -23.71 8.22 44.17
CA GLY A 525 -23.70 9.25 45.19
C GLY A 525 -24.74 10.33 45.00
N LEU A 526 -25.78 10.05 44.23
CA LEU A 526 -26.96 10.93 44.20
C LEU A 526 -27.87 10.53 45.37
N THR A 527 -27.33 10.74 46.58
CA THR A 527 -28.05 10.34 47.77
C THR A 527 -29.39 11.04 47.88
N GLY A 528 -29.45 12.32 47.54
CA GLY A 528 -30.69 13.07 47.63
C GLY A 528 -31.63 12.87 46.47
N LEU A 529 -31.29 11.98 45.53
CA LEU A 529 -32.15 11.73 44.38
C LEU A 529 -33.44 11.03 44.80
N LYS A 530 -34.58 11.62 44.44
CA LYS A 530 -35.89 11.11 44.75
C LYS A 530 -36.64 10.61 43.53
N GLU A 531 -36.50 11.27 42.39
CA GLU A 531 -37.23 10.92 41.18
C GLU A 531 -36.24 10.56 40.08
N LEU A 532 -36.44 9.40 39.49
CA LEU A 532 -35.56 8.92 38.42
C LEU A 532 -36.45 8.38 37.30
N ASP A 533 -36.42 9.05 36.15
CA ASP A 533 -37.28 8.70 35.03
C ASP A 533 -36.45 8.36 33.80
N LEU A 534 -36.18 7.07 33.59
CA LEU A 534 -35.49 6.61 32.37
C LEU A 534 -36.44 5.87 31.42
N SER A 535 -37.75 5.98 31.62
CA SER A 535 -38.68 5.32 30.73
C SER A 535 -38.56 5.89 29.32
N GLY A 536 -38.92 5.07 28.34
CA GLY A 536 -38.90 5.56 26.97
C GLY A 536 -37.57 6.05 26.54
N PHE A 537 -36.49 5.59 27.15
CA PHE A 537 -35.15 5.83 26.64
C PHE A 537 -34.61 4.67 25.83
N ASP A 538 -35.36 3.59 25.68
CA ASP A 538 -34.92 2.45 24.87
C ASP A 538 -33.60 1.89 25.41
N ARG A 539 -33.32 2.08 26.68
CA ARG A 539 -32.07 1.65 27.29
C ARG A 539 -32.02 0.13 27.40
N GLU A 540 -30.81 -0.40 27.37
CA GLU A 540 -30.60 -1.84 27.37
C GLU A 540 -30.36 -2.40 28.78
N THR A 541 -29.56 -1.72 29.60
CA THR A 541 -29.22 -2.26 30.91
C THR A 541 -29.20 -1.16 31.94
N LEU A 542 -29.10 -1.57 33.22
CA LEU A 542 -29.08 -0.63 34.33
C LEU A 542 -27.67 -0.19 34.68
N ALA A 543 -26.69 -0.59 33.88
CA ALA A 543 -25.29 -0.36 34.20
C ALA A 543 -25.04 1.13 34.36
N GLY A 544 -24.20 1.47 35.34
CA GLY A 544 -23.93 2.84 35.70
C GLY A 544 -24.80 3.34 36.83
N LEU A 545 -25.93 2.68 37.10
CA LEU A 545 -26.85 3.17 38.14
C LEU A 545 -26.39 2.61 39.48
N ASP A 546 -25.86 3.47 40.35
CA ASP A 546 -25.56 3.08 41.72
C ASP A 546 -26.86 3.09 42.51
N ALA A 547 -27.62 2.00 42.37
CA ALA A 547 -28.90 1.92 43.05
C ALA A 547 -28.73 2.19 44.55
N ALA A 548 -27.64 1.69 45.14
CA ALA A 548 -27.41 1.94 46.55
C ALA A 548 -27.23 3.42 46.87
N THR A 549 -26.92 4.24 45.85
CA THR A 549 -26.64 5.64 46.06
C THR A 549 -27.85 6.56 45.95
N LEU A 550 -28.89 6.13 45.23
CA LEU A 550 -30.15 6.87 45.19
C LEU A 550 -30.95 6.54 46.44
N THR A 551 -30.41 6.95 47.59
CA THR A 551 -31.00 6.61 48.88
C THR A 551 -32.41 7.21 48.98
N SER A 552 -32.60 8.45 48.52
CA SER A 552 -33.87 9.16 48.66
C SER A 552 -34.86 8.83 47.54
N LEU A 553 -34.57 7.82 46.73
CA LEU A 553 -35.43 7.54 45.57
C LEU A 553 -36.88 7.33 45.99
N GLU A 554 -37.80 8.03 45.31
CA GLU A 554 -39.22 7.99 45.62
C GLU A 554 -40.10 7.79 44.41
N LYS A 555 -39.63 8.13 43.21
CA LYS A 555 -40.42 7.94 42.00
C LYS A 555 -39.53 7.46 40.86
N VAL A 556 -40.02 6.50 40.09
CA VAL A 556 -39.21 5.85 39.06
C VAL A 556 -40.15 5.37 37.97
N ASP A 557 -39.68 5.48 36.73
CA ASP A 557 -40.39 4.98 35.57
C ASP A 557 -39.34 4.63 34.55
N ILE A 558 -39.35 3.36 34.12
CA ILE A 558 -38.34 2.89 33.18
C ILE A 558 -39.04 2.14 32.07
N SER A 559 -40.33 2.38 31.90
CA SER A 559 -41.07 1.73 30.82
C SER A 559 -40.50 2.16 29.48
N GLY A 560 -40.71 1.32 28.46
CA GLY A 560 -40.25 1.63 27.14
C GLY A 560 -38.77 1.75 26.98
N ASN A 561 -38.03 0.82 27.55
CA ASN A 561 -36.61 0.70 27.33
C ASN A 561 -36.34 -0.40 26.35
N LYS A 562 -35.07 -0.69 26.09
CA LYS A 562 -34.64 -1.85 25.32
C LYS A 562 -33.94 -2.83 26.24
N LEU A 563 -34.42 -2.94 27.48
CA LEU A 563 -33.75 -3.69 28.53
C LEU A 563 -34.46 -5.03 28.72
N ASP A 564 -33.66 -6.08 28.86
CA ASP A 564 -34.20 -7.43 29.08
C ASP A 564 -34.48 -7.62 30.55
N LEU A 565 -35.72 -7.35 30.95
CA LEU A 565 -36.19 -7.42 32.32
C LEU A 565 -36.74 -8.79 32.69
N ALA A 566 -36.48 -9.81 31.86
CA ALA A 566 -36.87 -11.16 32.21
C ALA A 566 -36.22 -11.54 33.53
N PRO A 567 -36.95 -12.23 34.42
CA PRO A 567 -36.40 -12.46 35.77
C PRO A 567 -35.07 -13.20 35.70
N GLY A 568 -34.25 -12.95 36.71
CA GLY A 568 -32.96 -13.59 36.81
C GLY A 568 -31.83 -12.85 36.13
N THR A 569 -32.12 -11.95 35.20
CA THR A 569 -31.05 -11.20 34.56
C THR A 569 -30.43 -10.25 35.57
N GLU A 570 -29.14 -9.93 35.36
CA GLU A 570 -28.53 -8.88 36.14
C GLU A 570 -29.33 -7.60 36.00
N ASN A 571 -29.79 -7.33 34.78
CA ASN A 571 -30.81 -6.29 34.59
C ASN A 571 -32.02 -6.59 35.43
N ARG A 572 -32.52 -7.83 35.36
CA ARG A 572 -33.66 -8.21 36.19
C ARG A 572 -33.33 -8.15 37.65
N GLN A 573 -32.05 -8.39 38.00
CA GLN A 573 -31.65 -8.29 39.40
C GLN A 573 -31.76 -6.86 39.91
N ILE A 574 -31.20 -5.90 39.18
CA ILE A 574 -31.32 -4.50 39.59
C ILE A 574 -32.79 -4.10 39.64
N PHE A 575 -33.57 -4.58 38.67
CA PHE A 575 -34.98 -4.24 38.64
C PHE A 575 -35.70 -4.80 39.87
N ASP A 576 -35.34 -6.01 40.27
CA ASP A 576 -35.94 -6.58 41.46
C ASP A 576 -35.55 -5.80 42.69
N THR A 577 -34.30 -5.38 42.75
CA THR A 577 -33.85 -4.54 43.87
C THR A 577 -34.64 -3.25 43.93
N MET A 578 -34.78 -2.58 42.79
CA MET A 578 -35.51 -1.32 42.77
C MET A 578 -36.97 -1.54 43.13
N LEU A 579 -37.58 -2.62 42.60
CA LEU A 579 -38.96 -2.94 42.93
C LEU A 579 -39.10 -3.20 44.41
N SER A 580 -38.11 -3.86 45.01
CA SER A 580 -38.15 -4.12 46.44
C SER A 580 -38.01 -2.81 47.22
N THR A 581 -37.16 -1.92 46.72
CA THR A 581 -37.00 -0.64 47.39
C THR A 581 -38.32 0.13 47.37
N ILE A 582 -39.02 0.07 46.24
CA ILE A 582 -40.30 0.75 46.11
C ILE A 582 -41.35 0.09 46.99
N SER A 583 -41.40 -1.24 46.96
CA SER A 583 -42.36 -1.98 47.77
C SER A 583 -42.10 -1.83 49.25
N ASN A 584 -40.89 -1.41 49.63
CA ASN A 584 -40.56 -1.13 51.03
C ASN A 584 -40.70 0.34 51.36
N HIS A 585 -40.71 1.22 50.36
CA HIS A 585 -40.89 2.66 50.60
C HIS A 585 -42.38 3.06 50.63
N VAL A 586 -43.10 2.82 49.53
CA VAL A 586 -44.50 3.16 49.43
C VAL A 586 -45.34 2.02 48.90
N GLY A 587 -44.75 0.87 48.62
CA GLY A 587 -45.48 -0.21 47.98
C GLY A 587 -45.41 -0.09 46.49
N SER A 588 -45.01 -1.18 45.81
CA SER A 588 -44.99 -1.15 44.35
C SER A 588 -46.43 -1.16 43.80
N ASN A 589 -46.71 -0.28 42.85
CA ASN A 589 -48.03 -0.17 42.23
C ASN A 589 -47.87 0.39 40.83
N GLU A 590 -48.96 0.27 40.05
CA GLU A 590 -48.93 0.60 38.64
C GLU A 590 -48.65 2.07 38.35
N GLN A 591 -48.76 2.95 39.36
CA GLN A 591 -48.55 4.38 39.16
C GLN A 591 -47.10 4.77 39.40
N THR A 592 -46.53 4.37 40.53
CA THR A 592 -45.20 4.83 40.94
C THR A 592 -44.07 4.20 40.16
N VAL A 593 -44.32 3.05 39.51
CA VAL A 593 -43.27 2.31 38.84
C VAL A 593 -43.76 1.93 37.45
N LYS A 594 -42.91 2.12 36.47
CA LYS A 594 -43.18 1.68 35.11
C LYS A 594 -41.92 1.09 34.53
N PHE A 595 -42.00 -0.11 33.99
CA PHE A 595 -40.85 -0.74 33.36
C PHE A 595 -41.18 -1.39 32.02
N ASP A 596 -42.44 -1.48 31.62
CA ASP A 596 -42.82 -2.35 30.52
C ASP A 596 -42.41 -1.74 29.17
N LYS A 597 -42.88 -2.36 28.09
CA LYS A 597 -42.60 -1.93 26.72
C LYS A 597 -41.10 -2.02 26.39
N GLN A 598 -40.47 -3.10 26.79
CA GLN A 598 -39.13 -3.42 26.32
C GLN A 598 -39.19 -4.02 24.94
N LYS A 599 -38.15 -3.74 24.14
CA LYS A 599 -37.99 -4.35 22.81
C LYS A 599 -36.57 -4.88 22.70
N PRO A 600 -36.27 -5.93 23.47
CA PRO A 600 -34.89 -6.45 23.52
C PRO A 600 -34.42 -6.86 22.13
N THR A 601 -33.18 -6.50 21.84
CA THR A 601 -32.51 -6.90 20.61
C THR A 601 -31.74 -8.18 20.90
N GLY A 602 -32.11 -9.25 20.20
CA GLY A 602 -31.37 -10.48 20.31
C GLY A 602 -30.05 -10.39 19.51
N HIS A 603 -28.97 -10.90 20.12
CA HIS A 603 -27.69 -11.07 19.47
C HIS A 603 -27.45 -12.57 19.32
N TYR A 604 -26.54 -12.91 18.43
CA TYR A 604 -26.27 -14.33 18.29
C TYR A 604 -25.41 -14.82 19.45
N PRO A 605 -25.55 -16.08 19.86
CA PRO A 605 -24.70 -16.58 20.93
C PRO A 605 -23.25 -16.68 20.47
N ASP A 606 -22.33 -16.64 21.42
CA ASP A 606 -20.92 -16.77 21.11
C ASP A 606 -20.52 -18.19 20.80
N THR A 607 -21.18 -19.18 21.40
CA THR A 607 -20.81 -20.57 21.18
C THR A 607 -22.06 -21.41 21.08
N TYR A 608 -21.92 -22.56 20.44
CA TYR A 608 -22.99 -23.54 20.35
C TYR A 608 -22.45 -24.89 20.82
N GLY A 609 -23.31 -25.67 21.45
CA GLY A 609 -22.89 -26.93 22.01
C GLY A 609 -23.19 -28.15 21.16
N LYS A 610 -24.13 -28.02 20.24
CA LYS A 610 -24.48 -29.11 19.36
C LYS A 610 -23.33 -29.32 18.39
N THR A 611 -22.41 -30.19 18.75
CA THR A 611 -21.32 -30.55 17.87
C THR A 611 -21.60 -31.78 17.03
N SER A 612 -22.81 -32.34 17.10
CA SER A 612 -23.15 -33.51 16.31
C SER A 612 -24.66 -33.59 16.16
N LEU A 613 -25.08 -33.92 14.94
CA LEU A 613 -26.48 -34.16 14.62
C LEU A 613 -26.56 -35.54 14.00
N ARG A 614 -27.30 -36.42 14.64
CA ARG A 614 -27.46 -37.80 14.15
C ARG A 614 -28.83 -37.95 13.53
N LEU A 615 -28.88 -38.47 12.31
CA LEU A 615 -30.11 -38.87 11.66
C LEU A 615 -29.94 -40.28 11.10
N PRO A 616 -31.05 -40.99 10.89
CA PRO A 616 -30.96 -42.31 10.24
C PRO A 616 -30.65 -42.16 8.76
N VAL A 617 -30.29 -43.27 8.13
CA VAL A 617 -29.95 -43.33 6.71
C VAL A 617 -31.26 -43.47 5.95
N ALA A 618 -31.80 -42.36 5.47
CA ALA A 618 -33.03 -42.39 4.71
C ALA A 618 -33.00 -41.37 3.58
N ASN A 619 -33.76 -41.66 2.52
CA ASN A 619 -33.76 -40.80 1.35
C ASN A 619 -34.55 -39.54 1.62
N GLU A 620 -34.13 -38.80 2.63
CA GLU A 620 -34.72 -37.52 3.00
C GLU A 620 -33.67 -36.42 2.79
N LYS A 621 -34.04 -35.20 3.15
CA LYS A 621 -33.15 -34.05 3.03
C LYS A 621 -33.47 -33.11 4.19
N VAL A 622 -32.44 -32.49 4.73
CA VAL A 622 -32.53 -31.77 5.99
C VAL A 622 -31.93 -30.40 5.82
N ASP A 623 -32.62 -29.38 6.35
CA ASP A 623 -32.12 -28.00 6.35
C ASP A 623 -31.07 -27.88 7.43
N LEU A 624 -29.81 -27.78 7.03
CA LEU A 624 -28.71 -27.88 7.98
C LEU A 624 -28.83 -26.82 9.08
N GLN A 625 -28.93 -25.56 8.68
CA GLN A 625 -28.87 -24.50 9.67
C GLN A 625 -29.98 -24.67 10.71
N SER A 626 -31.21 -24.87 10.23
CA SER A 626 -32.34 -24.97 11.15
C SER A 626 -32.10 -26.06 12.19
N GLN A 627 -31.77 -27.26 11.72
CA GLN A 627 -31.47 -28.31 12.67
C GLN A 627 -30.24 -28.00 13.52
N LEU A 628 -29.34 -27.15 13.05
CA LEU A 628 -28.03 -27.06 13.64
C LEU A 628 -27.59 -25.64 13.95
N LEU A 629 -27.88 -24.68 13.07
CA LEU A 629 -27.45 -23.29 13.23
C LEU A 629 -28.62 -22.54 13.86
N PHE A 630 -28.48 -22.25 15.15
CA PHE A 630 -29.63 -21.75 15.87
C PHE A 630 -29.19 -21.02 17.13
N GLY A 631 -30.07 -20.22 17.68
CA GLY A 631 -29.85 -19.60 18.97
C GLY A 631 -29.63 -18.12 18.90
N THR A 632 -30.32 -17.37 19.77
CA THR A 632 -30.12 -15.94 19.93
C THR A 632 -30.02 -15.67 21.43
N VAL A 633 -28.87 -15.25 21.84
CA VAL A 633 -28.67 -14.85 23.23
C VAL A 633 -28.86 -13.35 23.34
N THR A 634 -29.26 -12.92 24.53
CA THR A 634 -29.42 -11.52 24.83
C THR A 634 -28.12 -10.94 25.33
N ASN A 635 -27.92 -9.63 25.11
CA ASN A 635 -26.85 -8.94 25.78
C ASN A 635 -26.97 -9.07 27.27
N GLN A 636 -28.17 -9.31 27.77
CA GLN A 636 -28.42 -9.73 29.14
C GLN A 636 -28.20 -11.21 29.32
N GLY A 637 -27.71 -11.90 28.29
CA GLY A 637 -27.47 -13.33 28.36
C GLY A 637 -28.70 -14.19 28.12
N THR A 638 -29.85 -13.59 27.84
CA THR A 638 -31.08 -14.36 27.60
C THR A 638 -30.92 -15.11 26.29
N LEU A 639 -30.77 -16.44 26.33
CA LEU A 639 -30.62 -17.28 25.15
C LEU A 639 -31.99 -17.66 24.62
N ILE A 640 -32.35 -17.16 23.44
CA ILE A 640 -33.59 -17.55 22.76
C ILE A 640 -33.19 -18.41 21.58
N ASN A 641 -33.66 -19.65 21.59
CA ASN A 641 -33.21 -20.66 20.65
C ASN A 641 -34.38 -21.25 19.85
N SER A 642 -35.59 -20.79 20.05
CA SER A 642 -36.75 -21.35 19.33
C SER A 642 -37.85 -20.31 19.27
N GLU A 643 -38.81 -20.56 18.38
CA GLU A 643 -40.07 -19.84 18.39
C GLU A 643 -40.78 -20.03 19.70
N ALA A 644 -40.75 -21.25 20.23
CA ALA A 644 -41.23 -21.50 21.57
C ALA A 644 -40.39 -20.74 22.60
N ASP A 645 -39.07 -20.66 22.38
CA ASP A 645 -38.23 -19.85 23.25
C ASP A 645 -38.70 -18.39 23.24
N TYR A 646 -38.97 -17.86 22.05
CA TYR A 646 -39.54 -16.54 22.00
C TYR A 646 -40.90 -16.49 22.68
N LYS A 647 -41.62 -17.60 22.65
CA LYS A 647 -42.92 -17.63 23.30
C LYS A 647 -42.76 -17.64 24.81
N ALA A 648 -41.67 -18.21 25.30
CA ALA A 648 -41.36 -18.14 26.73
C ALA A 648 -40.92 -16.73 27.11
N TYR A 649 -40.22 -16.05 26.22
CA TYR A 649 -39.95 -14.63 26.44
C TYR A 649 -41.25 -13.86 26.53
N GLN A 650 -42.18 -14.13 25.63
CA GLN A 650 -43.54 -13.65 25.78
C GLN A 650 -44.10 -14.04 27.13
N ASN A 651 -43.72 -15.20 27.62
CA ASN A 651 -44.11 -15.65 28.95
C ASN A 651 -43.25 -15.02 30.04
N HIS A 652 -42.10 -14.42 29.70
CA HIS A 652 -41.30 -13.74 30.71
C HIS A 652 -42.11 -12.62 31.32
N LYS A 653 -42.23 -12.67 32.66
CA LYS A 653 -43.04 -11.71 33.39
C LYS A 653 -42.19 -10.96 34.41
N ILE A 654 -42.49 -9.68 34.56
CA ILE A 654 -41.88 -8.82 35.56
C ILE A 654 -43.00 -8.20 36.37
N ALA A 655 -42.91 -8.35 37.69
CA ALA A 655 -44.05 -8.01 38.55
C ALA A 655 -45.31 -8.77 38.14
N GLY A 656 -45.13 -9.99 37.63
CA GLY A 656 -46.25 -10.80 37.20
C GLY A 656 -46.69 -10.56 35.79
N ARG A 657 -46.16 -9.53 35.11
CA ARG A 657 -46.52 -9.23 33.73
C ARG A 657 -45.25 -8.98 32.95
N SER A 658 -45.34 -9.16 31.63
CA SER A 658 -44.17 -8.92 30.78
C SER A 658 -43.74 -7.46 30.86
N PHE A 659 -42.44 -7.22 30.64
CA PHE A 659 -41.92 -5.87 30.52
C PHE A 659 -41.68 -5.46 29.07
N VAL A 660 -42.08 -6.29 28.10
CA VAL A 660 -41.69 -6.10 26.70
C VAL A 660 -42.82 -5.41 25.94
N ASP A 661 -42.45 -4.69 24.89
CA ASP A 661 -43.44 -4.04 24.05
C ASP A 661 -44.32 -5.10 23.37
N SER A 662 -45.62 -4.86 23.38
CA SER A 662 -46.54 -5.86 22.85
C SER A 662 -46.38 -6.07 21.36
N ASN A 663 -45.62 -5.20 20.69
CA ASN A 663 -45.54 -5.23 19.24
C ASN A 663 -44.44 -6.11 18.69
N TYR A 664 -43.47 -6.48 19.54
CA TYR A 664 -42.31 -7.20 19.01
C TYR A 664 -42.67 -8.67 18.93
N HIS A 665 -43.24 -9.08 17.80
CA HIS A 665 -43.56 -10.47 17.57
C HIS A 665 -42.26 -11.29 17.51
N TYR A 666 -42.41 -12.60 17.74
CA TYR A 666 -41.25 -13.48 17.73
C TYR A 666 -40.45 -13.27 16.46
N ASN A 667 -41.15 -13.25 15.32
CA ASN A 667 -40.49 -12.84 14.08
C ASN A 667 -39.70 -11.55 14.29
N ASN A 668 -40.40 -10.49 14.71
CA ASN A 668 -39.71 -9.27 15.08
C ASN A 668 -38.59 -9.57 16.06
N PHE A 669 -38.92 -10.30 17.12
CA PHE A 669 -37.92 -10.61 18.12
C PHE A 669 -36.79 -11.42 17.53
N LYS A 670 -37.12 -12.38 16.66
CA LYS A 670 -36.13 -13.32 16.18
C LYS A 670 -35.06 -12.61 15.38
N VAL A 671 -33.81 -13.01 15.61
CA VAL A 671 -32.70 -12.70 14.74
C VAL A 671 -32.49 -13.89 13.81
N SER A 672 -32.06 -13.59 12.60
CA SER A 672 -31.97 -14.60 11.55
C SER A 672 -30.54 -15.06 11.39
N TYR A 673 -30.38 -16.39 11.19
CA TYR A 673 -29.11 -16.98 10.84
C TYR A 673 -29.05 -17.28 9.37
N GLU A 674 -30.05 -16.87 8.61
CA GLU A 674 -29.94 -16.90 7.15
C GLU A 674 -28.73 -16.08 6.71
N ASN A 675 -28.30 -16.34 5.48
CA ASN A 675 -27.17 -15.61 4.91
C ASN A 675 -25.88 -16.02 5.59
N TYR A 676 -25.99 -16.83 6.65
CA TYR A 676 -24.84 -17.50 7.21
C TYR A 676 -24.63 -18.82 6.49
N THR A 677 -23.41 -19.08 6.07
CA THR A 677 -23.12 -20.23 5.24
C THR A 677 -22.69 -21.44 6.05
N VAL A 678 -22.48 -22.54 5.34
CA VAL A 678 -22.10 -23.80 5.96
C VAL A 678 -21.06 -24.47 5.10
N LYS A 679 -20.19 -25.24 5.76
CA LYS A 679 -19.18 -26.03 5.08
C LYS A 679 -19.30 -27.46 5.56
N VAL A 680 -19.96 -28.30 4.74
CA VAL A 680 -20.07 -29.70 5.09
C VAL A 680 -18.80 -30.44 4.65
N THR A 681 -18.54 -31.55 5.34
CA THR A 681 -17.34 -32.33 5.05
C THR A 681 -17.59 -33.77 5.44
N ASP A 682 -17.92 -34.60 4.44
CA ASP A 682 -18.20 -36.00 4.67
C ASP A 682 -16.93 -36.76 5.06
N SER A 683 -17.13 -38.00 5.52
CA SER A 683 -16.02 -38.81 6.00
C SER A 683 -14.94 -39.02 4.97
N THR A 684 -15.27 -38.90 3.70
CA THR A 684 -14.27 -39.02 2.66
C THR A 684 -13.51 -37.75 2.44
N LEU A 685 -13.59 -36.81 3.38
CA LEU A 685 -13.05 -35.47 3.19
C LEU A 685 -13.67 -34.77 2.01
N GLY A 686 -14.81 -35.28 1.53
CA GLY A 686 -15.59 -34.55 0.57
C GLY A 686 -16.36 -33.44 1.26
N THR A 687 -16.67 -32.39 0.52
CA THR A 687 -17.25 -31.18 1.09
C THR A 687 -18.53 -30.81 0.36
N THR A 688 -19.46 -30.20 1.09
CA THR A 688 -20.71 -29.71 0.54
C THR A 688 -21.00 -28.36 1.16
N THR A 689 -21.92 -27.60 0.55
CA THR A 689 -22.37 -26.35 1.16
C THR A 689 -23.87 -26.16 1.05
N ASP A 690 -24.62 -27.22 0.86
CA ASP A 690 -26.07 -27.16 0.82
C ASP A 690 -26.59 -27.27 2.24
N LYS A 691 -27.30 -26.23 2.70
CA LYS A 691 -28.00 -26.38 3.98
C LYS A 691 -28.90 -27.60 3.93
N THR A 692 -29.44 -27.95 2.78
CA THR A 692 -30.06 -29.24 2.59
C THR A 692 -28.98 -30.32 2.58
N LEU A 693 -29.26 -31.40 3.30
CA LEU A 693 -28.38 -32.55 3.28
C LEU A 693 -29.22 -33.83 3.21
N ALA A 694 -28.86 -34.74 2.33
CA ALA A 694 -29.64 -35.95 2.10
C ALA A 694 -29.07 -37.12 2.87
N THR A 695 -29.86 -37.67 3.76
CA THR A 695 -29.44 -38.80 4.57
C THR A 695 -29.55 -40.12 3.85
N ASP A 696 -29.89 -40.06 2.54
CA ASP A 696 -29.99 -41.27 1.73
C ASP A 696 -28.68 -42.06 1.72
N LYS A 697 -27.55 -41.37 1.97
CA LYS A 697 -26.25 -42.02 2.04
C LYS A 697 -25.77 -42.04 3.49
N GLU A 698 -25.39 -43.20 3.97
CA GLU A 698 -24.82 -43.28 5.30
C GLU A 698 -23.45 -42.61 5.27
N GLU A 699 -23.34 -41.48 5.94
CA GLU A 699 -22.09 -40.73 5.93
C GLU A 699 -21.97 -39.92 7.21
N THR A 700 -20.73 -39.62 7.55
CA THR A 700 -20.45 -38.67 8.60
C THR A 700 -19.86 -37.44 7.94
N TYR A 701 -20.42 -36.29 8.24
CA TYR A 701 -19.98 -35.01 7.72
C TYR A 701 -19.63 -34.05 8.85
N LYS A 702 -18.64 -33.22 8.59
CA LYS A 702 -18.24 -32.18 9.50
C LYS A 702 -18.72 -30.85 8.97
N VAL A 703 -19.42 -30.12 9.82
CA VAL A 703 -20.12 -28.93 9.43
C VAL A 703 -19.45 -27.73 10.07
N ASP A 704 -19.16 -26.72 9.29
CA ASP A 704 -18.61 -25.45 9.77
C ASP A 704 -19.67 -24.40 9.53
N PHE A 705 -19.96 -23.62 10.56
CA PHE A 705 -20.86 -22.49 10.41
C PHE A 705 -20.02 -21.28 10.09
N PHE A 706 -20.38 -20.58 9.04
CA PHE A 706 -19.73 -19.31 8.69
C PHE A 706 -20.78 -18.20 8.78
N SER A 707 -20.39 -17.10 9.38
CA SER A 707 -21.26 -15.95 9.33
C SER A 707 -21.27 -15.38 7.92
N PRO A 708 -22.39 -14.80 7.49
CA PRO A 708 -22.33 -13.94 6.31
C PRO A 708 -21.11 -13.04 6.33
N ALA A 709 -20.67 -12.70 7.52
CA ALA A 709 -19.53 -11.82 7.76
C ALA A 709 -18.18 -12.52 7.71
N ASP A 710 -18.16 -13.82 7.88
CA ASP A 710 -16.87 -14.53 7.88
C ASP A 710 -17.11 -15.97 7.47
N LYS A 711 -16.29 -16.43 6.50
CA LYS A 711 -16.32 -17.84 6.10
C LYS A 711 -15.02 -18.55 6.47
N THR A 712 -14.28 -18.03 7.43
CA THR A 712 -12.98 -18.57 7.83
C THR A 712 -12.99 -19.18 9.22
N LYS A 713 -13.46 -18.44 10.22
CA LYS A 713 -13.57 -18.96 11.57
C LYS A 713 -15.00 -19.45 11.77
N ALA A 714 -15.15 -20.74 11.99
CA ALA A 714 -16.47 -21.34 12.15
C ALA A 714 -17.07 -20.94 13.49
N VAL A 715 -18.32 -20.52 13.47
CA VAL A 715 -19.01 -20.25 14.71
C VAL A 715 -19.37 -21.52 15.45
N HIS A 716 -19.49 -22.62 14.73
CA HIS A 716 -19.75 -23.91 15.33
C HIS A 716 -19.27 -24.97 14.36
N THR A 717 -18.87 -26.10 14.92
CA THR A 717 -18.56 -27.29 14.16
C THR A 717 -19.50 -28.42 14.57
N ALA A 718 -19.82 -29.29 13.62
CA ALA A 718 -20.83 -30.32 13.87
C ALA A 718 -20.47 -31.59 13.14
N LYS A 719 -21.21 -32.66 13.49
CA LYS A 719 -20.98 -33.97 12.92
C LYS A 719 -22.35 -34.54 12.55
N VAL A 720 -22.75 -34.31 11.30
CA VAL A 720 -23.92 -35.00 10.78
C VAL A 720 -23.55 -36.48 10.62
N ILE A 721 -24.49 -37.33 10.96
CA ILE A 721 -24.26 -38.76 10.97
C ILE A 721 -25.49 -39.50 10.48
N VAL A 722 -25.46 -39.88 9.21
CA VAL A 722 -26.46 -40.79 8.65
C VAL A 722 -25.93 -42.22 8.75
N GLY A 723 -26.60 -43.03 9.56
CA GLY A 723 -26.10 -44.37 9.80
C GLY A 723 -24.87 -44.38 10.70
N ASP A 724 -23.95 -45.28 10.38
CA ASP A 724 -22.84 -45.57 11.29
C ASP A 724 -21.78 -44.48 11.24
N GLU A 725 -21.20 -44.20 12.41
CA GLU A 725 -20.09 -43.24 12.49
C GLU A 725 -18.90 -43.80 11.73
N LYS A 726 -18.11 -42.88 11.18
CA LYS A 726 -16.92 -43.21 10.42
C LYS A 726 -15.75 -42.44 11.02
N THR A 727 -14.60 -43.09 11.12
CA THR A 727 -13.42 -42.38 11.53
C THR A 727 -13.10 -41.28 10.53
N MET A 728 -12.75 -40.10 11.02
CA MET A 728 -12.29 -39.02 10.16
C MET A 728 -11.04 -39.48 9.42
N MET A 729 -10.94 -39.09 8.16
CA MET A 729 -9.73 -39.32 7.41
C MET A 729 -8.67 -38.29 7.80
N VAL A 730 -7.47 -38.43 7.23
CA VAL A 730 -6.36 -37.52 7.48
C VAL A 730 -5.69 -37.18 6.16
N ASN A 731 -5.23 -35.93 6.06
CA ASN A 731 -4.52 -35.42 4.90
C ASN A 731 -3.07 -35.90 4.94
N LEU A 732 -2.88 -37.19 4.65
CA LEU A 732 -1.51 -37.69 4.52
C LEU A 732 -0.67 -36.73 3.69
N ALA A 733 -1.28 -36.03 2.75
CA ALA A 733 -0.53 -35.09 1.92
C ALA A 733 0.11 -34.01 2.77
N GLU A 734 -0.47 -33.68 3.92
CA GLU A 734 0.14 -32.69 4.80
C GLU A 734 1.51 -33.20 5.24
N GLY A 735 2.53 -32.37 5.09
CA GLY A 735 3.86 -32.74 5.52
C GLY A 735 4.57 -33.69 4.60
N ALA A 736 4.13 -33.77 3.34
CA ALA A 736 4.81 -34.64 2.39
C ALA A 736 6.26 -34.17 2.17
N THR A 737 7.13 -35.12 1.83
CA THR A 737 8.51 -34.84 1.47
C THR A 737 8.62 -34.92 -0.04
N VAL A 738 8.99 -33.82 -0.66
CA VAL A 738 9.00 -33.78 -2.11
C VAL A 738 10.07 -34.73 -2.62
N ILE A 739 9.71 -35.56 -3.60
CA ILE A 739 10.64 -36.53 -4.18
C ILE A 739 10.64 -36.30 -5.68
N GLY A 740 11.36 -37.14 -6.42
CA GLY A 740 11.66 -36.90 -7.83
C GLY A 740 10.47 -36.83 -8.77
N GLY A 741 10.27 -35.73 -9.48
CA GLY A 741 9.20 -35.64 -10.43
C GLY A 741 9.35 -34.45 -11.34
N SER A 742 8.71 -34.57 -12.50
CA SER A 742 8.75 -33.49 -13.49
C SER A 742 8.39 -32.17 -12.84
N ALA A 743 7.33 -32.16 -12.04
CA ALA A 743 6.88 -30.94 -11.35
C ALA A 743 7.99 -30.41 -10.45
N ASP A 744 8.09 -29.11 -10.36
CA ASP A 744 9.03 -28.47 -9.46
C ASP A 744 8.67 -28.82 -8.05
N PRO A 745 9.52 -29.57 -7.35
CA PRO A 745 9.19 -29.95 -5.97
C PRO A 745 8.86 -28.78 -5.06
N VAL A 746 9.59 -27.68 -5.20
CA VAL A 746 9.31 -26.49 -4.39
C VAL A 746 7.86 -26.06 -4.60
N ASN A 747 7.49 -25.81 -5.86
CA ASN A 747 6.09 -25.50 -6.15
C ASN A 747 5.21 -26.71 -5.92
N ALA A 748 5.66 -27.89 -6.33
CA ALA A 748 4.80 -29.07 -6.32
C ALA A 748 4.26 -29.34 -4.91
N ARG A 749 5.04 -29.03 -3.88
CA ARG A 749 4.53 -29.23 -2.54
C ARG A 749 3.27 -28.44 -2.33
N LYS A 750 3.03 -27.41 -3.14
CA LYS A 750 1.83 -26.60 -2.95
C LYS A 750 0.58 -27.43 -3.17
N VAL A 751 0.60 -28.30 -4.18
CA VAL A 751 -0.51 -29.23 -4.38
C VAL A 751 -0.64 -30.13 -3.18
N PHE A 752 0.47 -30.53 -2.61
CA PHE A 752 0.44 -31.27 -1.35
C PHE A 752 0.37 -30.33 -0.13
N ASP A 753 0.09 -29.04 -0.34
CA ASP A 753 0.25 -28.06 0.72
C ASP A 753 -0.94 -27.97 1.68
N GLY A 754 -1.83 -28.94 1.65
CA GLY A 754 -2.93 -28.91 2.58
C GLY A 754 -3.97 -27.85 2.24
N GLN A 755 -3.53 -26.61 2.08
CA GLN A 755 -4.44 -25.56 1.69
C GLN A 755 -4.86 -25.76 0.24
N LEU A 756 -6.14 -25.44 -0.04
CA LEU A 756 -6.60 -25.43 -1.43
C LEU A 756 -5.79 -24.41 -2.21
N GLY A 757 -5.53 -23.25 -1.61
CA GLY A 757 -4.74 -22.20 -2.22
C GLY A 757 -5.62 -21.23 -3.01
N SER A 758 -5.04 -20.04 -3.25
CA SER A 758 -5.77 -18.97 -3.90
C SER A 758 -5.80 -19.16 -5.43
N GLU A 759 -6.65 -18.36 -6.07
CA GLU A 759 -6.67 -18.30 -7.53
C GLU A 759 -5.34 -17.82 -8.07
N THR A 760 -4.71 -16.88 -7.38
CA THR A 760 -3.47 -16.32 -7.88
C THR A 760 -2.34 -17.34 -7.89
N ASP A 761 -2.36 -18.25 -6.94
CA ASP A 761 -1.29 -19.22 -6.81
C ASP A 761 -1.26 -20.18 -8.02
N ASN A 762 -0.06 -20.55 -8.43
CA ASN A 762 0.12 -21.35 -9.64
C ASN A 762 -0.07 -22.83 -9.34
N ILE A 763 -0.79 -23.50 -10.24
CA ILE A 763 -1.19 -24.89 -10.04
C ILE A 763 -0.81 -25.70 -11.25
N SER A 764 0.26 -25.31 -11.94
CA SER A 764 0.73 -26.02 -13.10
C SER A 764 1.94 -26.85 -12.67
N LEU A 765 1.84 -28.16 -12.75
CA LEU A 765 2.92 -29.01 -12.28
C LEU A 765 4.08 -28.99 -13.25
N GLY A 766 3.86 -29.42 -14.49
CA GLY A 766 4.92 -29.52 -15.46
C GLY A 766 4.42 -29.08 -16.83
N TRP A 767 5.38 -28.74 -17.67
CA TRP A 767 5.13 -28.24 -19.01
C TRP A 767 4.85 -29.37 -19.97
N ASP A 768 3.95 -30.24 -19.59
CA ASP A 768 3.67 -31.44 -20.37
C ASP A 768 2.26 -31.88 -20.02
N SER A 769 1.44 -32.15 -21.03
CA SER A 769 0.08 -32.63 -20.83
C SER A 769 0.04 -33.54 -19.62
N LYS A 770 1.00 -34.44 -19.49
CA LYS A 770 1.22 -35.22 -18.28
C LYS A 770 2.49 -34.76 -17.62
N GLN A 771 2.42 -34.55 -16.33
CA GLN A 771 3.58 -34.20 -15.52
C GLN A 771 3.55 -35.01 -14.25
N SER A 772 4.74 -35.39 -13.75
CA SER A 772 4.86 -36.27 -12.61
C SER A 772 5.55 -35.60 -11.46
N ILE A 773 5.32 -36.17 -10.28
CA ILE A 773 5.90 -35.72 -9.02
C ILE A 773 5.97 -36.93 -8.09
N ILE A 774 7.16 -37.21 -7.56
CA ILE A 774 7.28 -38.13 -6.45
C ILE A 774 7.25 -37.33 -5.16
N PHE A 775 6.86 -38.00 -4.09
CA PHE A 775 6.97 -37.39 -2.78
C PHE A 775 6.70 -38.44 -1.72
N LYS A 776 7.52 -38.43 -0.70
CA LYS A 776 7.28 -39.26 0.48
C LYS A 776 6.23 -38.59 1.35
N LEU A 777 5.66 -39.35 2.25
CA LEU A 777 4.71 -38.82 3.22
C LEU A 777 5.46 -38.44 4.49
N LYS A 778 4.87 -37.56 5.25
CA LYS A 778 5.48 -37.14 6.50
C LYS A 778 5.67 -38.33 7.45
N GLU A 779 4.56 -38.95 7.85
CA GLU A 779 4.57 -39.96 8.89
C GLU A 779 3.79 -41.19 8.44
N ASP A 780 3.95 -42.24 9.21
CA ASP A 780 3.28 -43.51 8.97
C ASP A 780 1.77 -43.33 9.03
N GLY A 781 1.06 -44.15 8.28
CA GLY A 781 -0.42 -44.06 8.28
C GLY A 781 -1.04 -45.22 7.54
N LEU A 782 -2.37 -45.25 7.53
CA LEU A 782 -3.15 -46.21 6.76
C LEU A 782 -3.81 -45.42 5.65
N ILE A 783 -3.37 -45.65 4.41
CA ILE A 783 -3.78 -44.84 3.26
C ILE A 783 -4.99 -45.50 2.65
N LYS A 784 -6.03 -44.74 2.42
CA LYS A 784 -7.24 -45.33 1.88
C LYS A 784 -7.80 -44.58 0.69
N HIS A 785 -7.37 -43.36 0.43
CA HIS A 785 -7.88 -42.64 -0.72
C HIS A 785 -6.91 -41.53 -1.08
N TRP A 786 -7.18 -40.90 -2.21
CA TRP A 786 -6.34 -39.84 -2.72
C TRP A 786 -7.25 -38.93 -3.53
N ARG A 787 -6.84 -37.69 -3.70
CA ARG A 787 -7.62 -36.75 -4.46
C ARG A 787 -6.75 -35.66 -5.03
N PHE A 788 -7.15 -35.12 -6.16
CA PHE A 788 -6.46 -34.02 -6.81
C PHE A 788 -7.46 -32.98 -7.22
N PHE A 789 -7.17 -31.73 -6.90
CA PHE A 789 -8.10 -30.66 -7.24
C PHE A 789 -7.85 -30.21 -8.69
N ASN A 790 -8.92 -30.07 -9.44
CA ASN A 790 -8.85 -29.35 -10.71
C ASN A 790 -8.87 -27.86 -10.40
N ASP A 791 -8.35 -27.07 -11.34
CA ASP A 791 -8.24 -25.64 -11.09
C ASP A 791 -9.60 -25.01 -10.77
N SER A 792 -10.70 -25.62 -11.25
CA SER A 792 -12.02 -25.09 -10.93
C SER A 792 -12.24 -24.92 -9.44
N ALA A 793 -11.66 -25.81 -8.63
CA ALA A 793 -11.69 -25.58 -7.19
C ALA A 793 -11.12 -24.21 -6.85
N ARG A 794 -9.96 -23.91 -7.41
CA ARG A 794 -9.34 -22.60 -7.19
C ARG A 794 -10.23 -21.50 -7.72
N ASN A 795 -10.57 -21.56 -9.00
CA ASN A 795 -11.58 -20.68 -9.57
C ASN A 795 -12.61 -21.51 -10.29
N PRO A 796 -13.86 -21.54 -9.85
CA PRO A 796 -14.89 -22.33 -10.54
C PRO A 796 -14.86 -22.15 -12.04
N GLU A 797 -14.31 -21.04 -12.49
CA GLU A 797 -14.14 -20.80 -13.91
C GLU A 797 -12.64 -20.65 -14.22
N THR A 798 -12.02 -21.72 -14.68
CA THR A 798 -10.64 -21.70 -15.10
C THR A 798 -10.53 -22.13 -16.56
N THR A 799 -9.58 -21.56 -17.29
CA THR A 799 -9.35 -22.01 -18.66
C THR A 799 -8.44 -23.22 -18.76
N ASN A 800 -7.72 -23.57 -17.68
CA ASN A 800 -6.89 -24.75 -17.70
C ASN A 800 -7.78 -25.97 -17.98
N LYS A 801 -7.44 -26.74 -18.99
CA LYS A 801 -8.18 -27.95 -19.25
C LYS A 801 -7.95 -28.95 -18.13
N PRO A 802 -8.91 -29.81 -17.87
CA PRO A 802 -8.77 -30.78 -16.77
C PRO A 802 -7.86 -31.92 -17.13
N ILE A 803 -7.36 -32.58 -16.09
CA ILE A 803 -6.61 -33.82 -16.32
C ILE A 803 -7.55 -34.84 -16.93
N GLN A 804 -7.26 -35.24 -18.18
CA GLN A 804 -8.12 -36.23 -18.85
C GLN A 804 -7.83 -37.61 -18.33
N GLU A 805 -6.58 -37.91 -17.99
CA GLU A 805 -6.17 -39.17 -17.44
C GLU A 805 -4.95 -38.92 -16.58
N ALA A 806 -4.82 -39.67 -15.52
CA ALA A 806 -3.72 -39.51 -14.60
C ALA A 806 -3.40 -40.87 -14.02
N SER A 807 -2.39 -40.92 -13.17
CA SER A 807 -2.01 -42.18 -12.55
C SER A 807 -1.21 -41.90 -11.29
N LEU A 808 -1.45 -42.71 -10.27
CA LEU A 808 -0.61 -42.79 -9.10
C LEU A 808 0.16 -44.09 -9.15
N GLN A 809 1.44 -44.03 -8.78
CA GLN A 809 2.27 -45.20 -8.68
C GLN A 809 3.18 -45.03 -7.47
N ILE A 810 3.75 -46.13 -6.99
CA ILE A 810 4.79 -46.08 -5.98
C ILE A 810 6.09 -46.58 -6.57
N PHE A 811 7.18 -46.29 -5.89
CA PHE A 811 8.46 -46.87 -6.26
C PHE A 811 8.43 -48.34 -5.92
N ASN A 812 8.77 -49.17 -6.91
CA ASN A 812 8.71 -50.62 -6.76
C ASN A 812 9.82 -51.04 -5.76
N ILE A 813 9.66 -50.58 -4.51
CA ILE A 813 10.66 -50.86 -3.47
C ILE A 813 10.76 -52.35 -3.23
N LYS A 814 9.68 -53.10 -3.51
CA LYS A 814 9.72 -54.55 -3.41
C LYS A 814 10.77 -55.10 -4.37
N ASP A 815 10.81 -54.58 -5.58
CA ASP A 815 11.78 -55.00 -6.58
C ASP A 815 13.02 -54.12 -6.64
N TYR A 816 12.96 -52.91 -6.11
CA TYR A 816 14.07 -51.97 -6.16
C TYR A 816 14.46 -51.51 -4.76
N ASN A 817 15.75 -51.28 -4.57
CA ASN A 817 16.24 -50.81 -3.27
C ASN A 817 15.85 -49.36 -3.11
N LEU A 818 14.97 -49.08 -2.13
CA LEU A 818 14.59 -47.71 -1.86
C LEU A 818 15.80 -46.88 -1.48
N ASP A 819 16.81 -47.50 -0.88
CA ASP A 819 18.07 -46.79 -0.63
C ASP A 819 18.71 -46.35 -1.92
N ASN A 820 18.68 -47.20 -2.95
CA ASN A 820 19.20 -46.81 -4.26
C ASN A 820 18.43 -45.62 -4.82
N LEU A 821 17.11 -45.62 -4.69
CA LEU A 821 16.29 -44.51 -5.16
C LEU A 821 16.66 -43.24 -4.46
N LEU A 822 16.66 -43.25 -3.12
CA LEU A 822 17.07 -42.08 -2.37
C LEU A 822 18.46 -41.62 -2.77
N GLU A 823 19.31 -42.56 -3.19
CA GLU A 823 20.66 -42.19 -3.61
C GLU A 823 20.62 -41.49 -4.98
N ASN A 824 19.89 -42.07 -5.93
CA ASN A 824 19.83 -41.56 -7.29
C ASN A 824 18.37 -41.40 -7.71
N PRO A 825 17.67 -40.41 -7.16
CA PRO A 825 16.27 -40.22 -7.53
C PRO A 825 16.03 -40.05 -9.01
N ASN A 826 16.86 -39.24 -9.71
CA ASN A 826 16.69 -39.09 -11.14
C ASN A 826 16.88 -40.43 -11.85
N LYS A 827 17.80 -41.25 -11.34
CA LYS A 827 17.98 -42.57 -11.93
C LYS A 827 16.73 -43.41 -11.78
N PHE A 828 15.96 -43.15 -10.72
CA PHE A 828 14.75 -43.90 -10.42
C PHE A 828 13.51 -43.30 -11.08
N ASP A 829 13.70 -42.45 -12.06
CA ASP A 829 12.58 -41.83 -12.76
C ASP A 829 11.88 -42.81 -13.72
N ASP A 830 12.19 -44.08 -13.66
CA ASP A 830 11.60 -45.07 -14.52
C ASP A 830 10.45 -45.75 -13.80
N GLU A 831 9.36 -45.98 -14.56
CA GLU A 831 8.30 -46.84 -14.05
C GLU A 831 8.80 -48.24 -13.73
N LYS A 832 9.91 -48.67 -14.30
CA LYS A 832 10.56 -49.87 -13.84
C LYS A 832 10.91 -49.77 -12.34
N TYR A 833 11.31 -48.59 -11.90
CA TYR A 833 11.50 -48.34 -10.48
C TYR A 833 10.18 -48.15 -9.74
N TRP A 834 9.07 -48.04 -10.46
CA TRP A 834 7.78 -47.72 -9.87
C TRP A 834 6.84 -48.91 -9.98
N ILE A 835 5.69 -48.79 -9.32
CA ILE A 835 4.60 -49.75 -9.43
C ILE A 835 3.32 -48.93 -9.55
N THR A 836 2.66 -49.04 -10.71
CA THR A 836 1.42 -48.33 -10.90
C THR A 836 0.39 -48.86 -9.93
N VAL A 837 -0.20 -47.95 -9.16
CA VAL A 837 -1.14 -48.36 -8.13
C VAL A 837 -2.56 -47.90 -8.45
N ASP A 838 -2.73 -46.76 -9.08
CA ASP A 838 -4.05 -46.25 -9.41
C ASP A 838 -3.95 -45.47 -10.69
N THR A 839 -5.09 -45.29 -11.31
CA THR A 839 -5.14 -44.52 -12.55
C THR A 839 -6.46 -43.81 -12.60
N TYR A 840 -6.42 -42.52 -12.86
CA TYR A 840 -7.60 -41.74 -13.12
C TYR A 840 -7.77 -41.61 -14.61
N SER A 841 -9.01 -41.45 -15.04
CA SER A 841 -9.29 -41.26 -16.46
C SER A 841 -10.58 -40.46 -16.54
N ALA A 842 -10.48 -39.20 -16.94
CA ALA A 842 -11.69 -38.37 -17.10
C ALA A 842 -12.57 -38.91 -18.21
N GLN A 843 -13.83 -39.12 -17.90
CA GLN A 843 -14.81 -39.55 -18.91
C GLN A 843 -15.44 -38.38 -19.65
N GLY A 844 -15.13 -37.15 -19.26
CA GLY A 844 -15.48 -35.97 -20.04
C GLY A 844 -16.50 -35.03 -19.40
N GLU A 845 -16.67 -35.10 -18.09
CA GLU A 845 -17.61 -34.24 -17.38
C GLU A 845 -16.86 -33.20 -16.58
N ARG A 846 -17.36 -31.98 -16.58
CA ARG A 846 -16.71 -30.94 -15.80
C ARG A 846 -16.71 -31.31 -14.32
N ALA A 847 -15.57 -31.13 -13.68
CA ALA A 847 -15.39 -31.41 -12.27
C ALA A 847 -14.21 -30.60 -11.77
N THR A 848 -14.35 -30.08 -10.54
CA THR A 848 -13.32 -29.23 -9.97
C THR A 848 -12.20 -30.01 -9.28
N ALA A 849 -12.35 -31.32 -9.18
CA ALA A 849 -11.40 -32.20 -8.52
C ALA A 849 -11.83 -33.63 -8.80
N PHE A 850 -10.88 -34.54 -8.64
CA PHE A 850 -11.15 -35.96 -8.76
C PHE A 850 -10.67 -36.66 -7.49
N SER A 851 -11.32 -37.77 -7.18
CA SER A 851 -10.93 -38.52 -6.00
C SER A 851 -11.14 -40.01 -6.24
N ASN A 852 -10.34 -40.82 -5.56
CA ASN A 852 -10.50 -42.25 -5.69
C ASN A 852 -9.92 -42.91 -4.45
N THR A 853 -10.58 -43.98 -4.00
CA THR A 853 -10.08 -44.70 -2.84
C THR A 853 -8.75 -45.34 -3.14
N LEU A 854 -8.15 -45.90 -2.10
CA LEU A 854 -6.87 -46.58 -2.18
C LEU A 854 -6.93 -47.81 -1.31
N ASN A 855 -6.43 -48.92 -1.85
CA ASN A 855 -6.56 -50.24 -1.21
C ASN A 855 -5.49 -50.41 -0.13
N ASN A 856 -5.62 -49.61 0.92
CA ASN A 856 -4.70 -49.62 2.05
C ASN A 856 -3.23 -49.53 1.58
N ILE A 857 -2.95 -48.54 0.74
CA ILE A 857 -1.61 -48.37 0.20
C ILE A 857 -0.60 -48.18 1.32
N THR A 858 0.69 -48.39 0.99
CA THR A 858 1.74 -48.50 2.00
C THR A 858 2.98 -47.69 1.70
N SER A 859 3.25 -47.30 0.47
CA SER A 859 4.55 -46.68 0.15
C SER A 859 4.66 -45.32 0.84
N LYS A 860 5.65 -45.18 1.72
CA LYS A 860 5.93 -43.86 2.27
C LYS A 860 6.22 -42.86 1.17
N TYR A 861 6.89 -43.30 0.13
CA TYR A 861 7.09 -42.51 -1.08
C TYR A 861 6.01 -42.86 -2.10
N TRP A 862 5.67 -41.88 -2.93
CA TRP A 862 4.72 -42.05 -3.99
C TRP A 862 5.24 -41.30 -5.20
N ARG A 863 4.59 -41.46 -6.34
CA ARG A 863 4.97 -40.76 -7.56
C ARG A 863 3.77 -40.82 -8.47
N VAL A 864 3.14 -39.70 -8.69
CA VAL A 864 1.97 -39.65 -9.55
C VAL A 864 2.26 -38.74 -10.72
N VAL A 865 1.57 -39.04 -11.81
CA VAL A 865 1.54 -38.17 -12.96
C VAL A 865 0.09 -37.77 -13.15
N PHE A 866 -0.13 -36.54 -13.50
CA PHE A 866 -1.43 -36.14 -13.96
C PHE A 866 -1.34 -35.91 -15.45
N ASP A 867 -2.48 -35.83 -16.12
CA ASP A 867 -2.46 -35.64 -17.55
C ASP A 867 -3.77 -35.01 -18.01
N THR A 868 -3.68 -33.76 -18.47
CA THR A 868 -4.77 -33.17 -19.22
C THR A 868 -5.04 -33.93 -20.50
N LYS A 869 -4.07 -34.73 -20.97
CA LYS A 869 -4.16 -35.43 -22.25
C LYS A 869 -4.27 -34.43 -23.40
N GLY A 870 -4.19 -33.15 -23.08
CA GLY A 870 -4.22 -32.15 -24.11
C GLY A 870 -2.84 -32.14 -24.75
N ASP A 871 -2.79 -32.61 -25.99
CA ASP A 871 -1.52 -32.71 -26.69
C ASP A 871 -0.97 -31.34 -27.02
N ARG A 872 -1.71 -30.57 -27.82
CA ARG A 872 -1.15 -29.38 -28.45
C ARG A 872 -0.87 -28.29 -27.42
N TYR A 873 0.34 -28.31 -26.89
CA TYR A 873 0.78 -27.40 -25.85
C TYR A 873 -0.32 -27.19 -24.83
N SER A 874 -0.92 -28.29 -24.40
CA SER A 874 -1.69 -28.29 -23.17
C SER A 874 -0.85 -29.00 -22.13
N SER A 875 -0.50 -28.27 -21.04
CA SER A 875 0.36 -28.80 -20.00
C SER A 875 -0.45 -29.28 -18.80
N PRO A 876 0.06 -30.31 -18.10
CA PRO A 876 -0.59 -30.72 -16.85
C PRO A 876 -0.57 -29.60 -15.83
N VAL A 877 -1.75 -29.16 -15.42
CA VAL A 877 -1.88 -28.21 -14.32
C VAL A 877 -2.91 -28.77 -13.35
N VAL A 878 -2.47 -29.03 -12.13
CA VAL A 878 -3.27 -29.68 -11.10
C VAL A 878 -3.45 -28.73 -9.95
N PRO A 879 -4.65 -28.46 -9.49
CA PRO A 879 -4.82 -27.47 -8.42
C PRO A 879 -4.19 -27.87 -7.10
N GLU A 880 -4.61 -28.99 -6.54
CA GLU A 880 -4.17 -29.38 -5.23
C GLU A 880 -4.16 -30.89 -5.13
N LEU A 881 -3.23 -31.40 -4.33
CA LEU A 881 -2.97 -32.82 -4.20
C LEU A 881 -3.50 -33.27 -2.84
N GLN A 882 -4.34 -34.30 -2.83
CA GLN A 882 -4.97 -34.79 -1.62
C GLN A 882 -4.66 -36.28 -1.44
N ILE A 883 -3.99 -36.62 -0.33
CA ILE A 883 -3.68 -37.99 0.03
C ILE A 883 -4.43 -38.28 1.31
N LEU A 884 -5.23 -39.33 1.29
CA LEU A 884 -6.26 -39.54 2.28
C LEU A 884 -5.99 -40.80 3.09
N GLY A 885 -6.22 -40.72 4.39
CA GLY A 885 -6.14 -41.91 5.23
C GLY A 885 -6.26 -41.55 6.69
N TYR A 886 -5.73 -42.44 7.51
CA TYR A 886 -5.68 -42.27 8.96
C TYR A 886 -4.24 -42.31 9.41
N PRO A 887 -3.93 -41.74 10.56
CA PRO A 887 -2.58 -41.90 11.12
C PRO A 887 -2.39 -43.33 11.61
N LEU A 888 -1.19 -43.88 11.35
CA LEU A 888 -0.92 -45.29 11.71
C LEU A 888 0.57 -45.45 11.87
N PRO A 889 1.08 -45.42 13.08
CA PRO A 889 2.53 -45.55 13.25
C PRO A 889 2.98 -46.92 12.80
N ASN A 890 4.27 -47.02 12.51
CA ASN A 890 4.89 -48.26 12.07
C ASN A 890 4.19 -48.80 10.83
N ALA A 891 3.78 -47.87 9.97
CA ALA A 891 3.03 -48.27 8.78
C ALA A 891 3.88 -49.18 7.87
N ASP A 892 5.16 -48.85 7.74
CA ASP A 892 6.08 -49.68 6.97
C ASP A 892 6.00 -51.12 7.45
N THR A 893 6.26 -51.34 8.75
CA THR A 893 6.32 -52.71 9.27
C THR A 893 4.95 -53.37 9.25
N ILE A 894 3.90 -52.65 9.65
CA ILE A 894 2.56 -53.21 9.67
C ILE A 894 2.13 -53.60 8.27
N MET A 895 2.39 -52.75 7.26
CA MET A 895 1.97 -53.06 5.91
C MET A 895 2.80 -54.20 5.36
N LYS A 896 4.07 -54.27 5.76
CA LYS A 896 4.88 -55.42 5.39
C LYS A 896 4.26 -56.70 5.94
N THR A 897 3.83 -56.65 7.19
CA THR A 897 3.14 -57.79 7.78
C THR A 897 1.84 -58.11 7.03
N VAL A 898 1.16 -57.08 6.53
CA VAL A 898 -0.08 -57.30 5.82
C VAL A 898 0.15 -58.02 4.51
N THR A 899 1.18 -57.58 3.78
CA THR A 899 1.54 -58.24 2.53
C THR A 899 2.04 -59.65 2.78
N THR A 900 2.78 -59.84 3.87
CA THR A 900 3.23 -61.18 4.23
C THR A 900 2.04 -62.08 4.51
N ALA A 901 1.05 -61.53 5.21
CA ALA A 901 -0.17 -62.28 5.48
C ALA A 901 -0.90 -62.61 4.19
N LYS A 902 -0.95 -61.66 3.26
CA LYS A 902 -1.54 -61.96 1.96
C LYS A 902 -0.82 -63.11 1.30
N GLU A 903 0.51 -63.05 1.30
CA GLU A 903 1.29 -64.07 0.61
C GLU A 903 1.08 -65.45 1.24
N LEU A 904 1.16 -65.52 2.57
CA LEU A 904 0.94 -66.78 3.28
C LEU A 904 -0.48 -67.29 3.06
N SER A 905 -1.48 -66.39 3.11
CA SER A 905 -2.85 -66.81 2.83
C SER A 905 -2.96 -67.35 1.42
N GLN A 906 -2.07 -66.93 0.53
CA GLN A 906 -1.98 -67.56 -0.77
C GLN A 906 -1.33 -68.94 -0.65
N GLN A 907 -0.40 -69.09 0.29
CA GLN A 907 0.35 -70.33 0.46
C GLN A 907 -0.55 -71.36 1.16
N LYS A 908 -1.61 -71.76 0.45
CA LYS A 908 -2.58 -72.72 0.96
C LYS A 908 -2.02 -74.13 0.98
N ASP A 909 -0.85 -74.35 0.40
CA ASP A 909 -0.17 -75.65 0.49
C ASP A 909 0.81 -75.69 1.64
N LYS A 910 1.27 -74.51 2.11
CA LYS A 910 2.33 -74.44 3.08
C LYS A 910 1.83 -74.69 4.52
N PHE A 911 0.59 -74.33 4.85
CA PHE A 911 0.08 -74.42 6.20
C PHE A 911 -1.14 -75.31 6.25
N SER A 912 -1.33 -76.02 7.37
CA SER A 912 -2.42 -76.97 7.51
C SER A 912 -3.72 -76.24 7.86
N GLN A 913 -4.81 -77.02 7.84
CA GLN A 913 -6.12 -76.42 8.08
C GLN A 913 -6.22 -75.84 9.49
N LYS A 914 -5.63 -76.52 10.48
CA LYS A 914 -5.66 -76.01 11.85
C LYS A 914 -4.90 -74.69 11.95
N MET A 915 -3.74 -74.58 11.28
CA MET A 915 -3.07 -73.28 11.17
C MET A 915 -3.85 -72.34 10.26
N LEU A 916 -4.57 -72.87 9.27
CA LEU A 916 -5.28 -72.02 8.32
C LEU A 916 -6.43 -71.28 8.99
N ASP A 917 -7.08 -71.90 9.97
CA ASP A 917 -8.20 -71.24 10.65
C ASP A 917 -7.69 -70.03 11.44
N GLU A 918 -6.61 -70.20 12.19
CA GLU A 918 -6.01 -69.06 12.89
C GLU A 918 -5.53 -68.02 11.91
N LEU A 919 -4.97 -68.46 10.78
CA LEU A 919 -4.50 -67.54 9.76
C LEU A 919 -5.66 -66.76 9.15
N LYS A 920 -6.82 -67.40 8.99
CA LYS A 920 -7.98 -66.68 8.48
C LYS A 920 -8.50 -65.66 9.49
N ILE A 921 -8.51 -66.04 10.77
CA ILE A 921 -8.89 -65.07 11.81
C ILE A 921 -7.94 -63.88 11.75
N LYS A 922 -6.64 -64.18 11.61
CA LYS A 922 -5.63 -63.13 11.58
C LYS A 922 -5.78 -62.24 10.35
N GLU A 923 -6.06 -62.86 9.21
CA GLU A 923 -6.26 -62.08 8.00
C GLU A 923 -7.48 -61.18 8.13
N MET A 924 -8.54 -61.70 8.75
CA MET A 924 -9.72 -60.87 9.00
C MET A 924 -9.40 -59.68 9.89
N ALA A 925 -8.59 -59.92 10.91
CA ALA A 925 -8.13 -58.81 11.74
C ALA A 925 -7.37 -57.78 10.89
N LEU A 926 -6.46 -58.26 10.04
CA LEU A 926 -5.68 -57.35 9.22
C LEU A 926 -6.58 -56.57 8.27
N GLU A 927 -7.62 -57.23 7.76
CA GLU A 927 -8.58 -56.57 6.88
C GLU A 927 -9.26 -55.42 7.62
N THR A 928 -9.79 -55.72 8.80
CA THR A 928 -10.32 -54.65 9.63
C THR A 928 -9.30 -53.56 9.91
N SER A 929 -8.02 -53.92 10.02
CA SER A 929 -6.99 -52.99 10.40
C SER A 929 -6.55 -52.12 9.23
N LEU A 930 -6.85 -52.52 8.01
CA LEU A 930 -6.30 -51.79 6.87
C LEU A 930 -6.69 -50.31 6.90
N ASN A 931 -7.90 -49.99 7.37
CA ASN A 931 -8.40 -48.62 7.37
C ASN A 931 -8.67 -48.07 8.76
N SER A 932 -8.14 -48.71 9.81
CA SER A 932 -8.39 -48.28 11.18
C SER A 932 -7.42 -47.17 11.58
N LYS A 933 -7.68 -46.52 12.73
CA LYS A 933 -6.93 -45.37 13.18
C LYS A 933 -5.84 -45.71 14.21
N ILE A 934 -6.05 -46.72 15.03
CA ILE A 934 -5.11 -47.09 16.08
C ILE A 934 -4.31 -48.27 15.57
N PHE A 935 -3.04 -48.03 15.21
CA PHE A 935 -2.17 -49.10 14.74
C PHE A 935 -1.91 -50.08 15.88
N ASP A 936 -2.25 -51.36 15.65
CA ASP A 936 -2.07 -52.43 16.64
C ASP A 936 -1.20 -53.50 16.01
N VAL A 937 0.11 -53.31 16.11
CA VAL A 937 1.06 -54.20 15.48
C VAL A 937 1.13 -55.57 16.16
N THR A 938 0.52 -55.71 17.34
CA THR A 938 0.72 -56.92 18.13
C THR A 938 0.22 -58.15 17.38
N ALA A 939 -0.99 -58.07 16.83
CA ALA A 939 -1.52 -59.21 16.10
C ALA A 939 -0.63 -59.57 14.92
N ILE A 940 -0.09 -58.55 14.24
CA ILE A 940 0.80 -58.81 13.12
C ILE A 940 2.02 -59.56 13.61
N ASN A 941 2.57 -59.15 14.73
CA ASN A 941 3.74 -59.82 15.26
C ASN A 941 3.46 -61.27 15.70
N ALA A 942 2.31 -61.49 16.35
CA ALA A 942 1.98 -62.84 16.78
C ALA A 942 1.80 -63.76 15.57
N ASN A 943 1.12 -63.26 14.54
CA ASN A 943 0.94 -64.02 13.32
C ASN A 943 2.28 -64.26 12.65
N ALA A 944 3.17 -63.27 12.68
CA ALA A 944 4.47 -63.42 12.06
C ALA A 944 5.32 -64.45 12.81
N GLY A 945 5.21 -64.49 14.14
CA GLY A 945 5.89 -65.53 14.89
C GLY A 945 5.34 -66.90 14.53
N VAL A 946 4.01 -67.02 14.45
CA VAL A 946 3.41 -68.30 14.03
C VAL A 946 3.90 -68.69 12.66
N LEU A 947 4.07 -67.70 11.77
CA LEU A 947 4.45 -68.02 10.40
C LEU A 947 5.92 -68.41 10.32
N LYS A 948 6.79 -67.69 11.05
CA LYS A 948 8.19 -68.04 11.10
C LYS A 948 8.40 -69.41 11.73
N ASP A 949 7.56 -69.75 12.71
CA ASP A 949 7.61 -71.11 13.24
C ASP A 949 7.15 -72.11 12.19
N CYS A 950 6.15 -71.72 11.40
CA CYS A 950 5.62 -72.63 10.37
C CYS A 950 6.52 -72.71 9.15
N ILE A 951 7.24 -71.64 8.85
CA ILE A 951 8.17 -71.64 7.72
C ILE A 951 9.25 -72.71 7.93
N GLY B 239 -9.21 12.44 -21.58
CA GLY B 239 -9.60 11.13 -21.09
C GLY B 239 -8.41 10.29 -20.70
N PRO B 240 -8.62 9.26 -19.89
CA PRO B 240 -7.50 8.43 -19.46
C PRO B 240 -7.03 7.52 -20.58
N SER B 241 -5.87 6.91 -20.34
CA SER B 241 -5.25 6.02 -21.29
C SER B 241 -4.68 4.83 -20.54
N VAL B 242 -4.63 3.67 -21.18
CA VAL B 242 -4.23 2.43 -20.54
C VAL B 242 -2.97 1.89 -21.18
N PHE B 243 -2.10 1.31 -20.37
CA PHE B 243 -0.88 0.69 -20.83
C PHE B 243 -0.72 -0.66 -20.18
N LEU B 244 -0.64 -1.70 -20.98
CA LEU B 244 -0.50 -3.07 -20.52
C LEU B 244 0.92 -3.54 -20.76
N PHE B 245 1.57 -4.00 -19.71
CA PHE B 245 2.97 -4.40 -19.77
C PHE B 245 3.07 -5.89 -19.49
N PRO B 246 3.61 -6.67 -20.43
CA PRO B 246 3.80 -8.10 -20.18
C PRO B 246 4.74 -8.32 -19.03
N PRO B 247 4.75 -9.50 -18.43
CA PRO B 247 5.71 -9.76 -17.36
C PRO B 247 7.12 -9.88 -17.91
N LYS B 248 8.07 -9.85 -16.98
CA LYS B 248 9.48 -10.03 -17.36
C LYS B 248 9.62 -11.39 -18.03
N PRO B 249 10.35 -11.47 -19.13
CA PRO B 249 10.48 -12.77 -19.82
C PRO B 249 10.93 -13.87 -18.90
N LYS B 250 11.76 -13.55 -17.90
CA LYS B 250 12.12 -14.54 -16.89
C LYS B 250 10.91 -14.92 -16.05
N ASP B 251 10.11 -13.93 -15.64
CA ASP B 251 8.92 -14.21 -14.86
C ASP B 251 8.00 -15.14 -15.62
N THR B 252 7.79 -14.89 -16.90
CA THR B 252 6.99 -15.77 -17.72
C THR B 252 7.70 -17.06 -18.06
N LEU B 253 9.01 -17.12 -17.83
CA LEU B 253 9.79 -18.29 -18.21
C LEU B 253 10.18 -19.18 -17.04
N MET B 254 10.11 -18.68 -15.80
CA MET B 254 10.33 -19.48 -14.62
C MET B 254 9.01 -19.67 -13.89
N ILE B 255 8.56 -20.89 -13.79
CA ILE B 255 7.29 -21.18 -13.12
C ILE B 255 7.35 -20.84 -11.65
N SER B 256 8.54 -20.86 -11.06
CA SER B 256 8.64 -20.41 -9.67
C SER B 256 8.19 -18.98 -9.51
N ARG B 257 8.24 -18.19 -10.57
CA ARG B 257 7.67 -16.85 -10.55
C ARG B 257 6.22 -16.87 -10.99
N THR B 258 5.55 -15.74 -10.82
CA THR B 258 4.14 -15.59 -11.16
C THR B 258 3.96 -14.59 -12.30
N PRO B 259 3.86 -15.04 -13.54
CA PRO B 259 3.77 -14.10 -14.65
C PRO B 259 2.48 -13.28 -14.59
N GLU B 260 2.56 -12.03 -15.01
CA GLU B 260 1.42 -11.13 -14.97
C GLU B 260 1.65 -9.97 -15.92
N VAL B 261 0.56 -9.48 -16.52
CA VAL B 261 0.58 -8.26 -17.30
C VAL B 261 -0.14 -7.20 -16.52
N THR B 262 0.43 -6.00 -16.49
CA THR B 262 -0.17 -4.94 -15.71
C THR B 262 -0.74 -3.86 -16.61
N CYS B 263 -2.04 -3.64 -16.54
CA CYS B 263 -2.67 -2.56 -17.26
C CYS B 263 -2.90 -1.44 -16.24
N VAL B 264 -2.24 -0.31 -16.47
CA VAL B 264 -2.35 0.83 -15.58
C VAL B 264 -2.91 1.97 -16.39
N VAL B 265 -3.76 2.76 -15.75
CA VAL B 265 -4.31 3.99 -16.32
C VAL B 265 -3.82 5.17 -15.49
N VAL B 266 -3.08 6.07 -16.16
CA VAL B 266 -2.57 7.29 -15.53
C VAL B 266 -2.94 8.56 -16.30
N ASP B 267 -3.67 8.43 -17.41
CA ASP B 267 -3.89 9.56 -18.30
C ASP B 267 -4.99 10.44 -17.73
N VAL B 268 -5.60 11.27 -18.56
CA VAL B 268 -6.58 12.26 -18.12
C VAL B 268 -7.53 11.64 -17.13
N SER B 269 -7.57 12.17 -15.93
CA SER B 269 -8.44 11.73 -14.85
C SER B 269 -9.00 12.98 -14.17
N HIS B 270 -9.87 12.76 -13.18
CA HIS B 270 -10.55 13.82 -12.50
C HIS B 270 -10.64 13.51 -11.01
N GLU B 271 -11.33 14.39 -10.29
CA GLU B 271 -11.62 14.17 -8.88
C GLU B 271 -12.44 12.91 -8.69
N ASP B 272 -13.40 12.69 -9.60
CA ASP B 272 -14.20 11.47 -9.54
C ASP B 272 -13.24 10.27 -9.62
N PRO B 273 -13.11 9.46 -8.59
CA PRO B 273 -12.06 8.43 -8.58
C PRO B 273 -12.56 7.07 -9.00
N GLU B 274 -13.87 6.92 -9.24
CA GLU B 274 -14.36 5.60 -9.59
C GLU B 274 -13.76 5.16 -10.91
N VAL B 275 -13.15 3.98 -10.92
CA VAL B 275 -12.52 3.44 -12.12
C VAL B 275 -12.81 1.94 -12.10
N LYS B 276 -13.76 1.51 -12.92
CA LYS B 276 -14.10 0.09 -12.97
C LYS B 276 -13.12 -0.57 -13.96
N PHE B 277 -11.90 -0.74 -13.50
CA PHE B 277 -10.90 -1.44 -14.29
C PHE B 277 -11.44 -2.82 -14.66
N ASN B 278 -11.31 -3.16 -15.92
CA ASN B 278 -11.79 -4.44 -16.45
C ASN B 278 -10.72 -4.98 -17.38
N TRP B 279 -10.35 -6.25 -17.20
CA TRP B 279 -9.31 -6.87 -17.99
C TRP B 279 -9.81 -8.18 -18.57
N TYR B 280 -9.49 -8.44 -19.83
CA TYR B 280 -9.86 -9.70 -20.48
C TYR B 280 -8.64 -10.52 -20.82
N VAL B 281 -8.93 -11.74 -21.30
CA VAL B 281 -7.93 -12.69 -21.79
C VAL B 281 -8.61 -13.50 -22.89
N ASP B 282 -7.95 -13.59 -24.06
CA ASP B 282 -8.50 -14.29 -25.22
C ASP B 282 -9.92 -13.86 -25.50
N GLY B 283 -10.26 -12.61 -25.22
CA GLY B 283 -11.57 -12.08 -25.50
C GLY B 283 -12.61 -12.32 -24.42
N VAL B 284 -12.31 -13.08 -23.40
CA VAL B 284 -13.22 -13.34 -22.30
C VAL B 284 -12.79 -12.49 -21.12
N GLU B 285 -13.67 -11.60 -20.64
CA GLU B 285 -13.27 -10.67 -19.61
C GLU B 285 -13.34 -11.35 -18.25
N VAL B 286 -12.23 -11.26 -17.51
CA VAL B 286 -12.13 -11.80 -16.17
C VAL B 286 -12.35 -10.63 -15.22
N HIS B 287 -13.33 -10.78 -14.34
CA HIS B 287 -13.57 -9.75 -13.33
C HIS B 287 -12.48 -9.77 -12.28
N ASN B 288 -11.92 -10.91 -11.94
CA ASN B 288 -11.03 -10.99 -10.79
C ASN B 288 -9.74 -10.22 -11.04
N ALA B 289 -9.21 -9.65 -9.96
CA ALA B 289 -8.05 -8.78 -10.05
C ALA B 289 -7.56 -8.44 -8.64
N LYS B 290 -6.45 -7.69 -8.57
CA LYS B 290 -5.81 -7.32 -7.30
C LYS B 290 -5.34 -5.88 -7.34
N THR B 291 -6.20 -4.94 -7.75
CA THR B 291 -5.76 -3.57 -8.02
C THR B 291 -4.77 -3.12 -6.95
N LYS B 292 -3.56 -2.81 -7.37
CA LYS B 292 -2.50 -2.57 -6.41
C LYS B 292 -2.94 -1.47 -5.44
N PRO B 293 -2.74 -1.65 -4.13
CA PRO B 293 -2.95 -0.51 -3.24
C PRO B 293 -2.03 0.64 -3.65
N ARG B 294 -2.58 1.87 -3.71
CA ARG B 294 -1.77 3.01 -4.12
C ARG B 294 -0.50 3.04 -3.27
N GLU B 295 0.64 2.81 -3.94
CA GLU B 295 1.94 2.82 -3.27
C GLU B 295 2.55 4.22 -3.34
N GLU B 296 1.79 5.19 -3.84
CA GLU B 296 2.26 6.58 -3.90
C GLU B 296 2.60 7.08 -2.49
N GLN B 297 3.82 7.61 -2.34
CA GLN B 297 4.30 7.95 -1.00
C GLN B 297 3.58 9.15 -0.42
N TYR B 298 3.40 10.19 -1.23
CA TYR B 298 2.77 11.44 -0.80
C TYR B 298 2.01 12.04 -1.98
N ASN B 299 1.71 13.34 -1.90
CA ASN B 299 0.82 14.04 -2.80
C ASN B 299 1.10 13.85 -4.29
N SER B 300 0.07 14.14 -5.09
CA SER B 300 0.18 14.32 -6.52
C SER B 300 0.53 13.05 -7.27
N THR B 301 -0.17 11.95 -7.01
CA THR B 301 -0.02 10.71 -7.78
C THR B 301 -1.34 9.92 -7.93
N TYR B 302 -2.40 10.52 -8.48
CA TYR B 302 -3.71 9.85 -8.50
C TYR B 302 -3.78 8.86 -9.68
N ARG B 303 -3.06 7.72 -9.57
CA ARG B 303 -3.02 6.73 -10.64
C ARG B 303 -3.40 5.36 -10.09
N VAL B 304 -4.28 4.66 -10.81
CA VAL B 304 -4.69 3.30 -10.48
C VAL B 304 -4.13 2.32 -11.50
N VAL B 305 -3.48 1.26 -11.01
CA VAL B 305 -2.92 0.22 -11.88
C VAL B 305 -3.47 -1.13 -11.45
N SER B 306 -3.93 -1.92 -12.42
CA SER B 306 -4.41 -3.28 -12.15
C SER B 306 -3.42 -4.23 -12.76
N VAL B 307 -3.12 -5.30 -12.05
CA VAL B 307 -2.16 -6.32 -12.49
C VAL B 307 -2.86 -7.65 -12.53
N LEU B 308 -2.80 -8.32 -13.67
CA LEU B 308 -3.44 -9.60 -13.86
C LEU B 308 -2.35 -10.66 -14.00
N THR B 309 -2.30 -11.57 -13.03
CA THR B 309 -1.45 -12.75 -13.15
C THR B 309 -2.04 -13.68 -14.21
N VAL B 310 -1.19 -14.29 -15.00
CA VAL B 310 -1.64 -15.21 -16.05
C VAL B 310 -0.84 -16.50 -15.98
N LEU B 311 -1.52 -17.63 -16.16
CA LEU B 311 -0.84 -18.91 -16.25
C LEU B 311 0.06 -18.93 -17.49
N HIS B 312 1.23 -19.63 -17.36
CA HIS B 312 2.16 -19.68 -18.50
C HIS B 312 1.50 -20.35 -19.69
N GLN B 313 0.77 -21.46 -19.42
CA GLN B 313 0.14 -22.18 -20.50
C GLN B 313 -0.97 -21.33 -21.12
N ASP B 314 -1.34 -20.20 -20.50
CA ASP B 314 -2.35 -19.34 -21.04
C ASP B 314 -1.76 -18.18 -21.79
N TRP B 315 -0.81 -17.46 -21.18
CA TRP B 315 -0.04 -16.48 -21.95
C TRP B 315 0.66 -17.18 -23.13
N LEU B 316 1.33 -18.28 -22.83
CA LEU B 316 2.10 -18.98 -23.84
C LEU B 316 1.22 -19.39 -24.99
N ASN B 317 0.03 -19.81 -24.71
CA ASN B 317 -0.84 -20.19 -25.79
C ASN B 317 -1.29 -19.00 -26.60
N GLY B 318 -0.62 -17.84 -26.39
CA GLY B 318 -0.93 -16.69 -27.19
C GLY B 318 -2.29 -16.09 -26.92
N LYS B 319 -2.90 -16.46 -25.80
CA LYS B 319 -4.18 -15.89 -25.45
C LYS B 319 -4.03 -14.37 -25.33
N GLU B 320 -5.00 -13.62 -25.88
CA GLU B 320 -4.92 -12.17 -26.01
C GLU B 320 -5.69 -11.55 -24.86
N TYR B 321 -4.96 -10.98 -23.92
CA TYR B 321 -5.58 -10.32 -22.80
C TYR B 321 -5.85 -8.86 -23.20
N LYS B 322 -7.13 -8.49 -23.20
CA LYS B 322 -7.54 -7.14 -23.52
C LYS B 322 -8.29 -6.56 -22.33
N CYS B 323 -7.82 -5.45 -21.80
CA CYS B 323 -8.48 -4.77 -20.71
C CYS B 323 -9.31 -3.62 -21.26
N LYS B 324 -10.60 -3.59 -20.93
CA LYS B 324 -11.52 -2.52 -21.26
C LYS B 324 -11.98 -1.92 -19.94
N VAL B 325 -11.52 -0.71 -19.68
CA VAL B 325 -11.70 -0.04 -18.40
C VAL B 325 -12.78 1.04 -18.57
N SER B 326 -13.82 0.95 -17.76
CA SER B 326 -14.91 1.91 -17.79
C SER B 326 -14.89 2.78 -16.53
N ASN B 327 -15.04 4.08 -16.71
CA ASN B 327 -15.18 5.02 -15.62
C ASN B 327 -16.07 6.17 -16.10
N LYS B 328 -16.77 6.79 -15.15
CA LYS B 328 -17.77 7.80 -15.50
C LYS B 328 -17.13 8.97 -16.24
N ALA B 329 -15.92 9.33 -15.88
CA ALA B 329 -15.22 10.35 -16.64
C ALA B 329 -14.96 9.94 -18.08
N LEU B 330 -15.10 8.63 -18.44
CA LEU B 330 -14.75 8.21 -19.78
C LEU B 330 -16.01 8.01 -20.61
N PRO B 331 -15.95 8.29 -21.91
CA PRO B 331 -17.12 8.02 -22.74
C PRO B 331 -17.50 6.56 -22.76
N ALA B 332 -16.54 5.65 -22.68
CA ALA B 332 -16.77 4.22 -22.77
C ALA B 332 -15.50 3.51 -22.33
N PRO B 333 -15.56 2.21 -22.03
CA PRO B 333 -14.36 1.52 -21.58
C PRO B 333 -13.28 1.54 -22.65
N ILE B 334 -12.02 1.65 -22.22
CA ILE B 334 -10.90 1.68 -23.14
C ILE B 334 -10.24 0.31 -23.14
N GLU B 335 -10.06 -0.26 -24.33
CA GLU B 335 -9.55 -1.61 -24.50
C GLU B 335 -8.15 -1.63 -25.08
N LYS B 336 -7.27 -2.41 -24.49
CA LYS B 336 -5.92 -2.64 -25.00
C LYS B 336 -5.55 -4.10 -24.75
N THR B 337 -4.91 -4.75 -25.74
CA THR B 337 -4.60 -6.16 -25.67
C THR B 337 -3.11 -6.43 -25.79
N ILE B 338 -2.66 -7.45 -25.06
CA ILE B 338 -1.29 -7.92 -25.11
C ILE B 338 -1.35 -9.44 -24.98
N SER B 339 -0.35 -10.12 -25.55
CA SER B 339 -0.31 -11.58 -25.49
C SER B 339 1.13 -12.04 -25.62
N LYS B 340 1.31 -13.36 -25.60
CA LYS B 340 2.52 -13.92 -26.15
C LYS B 340 2.62 -13.57 -27.62
N ALA B 341 3.78 -13.09 -28.03
CA ALA B 341 3.94 -12.56 -29.37
C ALA B 341 3.61 -13.64 -30.40
N LYS B 342 2.88 -13.25 -31.44
CA LYS B 342 2.55 -14.17 -32.52
C LYS B 342 3.80 -14.47 -33.36
N GLY B 343 3.82 -15.67 -33.95
CA GLY B 343 4.92 -16.08 -34.80
C GLY B 343 5.49 -17.42 -34.40
N GLN B 344 6.14 -18.10 -35.33
CA GLN B 344 6.72 -19.39 -35.04
C GLN B 344 7.84 -19.21 -34.03
N PRO B 345 7.79 -19.88 -32.88
CA PRO B 345 8.92 -19.82 -31.95
C PRO B 345 10.18 -20.30 -32.65
N ARG B 346 11.31 -19.65 -32.36
CA ARG B 346 12.57 -19.99 -32.97
C ARG B 346 13.59 -20.20 -31.86
N GLU B 347 14.26 -21.34 -31.91
CA GLU B 347 15.22 -21.68 -30.87
C GLU B 347 16.39 -20.72 -30.93
N PRO B 348 16.74 -20.09 -29.80
CA PRO B 348 17.99 -19.32 -29.79
C PRO B 348 19.18 -20.22 -30.04
N GLN B 349 20.14 -19.72 -30.80
CA GLN B 349 21.43 -20.32 -30.95
C GLN B 349 22.40 -19.56 -30.06
N VAL B 350 23.04 -20.29 -29.17
CA VAL B 350 23.90 -19.70 -28.14
C VAL B 350 25.35 -19.99 -28.50
N TYR B 351 26.16 -18.95 -28.51
CA TYR B 351 27.58 -19.12 -28.63
C TYR B 351 28.28 -18.34 -27.51
N THR B 352 29.28 -18.95 -26.93
CA THR B 352 30.04 -18.33 -25.86
C THR B 352 31.29 -17.71 -26.47
N LEU B 353 31.59 -16.49 -26.01
CA LEU B 353 32.81 -15.79 -26.38
C LEU B 353 33.54 -15.38 -25.09
N PRO B 354 34.83 -15.64 -24.97
CA PRO B 354 35.56 -15.19 -23.81
C PRO B 354 35.79 -13.70 -23.87
N PRO B 355 36.30 -13.11 -22.79
CA PRO B 355 36.53 -11.67 -22.80
C PRO B 355 37.56 -11.29 -23.85
N SER B 356 37.39 -10.09 -24.40
CA SER B 356 38.47 -9.45 -25.12
C SER B 356 39.61 -9.19 -24.17
N ARG B 357 40.83 -9.21 -24.71
CA ARG B 357 41.99 -8.95 -23.86
C ARG B 357 41.85 -7.59 -23.15
N ASP B 358 41.33 -6.58 -23.85
CA ASP B 358 41.07 -5.30 -23.24
C ASP B 358 40.07 -5.42 -22.10
N GLU B 359 39.18 -6.42 -22.15
CA GLU B 359 38.25 -6.62 -21.04
C GLU B 359 38.98 -7.05 -19.77
N LEU B 360 40.03 -7.86 -19.91
CA LEU B 360 40.90 -8.13 -18.76
C LEU B 360 41.81 -6.95 -18.40
N THR B 361 42.18 -6.13 -19.39
CA THR B 361 42.81 -4.87 -19.03
C THR B 361 41.82 -3.99 -18.27
N LYS B 362 40.56 -4.04 -18.68
CA LYS B 362 39.50 -3.52 -17.83
C LYS B 362 39.48 -4.33 -16.53
N ASN B 363 39.15 -3.65 -15.43
CA ASN B 363 38.95 -4.37 -14.17
C ASN B 363 37.93 -5.49 -14.36
N GLN B 364 36.90 -5.24 -15.15
CA GLN B 364 35.86 -6.22 -15.41
C GLN B 364 36.05 -6.78 -16.81
N VAL B 365 36.20 -8.09 -16.90
CA VAL B 365 36.22 -8.77 -18.17
C VAL B 365 34.81 -9.29 -18.41
N SER B 366 34.47 -9.46 -19.68
CA SER B 366 33.11 -9.80 -20.08
C SER B 366 33.08 -11.16 -20.73
N LEU B 367 32.31 -12.08 -20.14
CA LEU B 367 31.99 -13.37 -20.75
C LEU B 367 30.70 -13.20 -21.55
N THR B 368 30.77 -13.41 -22.85
CA THR B 368 29.66 -13.12 -23.73
C THR B 368 28.91 -14.37 -24.17
N CYS B 369 27.60 -14.29 -24.14
CA CYS B 369 26.72 -15.29 -24.74
C CYS B 369 25.92 -14.56 -25.81
N LEU B 370 26.14 -14.91 -27.08
CA LEU B 370 25.34 -14.40 -28.16
C LEU B 370 24.19 -15.38 -28.41
N VAL B 371 22.96 -14.89 -28.31
CA VAL B 371 21.76 -15.69 -28.56
C VAL B 371 21.06 -15.10 -29.76
N LYS B 372 20.94 -15.90 -30.80
CA LYS B 372 20.43 -15.44 -32.09
C LYS B 372 19.32 -16.36 -32.57
N GLY B 373 18.64 -15.92 -33.62
CA GLY B 373 17.65 -16.78 -34.25
C GLY B 373 16.55 -17.22 -33.31
N PHE B 374 16.11 -16.33 -32.43
CA PHE B 374 15.11 -16.65 -31.44
C PHE B 374 13.83 -15.87 -31.72
N TYR B 375 12.74 -16.61 -31.91
CA TYR B 375 11.40 -16.06 -31.99
C TYR B 375 10.54 -16.75 -30.94
N PRO B 376 9.65 -16.01 -30.29
CA PRO B 376 9.57 -14.54 -30.36
C PRO B 376 10.75 -13.88 -29.64
N SER B 377 10.77 -12.54 -29.63
CA SER B 377 11.88 -11.84 -28.98
C SER B 377 11.95 -12.05 -27.46
N ASP B 378 10.84 -12.45 -26.85
CA ASP B 378 10.86 -12.62 -25.40
C ASP B 378 11.77 -13.80 -25.03
N ILE B 379 12.77 -13.54 -24.18
CA ILE B 379 13.65 -14.60 -23.72
C ILE B 379 14.40 -14.16 -22.48
N ALA B 380 14.80 -15.10 -21.64
CA ALA B 380 15.56 -14.79 -20.44
C ALA B 380 16.92 -15.47 -20.48
N VAL B 381 17.96 -14.68 -20.29
CA VAL B 381 19.34 -15.15 -20.22
C VAL B 381 19.93 -14.57 -18.95
N GLU B 382 20.89 -15.30 -18.39
CA GLU B 382 21.48 -14.83 -17.12
C GLU B 382 22.87 -15.40 -16.96
N TRP B 383 23.66 -14.75 -16.12
CA TRP B 383 25.04 -15.14 -15.90
C TRP B 383 25.25 -15.58 -14.47
N GLU B 384 26.11 -16.60 -14.31
CA GLU B 384 26.45 -17.14 -13.00
C GLU B 384 27.93 -17.50 -13.02
N SER B 385 28.52 -17.65 -11.83
CA SER B 385 29.91 -18.07 -11.70
C SER B 385 30.03 -19.05 -10.55
N ASN B 386 30.93 -20.01 -10.72
CA ASN B 386 31.17 -21.01 -9.68
C ASN B 386 29.87 -21.65 -9.24
N GLY B 387 29.00 -21.92 -10.18
CA GLY B 387 27.68 -22.43 -9.86
C GLY B 387 26.78 -21.48 -9.12
N GLN B 388 27.22 -20.23 -8.93
CA GLN B 388 26.51 -19.19 -8.21
C GLN B 388 26.24 -18.00 -9.12
N PRO B 389 25.11 -17.33 -8.92
CA PRO B 389 24.74 -16.24 -9.85
C PRO B 389 25.76 -15.11 -9.88
N GLU B 390 25.87 -14.51 -11.04
CA GLU B 390 26.76 -13.39 -11.26
C GLU B 390 25.88 -12.20 -11.60
N ASN B 391 25.75 -11.25 -10.65
CA ASN B 391 24.88 -10.10 -10.88
C ASN B 391 25.49 -9.12 -11.87
N ASN B 392 26.82 -9.10 -11.96
CA ASN B 392 27.49 -8.15 -12.86
C ASN B 392 27.39 -8.62 -14.30
N TYR B 393 26.14 -8.68 -14.77
CA TYR B 393 25.84 -9.09 -16.12
C TYR B 393 24.91 -8.05 -16.75
N LYS B 394 25.07 -7.84 -18.04
CA LYS B 394 24.22 -6.94 -18.80
C LYS B 394 23.83 -7.61 -20.10
N THR B 395 22.64 -7.25 -20.60
CA THR B 395 22.06 -7.83 -21.83
C THR B 395 21.83 -6.72 -22.85
N THR B 396 21.09 -7.06 -23.90
CA THR B 396 20.79 -6.13 -25.00
C THR B 396 19.32 -6.27 -25.41
N PRO B 397 18.75 -5.31 -26.13
CA PRO B 397 17.40 -5.47 -26.64
C PRO B 397 17.34 -6.59 -27.66
N PRO B 398 16.15 -7.22 -27.87
CA PRO B 398 16.03 -8.34 -28.81
C PRO B 398 16.13 -7.85 -30.24
N VAL B 399 17.35 -7.70 -30.78
CA VAL B 399 17.57 -7.14 -32.11
C VAL B 399 17.05 -8.15 -33.13
N LEU B 400 15.96 -7.77 -33.79
CA LEU B 400 15.33 -8.65 -34.77
C LEU B 400 16.38 -9.25 -35.68
N ASP B 401 16.43 -10.58 -35.71
CA ASP B 401 17.28 -11.26 -36.66
C ASP B 401 16.77 -11.05 -38.08
N SER B 402 17.67 -11.18 -39.02
CA SER B 402 17.28 -11.13 -40.42
C SER B 402 16.29 -12.24 -40.78
N ASP B 403 16.20 -13.30 -39.98
CA ASP B 403 15.23 -14.37 -40.20
C ASP B 403 13.91 -14.12 -39.50
N GLY B 404 13.66 -12.87 -39.09
CA GLY B 404 12.46 -12.52 -38.36
C GLY B 404 12.47 -12.83 -36.90
N SER B 405 13.39 -13.65 -36.44
CA SER B 405 13.54 -13.84 -35.01
C SER B 405 14.27 -12.65 -34.41
N PHE B 406 14.50 -12.69 -33.09
CA PHE B 406 15.27 -11.64 -32.45
C PHE B 406 16.61 -12.20 -31.99
N PHE B 407 17.56 -11.30 -31.76
CA PHE B 407 18.90 -11.66 -31.34
C PHE B 407 19.39 -10.64 -30.33
N LEU B 408 20.43 -11.05 -29.60
CA LEU B 408 21.12 -10.14 -28.71
C LEU B 408 22.42 -10.83 -28.28
N TYR B 409 23.28 -10.03 -27.65
CA TYR B 409 24.46 -10.52 -26.95
C TYR B 409 24.34 -10.08 -25.51
N SER B 410 24.79 -10.96 -24.61
CA SER B 410 24.83 -10.65 -23.19
C SER B 410 26.25 -10.81 -22.72
N LYS B 411 26.70 -9.90 -21.86
CA LYS B 411 28.06 -9.94 -21.32
C LYS B 411 27.97 -9.91 -19.81
N LEU B 412 28.42 -10.98 -19.16
CA LEU B 412 28.61 -10.98 -17.71
C LEU B 412 29.97 -10.40 -17.37
N THR B 413 30.01 -9.37 -16.53
CA THR B 413 31.25 -8.77 -16.12
C THR B 413 31.73 -9.37 -14.81
N VAL B 414 33.04 -9.59 -14.70
CA VAL B 414 33.63 -10.15 -13.50
C VAL B 414 34.96 -9.44 -13.31
N ASP B 415 35.52 -9.52 -12.10
CA ASP B 415 36.84 -8.95 -11.88
C ASP B 415 37.85 -9.57 -12.81
N LYS B 416 38.65 -8.73 -13.44
CA LYS B 416 39.68 -9.22 -14.36
C LYS B 416 40.62 -10.16 -13.65
N SER B 417 40.83 -9.97 -12.35
CA SER B 417 41.51 -10.97 -11.53
C SER B 417 40.63 -12.20 -11.34
N ARG B 418 39.35 -11.99 -11.04
CA ARG B 418 38.41 -13.11 -11.04
C ARG B 418 38.32 -13.74 -12.41
N TRP B 419 38.35 -12.90 -13.46
CA TRP B 419 38.30 -13.41 -14.81
C TRP B 419 39.52 -14.25 -15.14
N GLN B 420 40.68 -13.83 -14.65
CA GLN B 420 41.90 -14.62 -14.81
C GLN B 420 41.83 -15.94 -14.07
N GLN B 421 41.27 -15.93 -12.86
CA GLN B 421 41.05 -17.11 -12.05
C GLN B 421 39.61 -17.56 -12.15
N GLY B 422 39.06 -17.46 -13.37
CA GLY B 422 37.64 -17.61 -13.59
C GLY B 422 37.15 -18.93 -13.07
N ASN B 423 36.39 -18.84 -11.96
CA ASN B 423 35.55 -19.93 -11.50
C ASN B 423 34.47 -20.20 -12.53
N VAL B 424 34.07 -21.47 -12.59
CA VAL B 424 33.17 -21.94 -13.64
C VAL B 424 31.90 -21.11 -13.70
N PHE B 425 31.73 -20.39 -14.80
CA PHE B 425 30.51 -19.59 -15.04
C PHE B 425 29.51 -20.38 -15.86
N SER B 426 28.27 -19.97 -15.78
CA SER B 426 27.18 -20.60 -16.51
C SER B 426 26.20 -19.54 -16.98
N CYS B 427 25.87 -19.57 -18.27
CA CYS B 427 24.79 -18.76 -18.81
C CYS B 427 23.54 -19.59 -18.78
N SER B 428 22.61 -19.24 -17.88
CA SER B 428 21.38 -19.98 -17.71
C SER B 428 20.24 -19.21 -18.36
N VAL B 429 19.50 -19.89 -19.23
CA VAL B 429 18.52 -19.24 -20.07
C VAL B 429 17.21 -19.98 -19.93
N MET B 430 16.16 -19.24 -19.60
CA MET B 430 14.80 -19.74 -19.65
C MET B 430 14.12 -19.07 -20.86
N HIS B 431 13.76 -19.87 -21.87
CA HIS B 431 13.04 -19.42 -23.03
C HIS B 431 12.36 -20.64 -23.62
N GLU B 432 11.12 -20.48 -24.04
CA GLU B 432 10.38 -21.60 -24.59
C GLU B 432 11.13 -22.22 -25.74
N ALA B 433 11.91 -21.39 -26.44
CA ALA B 433 12.79 -21.88 -27.51
C ALA B 433 13.97 -22.66 -26.99
N LEU B 434 14.06 -22.85 -25.66
CA LEU B 434 15.12 -23.64 -25.04
C LEU B 434 14.61 -25.05 -24.76
N HIS B 435 15.54 -26.00 -24.75
CA HIS B 435 15.22 -27.36 -24.33
C HIS B 435 14.81 -27.34 -22.87
N ASN B 436 13.73 -28.04 -22.56
CA ASN B 436 13.14 -27.96 -21.25
C ASN B 436 12.91 -26.50 -20.88
N HIS B 437 12.73 -25.68 -21.91
CA HIS B 437 12.63 -24.22 -21.82
C HIS B 437 13.67 -23.69 -20.85
N TYR B 438 14.77 -24.40 -20.72
CA TYR B 438 15.80 -24.01 -19.76
C TYR B 438 17.11 -24.64 -20.19
N THR B 439 18.19 -23.86 -20.10
CA THR B 439 19.48 -24.30 -20.62
C THR B 439 20.59 -23.65 -19.82
N GLN B 440 21.72 -24.33 -19.77
CA GLN B 440 22.93 -23.77 -19.20
C GLN B 440 24.06 -23.92 -20.21
N LYS B 441 24.87 -22.89 -20.33
CA LYS B 441 26.06 -22.88 -21.18
C LYS B 441 27.24 -22.72 -20.24
N SER B 442 28.23 -23.60 -20.35
CA SER B 442 29.33 -23.63 -19.40
C SER B 442 30.48 -22.75 -19.85
N LEU B 443 31.27 -22.32 -18.86
CA LEU B 443 32.48 -21.58 -19.09
C LEU B 443 33.44 -21.88 -17.94
N SER B 444 34.73 -21.92 -18.24
CA SER B 444 35.73 -22.18 -17.22
C SER B 444 37.08 -21.65 -17.67
N LEU B 445 37.98 -21.52 -16.70
CA LEU B 445 39.31 -20.97 -16.94
C LEU B 445 40.27 -22.05 -17.45
N GLY C 239 -3.42 23.43 -31.48
CA GLY C 239 -2.10 24.03 -31.34
C GLY C 239 -0.99 23.19 -31.90
N PRO C 240 -0.01 23.83 -32.54
CA PRO C 240 1.14 23.08 -33.07
C PRO C 240 2.01 22.53 -31.97
N SER C 241 2.91 21.62 -32.36
CA SER C 241 3.84 20.97 -31.45
C SER C 241 5.25 21.09 -31.99
N VAL C 242 6.23 21.17 -31.12
CA VAL C 242 7.62 21.36 -31.48
C VAL C 242 8.43 20.21 -30.93
N PHE C 243 9.34 19.68 -31.75
CA PHE C 243 10.28 18.66 -31.28
C PHE C 243 11.66 19.00 -31.80
N LEU C 244 12.65 18.94 -30.91
CA LEU C 244 14.03 19.29 -31.27
C LEU C 244 14.86 18.02 -31.41
N PHE C 245 15.40 17.77 -32.67
CA PHE C 245 16.19 16.56 -32.91
C PHE C 245 17.67 16.93 -32.99
N PRO C 246 18.56 16.05 -32.55
CA PRO C 246 20.01 16.32 -32.64
C PRO C 246 20.56 15.85 -33.98
N PRO C 247 21.87 16.03 -34.21
CA PRO C 247 22.45 15.51 -35.44
C PRO C 247 22.55 13.99 -35.45
N LYS C 248 22.99 13.42 -36.58
CA LYS C 248 23.15 11.97 -36.68
C LYS C 248 24.23 11.46 -35.73
N PRO C 249 24.08 10.26 -35.19
CA PRO C 249 25.03 9.81 -34.15
C PRO C 249 26.49 9.81 -34.62
N LYS C 250 26.74 9.44 -35.88
CA LYS C 250 28.12 9.43 -36.38
C LYS C 250 28.72 10.82 -36.38
N ASP C 251 27.95 11.85 -36.72
CA ASP C 251 28.52 13.22 -36.76
C ASP C 251 28.91 13.66 -35.35
N THR C 252 28.00 13.55 -34.40
CA THR C 252 28.36 13.87 -33.02
C THR C 252 29.31 12.85 -32.43
N LEU C 253 29.55 11.72 -33.11
CA LEU C 253 30.31 10.64 -32.56
C LEU C 253 31.70 10.51 -33.16
N MET C 254 32.00 11.31 -34.18
CA MET C 254 33.36 11.52 -34.65
C MET C 254 33.70 12.99 -34.43
N ILE C 255 34.82 13.27 -33.73
CA ILE C 255 35.19 14.65 -33.42
C ILE C 255 35.39 15.47 -34.66
N SER C 256 35.66 14.82 -35.81
CA SER C 256 35.85 15.54 -37.06
C SER C 256 34.58 16.15 -37.59
N ARG C 257 33.42 15.66 -37.16
CA ARG C 257 32.15 16.08 -37.73
C ARG C 257 31.53 17.20 -36.91
N THR C 258 30.53 17.86 -37.52
CA THR C 258 29.90 19.05 -36.95
C THR C 258 28.45 18.76 -36.60
N PRO C 259 28.13 18.56 -35.33
CA PRO C 259 26.74 18.27 -34.96
C PRO C 259 25.87 19.51 -34.96
N GLU C 260 24.58 19.33 -35.30
CA GLU C 260 23.63 20.41 -35.34
C GLU C 260 22.28 19.94 -34.81
N VAL C 261 21.56 20.84 -34.17
CA VAL C 261 20.23 20.59 -33.64
C VAL C 261 19.20 21.25 -34.55
N THR C 262 18.24 20.48 -35.00
CA THR C 262 17.22 20.99 -35.90
C THR C 262 15.86 20.84 -35.22
N CYS C 263 15.13 21.94 -35.13
CA CYS C 263 13.87 21.99 -34.40
C CYS C 263 12.75 21.94 -35.43
N VAL C 264 12.06 20.81 -35.50
CA VAL C 264 10.95 20.60 -36.43
C VAL C 264 9.66 20.58 -35.63
N VAL C 265 8.70 21.38 -36.06
CA VAL C 265 7.41 21.51 -35.41
C VAL C 265 6.39 20.76 -36.27
N VAL C 266 5.74 19.79 -35.63
CA VAL C 266 4.77 18.90 -36.24
C VAL C 266 3.43 19.07 -35.55
N ASP C 267 2.40 18.47 -36.17
CA ASP C 267 1.01 18.62 -35.75
C ASP C 267 0.62 20.08 -35.68
N VAL C 268 1.10 20.86 -36.66
CA VAL C 268 0.84 22.29 -36.73
C VAL C 268 -0.38 22.53 -37.60
N SER C 269 -1.43 23.08 -36.98
CA SER C 269 -2.72 23.20 -37.64
C SER C 269 -2.71 24.40 -38.59
N HIS C 270 -3.69 24.42 -39.50
CA HIS C 270 -3.86 25.55 -40.39
C HIS C 270 -4.16 26.81 -39.58
N GLU C 271 -4.90 26.67 -38.49
CA GLU C 271 -5.34 27.83 -37.71
C GLU C 271 -4.16 28.61 -37.16
N ASP C 272 -3.13 27.91 -36.70
CA ASP C 272 -1.93 28.54 -36.14
C ASP C 272 -0.71 27.98 -36.86
N PRO C 273 -0.47 28.40 -38.10
CA PRO C 273 0.62 27.79 -38.89
C PRO C 273 1.98 28.37 -38.59
N GLU C 274 2.00 29.58 -38.06
CA GLU C 274 3.26 30.31 -37.92
C GLU C 274 4.09 29.74 -36.79
N VAL C 275 5.37 29.53 -37.06
CA VAL C 275 6.29 29.04 -36.07
C VAL C 275 7.51 29.95 -36.06
N LYS C 276 7.91 30.42 -34.89
CA LYS C 276 9.15 31.18 -34.72
C LYS C 276 10.14 30.32 -33.95
N PHE C 277 11.39 30.30 -34.42
CA PHE C 277 12.41 29.42 -33.88
C PHE C 277 13.52 30.24 -33.22
N ASN C 278 13.90 29.81 -32.04
CA ASN C 278 15.14 30.28 -31.40
C ASN C 278 16.03 29.08 -31.08
N TRP C 279 17.27 29.11 -31.55
CA TRP C 279 18.21 28.06 -31.21
C TRP C 279 18.89 28.42 -29.90
N TYR C 280 19.68 27.48 -29.38
CA TYR C 280 20.46 27.78 -28.18
C TYR C 280 21.54 26.73 -28.03
N VAL C 281 22.77 27.20 -27.87
CA VAL C 281 23.90 26.30 -27.62
C VAL C 281 24.24 26.39 -26.14
N ASP C 282 24.27 25.24 -25.45
CA ASP C 282 24.58 25.19 -24.02
C ASP C 282 23.61 26.06 -23.24
N GLY C 283 22.36 26.11 -23.66
CA GLY C 283 21.37 26.94 -23.01
C GLY C 283 21.43 28.41 -23.36
N VAL C 284 22.47 28.86 -24.07
CA VAL C 284 22.60 30.26 -24.46
C VAL C 284 21.87 30.44 -25.78
N GLU C 285 20.91 31.37 -25.79
CA GLU C 285 20.10 31.57 -26.96
C GLU C 285 20.96 31.98 -28.14
N VAL C 286 20.76 31.31 -29.27
CA VAL C 286 21.48 31.59 -30.51
C VAL C 286 20.48 31.82 -31.64
N HIS C 287 20.82 32.75 -32.53
CA HIS C 287 20.02 33.09 -33.69
C HIS C 287 20.61 32.56 -35.00
N ASN C 288 21.47 31.55 -34.91
CA ASN C 288 22.08 30.94 -36.08
C ASN C 288 21.33 29.73 -36.60
N ALA C 289 20.11 29.51 -36.13
CA ALA C 289 19.28 28.44 -36.66
C ALA C 289 18.75 28.84 -38.02
N LYS C 290 18.68 27.87 -38.94
CA LYS C 290 18.30 28.11 -40.32
C LYS C 290 17.05 27.29 -40.65
N THR C 291 15.99 27.95 -41.07
CA THR C 291 14.71 27.28 -41.28
C THR C 291 14.68 26.58 -42.65
N LYS C 292 14.31 25.30 -42.63
CA LYS C 292 14.12 24.55 -43.85
C LYS C 292 12.68 24.65 -44.35
N PRO C 293 12.42 24.26 -45.58
CA PRO C 293 11.04 24.27 -46.06
C PRO C 293 10.22 23.23 -45.33
N ARG C 294 8.92 23.53 -45.18
CA ARG C 294 8.04 22.72 -44.33
C ARG C 294 7.78 21.35 -44.97
N GLU C 295 7.46 20.37 -44.12
CA GLU C 295 7.12 19.03 -44.57
C GLU C 295 5.73 18.68 -44.00
N GLU C 296 4.74 18.58 -44.90
CA GLU C 296 3.38 18.27 -44.50
C GLU C 296 3.30 16.85 -43.96
N GLN C 297 2.61 16.70 -42.83
CA GLN C 297 2.38 15.40 -42.22
C GLN C 297 1.16 14.72 -42.81
N TYR C 298 1.01 13.42 -42.50
CA TYR C 298 -0.11 12.65 -43.00
C TYR C 298 -1.45 13.02 -42.36
N ASN C 299 -1.44 13.75 -41.25
CA ASN C 299 -2.65 14.19 -40.59
C ASN C 299 -3.09 15.59 -41.04
N SER C 300 -2.69 16.03 -42.24
CA SER C 300 -3.02 17.35 -42.75
C SER C 300 -2.39 18.45 -41.92
N THR C 301 -1.24 18.16 -41.33
CA THR C 301 -0.44 19.11 -40.56
C THR C 301 0.94 19.25 -41.19
N TYR C 302 1.65 20.32 -40.82
CA TYR C 302 2.93 20.62 -41.43
C TYR C 302 4.05 20.49 -40.40
N ARG C 303 5.25 20.13 -40.88
CA ARG C 303 6.47 20.08 -40.08
C ARG C 303 7.40 21.15 -40.60
N VAL C 304 7.80 22.07 -39.74
CA VAL C 304 8.63 23.20 -40.13
C VAL C 304 9.87 23.21 -39.24
N VAL C 305 11.06 23.27 -39.86
CA VAL C 305 12.32 22.99 -39.15
C VAL C 305 13.30 24.14 -39.32
N SER C 306 13.95 24.51 -38.21
CA SER C 306 15.10 25.40 -38.23
C SER C 306 16.31 24.72 -37.61
N VAL C 307 17.41 24.67 -38.35
CA VAL C 307 18.61 23.93 -37.97
C VAL C 307 19.75 24.87 -37.56
N LEU C 308 20.29 24.67 -36.37
CA LEU C 308 21.40 25.45 -35.85
C LEU C 308 22.58 24.53 -35.60
N THR C 309 23.73 24.87 -36.19
CA THR C 309 24.96 24.10 -35.99
C THR C 309 25.52 24.28 -34.58
N VAL C 310 25.97 23.18 -34.01
CA VAL C 310 26.61 23.19 -32.70
C VAL C 310 28.04 22.67 -32.85
N LEU C 311 28.86 22.96 -31.86
CA LEU C 311 30.20 22.43 -31.80
C LEU C 311 30.16 20.97 -31.39
N HIS C 312 30.90 20.12 -32.10
CA HIS C 312 30.81 18.67 -31.85
C HIS C 312 31.20 18.36 -30.42
N GLN C 313 32.33 18.93 -29.96
CA GLN C 313 32.77 18.68 -28.59
C GLN C 313 31.81 19.30 -27.58
N ASP C 314 31.27 20.48 -27.87
CA ASP C 314 30.25 21.07 -27.01
C ASP C 314 29.07 20.13 -26.82
N TRP C 315 28.51 19.63 -27.94
CA TRP C 315 27.42 18.68 -27.87
C TRP C 315 27.81 17.43 -27.09
N LEU C 316 28.94 16.82 -27.45
CA LEU C 316 29.32 15.58 -26.77
C LEU C 316 29.59 15.79 -25.29
N ASN C 317 29.87 17.02 -24.89
CA ASN C 317 30.14 17.36 -23.50
C ASN C 317 28.87 17.67 -22.73
N GLY C 318 27.71 17.41 -23.33
CA GLY C 318 26.44 17.64 -22.66
C GLY C 318 25.89 19.05 -22.75
N LYS C 319 26.35 19.85 -23.72
CA LYS C 319 25.78 21.19 -23.87
C LYS C 319 24.34 21.08 -24.33
N GLU C 320 23.54 22.04 -23.88
CA GLU C 320 22.09 21.99 -24.17
C GLU C 320 21.79 22.75 -25.47
N TYR C 321 21.33 22.03 -26.50
CA TYR C 321 20.74 22.64 -27.68
C TYR C 321 19.27 22.89 -27.40
N LYS C 322 18.81 24.13 -27.49
CA LYS C 322 17.46 24.49 -27.09
C LYS C 322 16.67 25.07 -28.25
N CYS C 323 15.46 24.55 -28.44
CA CYS C 323 14.55 25.06 -29.45
C CYS C 323 13.38 25.77 -28.79
N LYS C 324 13.23 27.07 -29.06
CA LYS C 324 12.07 27.85 -28.66
C LYS C 324 11.15 28.00 -29.87
N VAL C 325 9.92 27.50 -29.75
CA VAL C 325 8.91 27.55 -30.81
C VAL C 325 7.84 28.52 -30.37
N SER C 326 7.52 29.47 -31.25
CA SER C 326 6.45 30.44 -31.02
C SER C 326 5.29 30.25 -32.00
N ASN C 327 4.07 30.31 -31.48
CA ASN C 327 2.88 30.12 -32.30
C ASN C 327 1.70 30.78 -31.60
N LYS C 328 0.74 31.22 -32.41
CA LYS C 328 -0.43 31.94 -31.90
C LYS C 328 -1.32 31.06 -31.05
N ALA C 329 -1.24 29.74 -31.16
CA ALA C 329 -2.05 28.83 -30.37
C ALA C 329 -1.46 28.53 -29.00
N LEU C 330 -0.29 29.02 -28.71
CA LEU C 330 0.25 28.73 -27.38
C LEU C 330 0.02 29.89 -26.43
N PRO C 331 -0.28 29.57 -25.16
CA PRO C 331 -0.34 30.64 -24.16
C PRO C 331 1.00 31.34 -23.93
N ALA C 332 2.11 30.61 -24.06
CA ALA C 332 3.46 31.18 -24.00
C ALA C 332 4.36 30.38 -24.94
N PRO C 333 5.52 30.95 -25.30
CA PRO C 333 6.42 30.23 -26.18
C PRO C 333 6.84 28.90 -25.56
N ILE C 334 7.00 27.89 -26.42
CA ILE C 334 7.40 26.56 -25.98
C ILE C 334 8.90 26.48 -26.02
N GLU C 335 9.51 25.97 -24.97
CA GLU C 335 10.93 25.72 -24.94
C GLU C 335 11.21 24.22 -24.77
N LYS C 336 12.20 23.73 -25.50
CA LYS C 336 12.67 22.36 -25.40
C LYS C 336 14.19 22.40 -25.33
N THR C 337 14.78 21.46 -24.58
CA THR C 337 16.22 21.38 -24.45
C THR C 337 16.69 19.95 -24.63
N ILE C 338 17.91 19.79 -25.15
CA ILE C 338 18.51 18.48 -25.34
C ILE C 338 20.00 18.59 -25.07
N SER C 339 20.62 17.45 -24.74
CA SER C 339 22.06 17.46 -24.49
C SER C 339 22.57 16.02 -24.56
N LYS C 340 23.90 15.91 -24.61
CA LYS C 340 24.51 14.60 -24.48
C LYS C 340 24.28 14.05 -23.08
N ALA C 341 24.28 12.71 -22.97
CA ALA C 341 24.05 12.09 -21.67
C ALA C 341 25.10 12.58 -20.69
N LYS C 342 24.65 12.95 -19.50
CA LYS C 342 25.54 13.48 -18.49
C LYS C 342 26.34 12.32 -17.88
N GLY C 343 27.48 12.66 -17.31
CA GLY C 343 28.41 11.66 -16.80
C GLY C 343 29.76 11.69 -17.47
N GLN C 344 30.78 11.18 -16.80
CA GLN C 344 32.10 11.15 -17.39
C GLN C 344 32.09 10.22 -18.60
N PRO C 345 32.53 10.67 -19.75
CA PRO C 345 32.56 9.80 -20.92
C PRO C 345 33.52 8.64 -20.68
N ARG C 346 33.09 7.48 -21.13
CA ARG C 346 33.87 6.26 -21.03
C ARG C 346 34.16 5.78 -22.45
N GLU C 347 35.40 5.43 -22.72
CA GLU C 347 35.79 5.05 -24.09
C GLU C 347 35.17 3.71 -24.44
N PRO C 348 34.56 3.58 -25.62
CA PRO C 348 34.13 2.25 -26.07
C PRO C 348 35.36 1.39 -26.39
N GLN C 349 35.35 0.16 -25.88
CA GLN C 349 36.30 -0.86 -26.30
C GLN C 349 35.57 -1.73 -27.31
N VAL C 350 36.15 -1.87 -28.50
CA VAL C 350 35.56 -2.58 -29.63
C VAL C 350 36.39 -3.82 -29.88
N TYR C 351 35.73 -4.98 -29.86
CA TYR C 351 36.40 -6.26 -30.09
C TYR C 351 35.55 -7.09 -31.02
N THR C 352 36.09 -7.52 -32.13
CA THR C 352 35.41 -8.44 -33.04
C THR C 352 35.88 -9.87 -32.79
N LEU C 353 34.94 -10.73 -32.57
CA LEU C 353 35.20 -12.15 -32.40
C LEU C 353 34.54 -12.96 -33.51
N PRO C 354 35.22 -13.97 -34.04
CA PRO C 354 34.59 -14.86 -35.00
C PRO C 354 33.66 -15.84 -34.32
N PRO C 355 32.89 -16.62 -35.07
CA PRO C 355 31.96 -17.56 -34.44
C PRO C 355 32.70 -18.56 -33.57
N SER C 356 32.05 -18.97 -32.49
CA SER C 356 32.51 -20.11 -31.72
C SER C 356 32.62 -21.33 -32.64
N ARG C 357 33.53 -22.24 -32.32
CA ARG C 357 33.64 -23.46 -33.13
C ARG C 357 32.27 -24.11 -33.30
N ASP C 358 31.48 -24.15 -32.22
CA ASP C 358 30.09 -24.58 -32.34
C ASP C 358 29.30 -23.61 -33.21
N GLU C 359 29.59 -22.32 -33.09
CA GLU C 359 28.90 -21.31 -33.87
C GLU C 359 29.31 -21.39 -35.34
N LEU C 360 30.61 -21.46 -35.60
CA LEU C 360 31.11 -21.56 -36.97
C LEU C 360 30.72 -22.88 -37.62
N THR C 361 30.27 -23.86 -36.85
CA THR C 361 29.77 -25.10 -37.42
C THR C 361 28.49 -24.88 -38.21
N LYS C 362 27.86 -23.71 -38.13
CA LYS C 362 26.68 -23.41 -38.93
C LYS C 362 27.13 -23.18 -40.38
N ASN C 363 26.22 -22.68 -41.22
CA ASN C 363 26.52 -22.38 -42.61
C ASN C 363 26.86 -20.90 -42.80
N GLN C 364 26.25 -20.01 -42.03
CA GLN C 364 26.51 -18.57 -42.10
C GLN C 364 27.00 -18.10 -40.73
N VAL C 365 28.31 -18.21 -40.52
CA VAL C 365 28.89 -17.75 -39.25
C VAL C 365 28.89 -16.23 -39.22
N SER C 366 28.69 -15.68 -38.04
CA SER C 366 28.65 -14.23 -37.87
C SER C 366 29.93 -13.79 -37.16
N LEU C 367 30.50 -12.70 -37.64
CA LEU C 367 31.60 -12.03 -36.95
C LEU C 367 31.01 -10.87 -36.16
N THR C 368 31.19 -10.89 -34.84
CA THR C 368 30.51 -9.94 -33.99
C THR C 368 31.49 -8.98 -33.35
N CYS C 369 31.22 -7.68 -33.49
CA CYS C 369 32.00 -6.63 -32.85
C CYS C 369 31.18 -6.08 -31.72
N LEU C 370 31.60 -6.39 -30.50
CA LEU C 370 30.98 -5.83 -29.29
C LEU C 370 31.77 -4.58 -28.89
N VAL C 371 31.06 -3.47 -28.71
CA VAL C 371 31.62 -2.19 -28.26
C VAL C 371 31.00 -1.86 -26.90
N LYS C 372 31.81 -1.93 -25.84
CA LYS C 372 31.29 -1.80 -24.49
C LYS C 372 32.08 -0.75 -23.70
N GLY C 373 31.60 -0.49 -22.48
CA GLY C 373 32.24 0.46 -21.59
C GLY C 373 32.22 1.88 -22.13
N PHE C 374 31.17 2.24 -22.86
CA PHE C 374 31.12 3.46 -23.67
C PHE C 374 30.23 4.48 -23.00
N TYR C 375 30.77 5.65 -22.71
CA TYR C 375 29.96 6.74 -22.17
C TYR C 375 30.39 8.04 -22.83
N PRO C 376 29.45 8.99 -23.04
CA PRO C 376 28.02 8.87 -22.80
C PRO C 376 27.38 7.95 -23.85
N SER C 377 26.16 7.46 -23.60
CA SER C 377 25.57 6.44 -24.47
C SER C 377 25.67 6.82 -25.95
N ASP C 378 25.74 8.12 -26.25
CA ASP C 378 25.89 8.57 -27.65
C ASP C 378 27.10 7.92 -28.29
N ILE C 379 26.84 7.16 -29.36
CA ILE C 379 27.89 6.36 -29.99
C ILE C 379 27.43 5.93 -31.36
N ALA C 380 28.38 5.64 -32.27
CA ALA C 380 28.04 5.04 -33.54
C ALA C 380 29.10 4.03 -33.97
N VAL C 381 28.63 2.91 -34.52
CA VAL C 381 29.49 1.83 -34.95
C VAL C 381 29.09 1.39 -36.36
N GLU C 382 30.05 0.87 -37.09
CA GLU C 382 29.85 0.36 -38.43
C GLU C 382 30.82 -0.77 -38.66
N TRP C 383 30.47 -1.62 -39.61
CA TRP C 383 31.24 -2.80 -39.92
C TRP C 383 31.94 -2.70 -41.27
N GLU C 384 33.01 -3.47 -41.42
CA GLU C 384 33.72 -3.59 -42.67
C GLU C 384 34.49 -4.90 -42.62
N SER C 385 34.85 -5.40 -43.78
CA SER C 385 35.64 -6.61 -43.87
C SER C 385 36.70 -6.45 -44.93
N ASN C 386 37.94 -6.85 -44.62
CA ASN C 386 39.06 -6.66 -45.52
C ASN C 386 39.17 -5.18 -45.91
N GLY C 387 38.91 -4.30 -44.95
CA GLY C 387 38.82 -2.87 -45.20
C GLY C 387 37.61 -2.42 -45.97
N GLN C 388 36.83 -3.34 -46.52
CA GLN C 388 35.62 -3.02 -47.28
C GLN C 388 34.39 -3.17 -46.39
N PRO C 389 33.39 -2.29 -46.54
CA PRO C 389 32.20 -2.39 -45.67
C PRO C 389 31.51 -3.73 -45.86
N GLU C 390 31.06 -4.28 -44.75
CA GLU C 390 30.27 -5.51 -44.72
C GLU C 390 28.86 -5.14 -44.38
N ASN C 391 27.94 -5.45 -45.31
CA ASN C 391 26.55 -5.07 -45.17
C ASN C 391 25.67 -6.12 -44.52
N ASN C 392 26.08 -7.40 -44.56
CA ASN C 392 25.26 -8.45 -43.98
C ASN C 392 25.41 -8.34 -42.48
N TYR C 393 25.11 -7.13 -41.97
CA TYR C 393 25.38 -6.80 -40.60
C TYR C 393 24.23 -6.00 -40.00
N LYS C 394 23.97 -6.28 -38.74
CA LYS C 394 23.05 -5.49 -37.94
C LYS C 394 23.74 -5.08 -36.65
N THR C 395 23.70 -3.80 -36.36
CA THR C 395 24.35 -3.24 -35.18
C THR C 395 23.26 -2.80 -34.22
N THR C 396 23.37 -3.22 -32.96
CA THR C 396 22.37 -2.83 -31.97
C THR C 396 22.61 -1.38 -31.55
N PRO C 397 21.56 -0.70 -31.08
CA PRO C 397 21.77 0.63 -30.50
C PRO C 397 22.61 0.53 -29.24
N PRO C 398 23.27 1.61 -28.85
CA PRO C 398 23.96 1.62 -27.56
C PRO C 398 23.00 1.33 -26.42
N VAL C 399 23.45 0.53 -25.46
CA VAL C 399 22.65 0.17 -24.30
C VAL C 399 23.39 0.59 -23.03
N LEU C 400 22.78 1.49 -22.28
CA LEU C 400 23.40 1.96 -21.04
C LEU C 400 23.72 0.76 -20.15
N ASP C 401 24.99 0.60 -19.83
CA ASP C 401 25.43 -0.50 -18.99
C ASP C 401 25.14 -0.18 -17.53
N SER C 402 25.28 -1.22 -16.70
CA SER C 402 25.04 -1.08 -15.27
C SER C 402 26.04 -0.16 -14.61
N ASP C 403 27.18 0.08 -15.23
CA ASP C 403 28.21 0.98 -14.69
C ASP C 403 28.09 2.40 -15.23
N GLY C 404 27.00 2.74 -15.94
CA GLY C 404 26.78 4.08 -16.43
C GLY C 404 27.27 4.31 -17.83
N SER C 405 28.14 3.43 -18.36
CA SER C 405 28.51 3.50 -19.76
C SER C 405 27.50 2.71 -20.59
N PHE C 406 27.74 2.66 -21.89
CA PHE C 406 26.83 2.03 -22.83
C PHE C 406 27.56 0.87 -23.49
N PHE C 407 26.79 -0.04 -24.08
CA PHE C 407 27.34 -1.20 -24.74
C PHE C 407 26.42 -1.57 -25.90
N LEU C 408 26.97 -2.33 -26.83
CA LEU C 408 26.17 -2.77 -27.96
C LEU C 408 26.99 -3.85 -28.70
N TYR C 409 26.32 -4.55 -29.61
CA TYR C 409 26.98 -5.50 -30.49
C TYR C 409 26.50 -5.30 -31.91
N SER C 410 27.41 -5.50 -32.87
CA SER C 410 27.05 -5.50 -34.27
C SER C 410 27.55 -6.81 -34.87
N LYS C 411 26.67 -7.55 -35.53
CA LYS C 411 27.02 -8.84 -36.09
C LYS C 411 26.98 -8.74 -37.59
N LEU C 412 28.12 -9.00 -38.23
CA LEU C 412 28.21 -9.10 -39.68
C LEU C 412 28.14 -10.58 -40.08
N THR C 413 27.05 -10.94 -40.75
CA THR C 413 26.82 -12.32 -41.15
C THR C 413 27.60 -12.59 -42.42
N VAL C 414 28.46 -13.59 -42.37
CA VAL C 414 29.12 -14.14 -43.55
C VAL C 414 28.75 -15.61 -43.58
N ASP C 415 29.20 -16.33 -44.59
CA ASP C 415 29.10 -17.77 -44.59
C ASP C 415 30.03 -18.34 -43.53
N LYS C 416 29.61 -19.42 -42.86
CA LYS C 416 30.55 -20.14 -42.04
C LYS C 416 31.67 -20.66 -42.91
N SER C 417 31.39 -20.88 -44.19
CA SER C 417 32.45 -21.04 -45.18
C SER C 417 33.30 -19.78 -45.24
N ARG C 418 32.68 -18.60 -45.24
CA ARG C 418 33.39 -17.34 -45.47
C ARG C 418 33.85 -16.66 -44.20
N TRP C 419 32.97 -16.58 -43.20
CA TRP C 419 33.36 -15.98 -41.94
C TRP C 419 34.50 -16.73 -41.31
N GLN C 420 34.48 -18.05 -41.38
CA GLN C 420 35.59 -18.90 -40.96
C GLN C 420 36.50 -19.30 -42.13
N GLN C 421 36.32 -18.70 -43.31
CA GLN C 421 37.24 -18.96 -44.42
C GLN C 421 38.64 -18.45 -44.14
N GLY C 422 38.75 -17.37 -43.36
CA GLY C 422 39.98 -16.63 -43.22
C GLY C 422 39.85 -15.33 -43.99
N ASN C 423 39.64 -14.24 -43.26
CA ASN C 423 39.52 -12.91 -43.86
C ASN C 423 39.42 -11.92 -42.73
N VAL C 424 40.17 -10.83 -42.81
CA VAL C 424 40.27 -9.86 -41.72
C VAL C 424 39.11 -8.88 -41.85
N PHE C 425 38.26 -8.82 -40.82
CA PHE C 425 37.24 -7.79 -40.77
C PHE C 425 37.65 -6.71 -39.80
N SER C 426 37.19 -5.48 -40.08
CA SER C 426 37.47 -4.33 -39.26
C SER C 426 36.14 -3.66 -38.98
N CYS C 427 35.76 -3.61 -37.71
CA CYS C 427 34.63 -2.81 -37.28
C CYS C 427 35.14 -1.43 -36.94
N SER C 428 34.69 -0.43 -37.68
CA SER C 428 35.09 0.97 -37.48
C SER C 428 33.95 1.68 -36.77
N VAL C 429 34.26 2.27 -35.61
CA VAL C 429 33.28 2.99 -34.80
C VAL C 429 33.70 4.44 -34.67
N MET C 430 32.73 5.33 -34.84
CA MET C 430 32.87 6.74 -34.44
C MET C 430 31.82 7.00 -33.35
N HIS C 431 32.26 7.25 -32.14
CA HIS C 431 31.36 7.32 -30.99
C HIS C 431 31.74 8.46 -30.06
N GLU C 432 30.77 9.32 -29.73
CA GLU C 432 30.99 10.29 -28.68
C GLU C 432 31.42 9.58 -27.41
N ALA C 433 30.98 8.32 -27.25
CA ALA C 433 31.45 7.45 -26.20
C ALA C 433 32.77 6.76 -26.53
N LEU C 434 33.21 6.80 -27.78
CA LEU C 434 34.46 6.17 -28.15
C LEU C 434 35.64 7.09 -27.83
N HIS C 435 36.76 6.47 -27.45
CA HIS C 435 37.97 7.22 -27.25
C HIS C 435 38.36 7.89 -28.55
N ASN C 436 38.67 9.18 -28.50
CA ASN C 436 38.96 9.96 -29.70
C ASN C 436 37.80 9.86 -30.67
N HIS C 437 36.60 9.61 -30.13
CA HIS C 437 35.41 9.47 -30.94
C HIS C 437 35.61 8.40 -32.02
N TYR C 438 36.28 7.32 -31.63
CA TYR C 438 36.53 6.23 -32.57
C TYR C 438 36.96 4.98 -31.81
N THR C 439 36.73 3.85 -32.47
CA THR C 439 37.17 2.56 -31.97
C THR C 439 37.34 1.60 -33.14
N GLN C 440 38.14 0.57 -32.94
CA GLN C 440 38.35 -0.42 -33.98
C GLN C 440 38.26 -1.83 -33.38
N LYS C 441 37.74 -2.74 -34.18
CA LYS C 441 37.62 -4.14 -33.78
C LYS C 441 38.15 -5.01 -34.91
N SER C 442 39.07 -5.90 -34.58
CA SER C 442 39.66 -6.79 -35.57
C SER C 442 38.97 -8.15 -35.58
N LEU C 443 38.92 -8.78 -36.73
CA LEU C 443 38.24 -10.07 -36.90
C LEU C 443 39.02 -10.95 -37.86
N SER C 444 39.02 -12.24 -37.56
CA SER C 444 39.62 -13.22 -38.41
C SER C 444 39.05 -14.60 -38.09
N LEU C 445 39.18 -15.51 -39.02
CA LEU C 445 38.66 -16.89 -38.79
C LEU C 445 39.42 -17.53 -37.63
C1 NAG D . 3.62 17.54 -1.08
C2 NAG D . 4.29 18.71 -1.86
C3 NAG D . 4.74 19.83 -0.91
C4 NAG D . 3.57 20.27 -0.06
C5 NAG D . 3.17 19.08 0.80
C6 NAG D . 2.04 19.40 1.76
C7 NAG D . 6.08 19.01 -3.51
C8 NAG D . 7.22 18.37 -4.23
N2 NAG D . 5.42 18.23 -2.66
O3 NAG D . 5.26 20.90 -1.69
O4 NAG D . 3.79 21.44 0.74
O5 NAG D . 2.72 18.05 -0.06
O6 NAG D . 0.89 19.82 1.06
O7 NAG D . 5.73 20.18 -3.73
C1 NAG D . 5.07 21.97 1.24
C2 NAG D . 5.89 20.93 2.03
C3 NAG D . 7.14 21.58 2.63
C4 NAG D . 7.88 22.44 1.60
C5 NAG D . 6.93 23.29 0.72
C6 NAG D . 7.62 23.99 -0.42
C7 NAG D . 4.43 20.98 4.00
C8 NAG D . 3.66 20.16 4.98
N2 NAG D . 5.11 20.29 3.07
O3 NAG D . 7.99 20.56 3.13
O4 NAG D . 8.69 23.39 2.28
O5 NAG D . 5.87 22.48 0.17
O6 NAG D . 8.04 23.04 -1.41
O7 NAG D . 4.40 22.21 4.02
C1 BMA D . 10.08 23.09 2.41
C2 BMA D . 10.62 24.17 3.35
C3 BMA D . 12.00 23.87 3.92
C4 BMA D . 12.08 22.43 4.38
C5 BMA D . 11.66 21.54 3.23
C6 BMA D . 11.86 20.07 3.57
O2 BMA D . 9.70 24.34 4.43
O3 BMA D . 12.29 24.71 5.04
O4 BMA D . 13.44 22.16 4.75
O5 BMA D . 10.29 21.78 2.94
O6 BMA D . 13.25 19.75 3.55
#